data_2N55
#
_entry.id   2N55
#
loop_
_entity.id
_entity.type
_entity.pdbx_description
1 polymer 'Stromal cell-derived factor 1'
2 polymer 'C-X-C chemokine receptor type 4'
#
loop_
_entity_poly.entity_id
_entity_poly.type
_entity_poly.pdbx_seq_one_letter_code
_entity_poly.pdbx_strand_id
1 'polypeptide(L)' GMKPVSLSYRCPCRFFESHVARANVKHLKILNTPNCALQIVARLKNNNRQVCIDPKCKWCQEYLEKALNK A
2 'polypeptide(L)' GSMEGISIYTSDNYTEEMGSGDYDSMKEPAFREENANFNK B
#
# COMPACT_ATOMS: atom_id res chain seq x y z
N GLY A 1 30.66 13.90 0.67
CA GLY A 1 29.22 14.04 0.55
C GLY A 1 28.54 13.52 1.80
N MET A 2 27.22 13.52 1.79
CA MET A 2 26.45 13.02 2.91
C MET A 2 25.33 12.15 2.43
N LYS A 3 24.72 11.45 3.33
CA LYS A 3 23.61 10.60 3.03
C LYS A 3 22.64 10.68 4.18
N PRO A 4 21.35 10.91 3.91
CA PRO A 4 20.31 10.94 4.95
C PRO A 4 20.36 9.66 5.79
N VAL A 5 20.27 9.82 7.12
CA VAL A 5 20.36 8.70 8.06
C VAL A 5 19.38 7.60 7.68
N SER A 6 18.14 8.02 7.41
CA SER A 6 17.06 7.14 7.00
C SER A 6 16.64 6.21 8.16
N LEU A 7 15.48 5.59 8.02
CA LEU A 7 14.92 4.63 8.98
C LEU A 7 14.41 5.32 10.27
N SER A 8 15.06 6.39 10.68
CA SER A 8 14.69 7.11 11.86
C SER A 8 13.47 8.01 11.58
N TYR A 9 12.30 7.45 11.78
CA TYR A 9 11.02 8.13 11.63
C TYR A 9 9.96 7.16 12.23
N ARG A 10 8.69 7.47 12.13
CA ARG A 10 7.68 6.57 12.67
C ARG A 10 6.92 5.80 11.60
N CYS A 11 5.93 6.43 11.00
CA CYS A 11 5.10 5.75 10.03
C CYS A 11 5.22 6.45 8.69
N PRO A 12 5.43 5.70 7.57
CA PRO A 12 5.50 6.32 6.24
C PRO A 12 4.19 6.98 5.90
N CYS A 13 3.11 6.35 6.29
CA CYS A 13 1.80 6.88 6.10
C CYS A 13 0.87 6.48 7.23
N ARG A 14 0.17 7.45 7.76
CA ARG A 14 -0.81 7.19 8.81
C ARG A 14 -2.22 7.11 8.23
N PHE A 15 -2.35 7.56 7.00
CA PHE A 15 -3.61 7.51 6.29
C PHE A 15 -3.51 6.59 5.11
N PHE A 16 -4.64 6.06 4.72
CA PHE A 16 -4.71 5.15 3.63
C PHE A 16 -5.75 5.60 2.67
N GLU A 17 -5.56 5.30 1.43
CA GLU A 17 -6.52 5.53 0.43
C GLU A 17 -7.25 4.21 0.36
N SER A 18 -8.46 4.20 0.79
CA SER A 18 -9.19 2.97 0.94
C SER A 18 -9.67 2.36 -0.37
N HIS A 19 -9.63 3.10 -1.43
CA HIS A 19 -10.12 2.59 -2.66
C HIS A 19 -9.26 2.90 -3.84
N VAL A 20 -8.15 2.24 -3.83
CA VAL A 20 -7.22 2.30 -4.89
C VAL A 20 -7.49 1.17 -5.82
N ALA A 21 -7.40 1.43 -7.07
CA ALA A 21 -7.59 0.44 -8.05
C ALA A 21 -6.25 -0.11 -8.47
N ARG A 22 -6.18 -1.42 -8.58
CA ARG A 22 -5.01 -2.13 -9.03
C ARG A 22 -4.57 -1.60 -10.42
N ALA A 23 -5.54 -1.04 -11.13
CA ALA A 23 -5.35 -0.47 -12.43
C ALA A 23 -4.52 0.84 -12.40
N ASN A 24 -4.55 1.58 -11.28
CA ASN A 24 -3.82 2.86 -11.21
C ASN A 24 -2.50 2.77 -10.47
N VAL A 25 -2.09 1.59 -10.09
CA VAL A 25 -0.81 1.41 -9.39
C VAL A 25 0.09 0.45 -10.16
N LYS A 26 1.38 0.79 -10.30
CA LYS A 26 2.29 -0.11 -11.01
C LYS A 26 3.13 -0.95 -10.05
N HIS A 27 3.44 -0.39 -8.90
CA HIS A 27 4.35 -1.04 -7.95
C HIS A 27 3.87 -0.86 -6.53
N LEU A 28 3.90 -1.92 -5.76
CA LEU A 28 3.58 -1.83 -4.34
C LEU A 28 4.69 -2.34 -3.47
N LYS A 29 4.53 -2.14 -2.18
CA LYS A 29 5.40 -2.67 -1.15
C LYS A 29 4.50 -3.03 -0.01
N ILE A 30 4.82 -4.04 0.73
CA ILE A 30 4.03 -4.36 1.85
C ILE A 30 4.72 -3.84 3.10
N LEU A 31 4.14 -2.84 3.69
CA LEU A 31 4.68 -2.23 4.87
C LEU A 31 4.13 -2.87 6.09
N ASN A 32 4.77 -3.91 6.48
CA ASN A 32 4.40 -4.59 7.67
C ASN A 32 5.27 -4.10 8.79
N THR A 33 4.92 -2.94 9.27
CA THR A 33 5.71 -2.27 10.24
C THR A 33 5.34 -2.69 11.65
N PRO A 34 6.31 -3.18 12.43
CA PRO A 34 6.09 -3.51 13.85
C PRO A 34 5.94 -2.22 14.65
N ASN A 35 6.37 -1.14 14.04
CA ASN A 35 6.38 0.16 14.65
C ASN A 35 5.02 0.83 14.54
N CYS A 36 4.28 0.52 13.49
CA CYS A 36 3.01 1.17 13.30
C CYS A 36 1.89 0.15 13.08
N ALA A 37 1.66 -0.21 11.83
CA ALA A 37 0.60 -1.13 11.49
C ALA A 37 0.94 -1.86 10.20
N LEU A 38 0.02 -2.67 9.74
CA LEU A 38 0.16 -3.31 8.46
C LEU A 38 -0.35 -2.29 7.44
N GLN A 39 0.53 -1.85 6.60
CA GLN A 39 0.25 -0.79 5.66
C GLN A 39 0.42 -1.30 4.24
N ILE A 40 -0.37 -0.77 3.34
CA ILE A 40 -0.29 -1.14 1.95
C ILE A 40 0.28 0.04 1.20
N VAL A 41 1.43 -0.09 0.62
CA VAL A 41 2.06 1.04 -0.04
C VAL A 41 2.11 0.82 -1.54
N ALA A 42 1.68 1.81 -2.30
CA ALA A 42 1.64 1.69 -3.73
C ALA A 42 2.14 2.94 -4.43
N ARG A 43 2.60 2.75 -5.63
CA ARG A 43 3.02 3.79 -6.53
C ARG A 43 2.02 3.91 -7.65
N LEU A 44 1.45 5.09 -7.82
CA LEU A 44 0.50 5.32 -8.89
C LEU A 44 1.20 5.27 -10.23
N LYS A 45 0.52 4.78 -11.23
CA LYS A 45 1.07 4.68 -12.58
C LYS A 45 1.20 6.06 -13.21
N ASN A 46 0.06 6.63 -13.54
CA ASN A 46 -0.03 7.92 -14.22
C ASN A 46 0.39 9.08 -13.31
N ASN A 47 0.03 9.00 -12.05
CA ASN A 47 0.36 10.06 -11.10
C ASN A 47 1.74 9.88 -10.51
N ASN A 48 2.25 8.63 -10.54
CA ASN A 48 3.60 8.26 -10.02
C ASN A 48 3.71 8.45 -8.48
N ARG A 49 2.62 8.85 -7.85
CA ARG A 49 2.66 9.20 -6.44
C ARG A 49 2.70 7.99 -5.57
N GLN A 50 3.32 8.16 -4.43
CA GLN A 50 3.41 7.12 -3.47
C GLN A 50 2.21 7.32 -2.58
N VAL A 51 1.39 6.32 -2.49
CA VAL A 51 0.19 6.39 -1.72
C VAL A 51 0.05 5.08 -0.96
N CYS A 52 -0.83 5.05 -0.03
CA CYS A 52 -1.06 3.87 0.73
C CYS A 52 -2.48 3.46 0.55
N ILE A 53 -2.69 2.19 0.42
CA ILE A 53 -4.00 1.63 0.18
C ILE A 53 -4.50 1.05 1.50
N ASP A 54 -5.79 1.04 1.74
CA ASP A 54 -6.29 0.46 2.99
C ASP A 54 -6.27 -1.07 2.88
N PRO A 55 -5.68 -1.76 3.88
CA PRO A 55 -5.50 -3.22 3.86
C PRO A 55 -6.80 -4.03 3.92
N LYS A 56 -7.92 -3.37 4.11
CA LYS A 56 -9.19 -4.07 4.24
C LYS A 56 -9.93 -4.20 2.93
N CYS A 57 -9.31 -3.77 1.87
CA CYS A 57 -9.91 -3.86 0.55
C CYS A 57 -9.88 -5.32 -0.01
N LYS A 58 -10.38 -5.52 -1.22
CA LYS A 58 -10.46 -6.87 -1.77
C LYS A 58 -9.20 -7.32 -2.50
N TRP A 59 -8.66 -6.50 -3.39
CA TRP A 59 -7.51 -6.96 -4.18
C TRP A 59 -6.23 -6.98 -3.35
N CYS A 60 -6.17 -6.12 -2.34
CA CYS A 60 -5.05 -6.09 -1.42
C CYS A 60 -4.97 -7.40 -0.64
N GLN A 61 -6.13 -8.04 -0.42
CA GLN A 61 -6.22 -9.30 0.31
C GLN A 61 -5.35 -10.39 -0.36
N GLU A 62 -5.39 -10.44 -1.69
CA GLU A 62 -4.55 -11.37 -2.44
C GLU A 62 -3.11 -10.91 -2.48
N TYR A 63 -2.95 -9.62 -2.47
CA TYR A 63 -1.66 -9.01 -2.45
C TYR A 63 -0.92 -9.37 -1.16
N LEU A 64 -1.65 -9.34 -0.04
CA LEU A 64 -1.11 -9.58 1.30
C LEU A 64 -0.40 -10.90 1.42
N GLU A 65 -1.05 -11.93 0.98
CA GLU A 65 -0.51 -13.26 1.08
C GLU A 65 0.74 -13.42 0.21
N LYS A 66 0.65 -13.00 -1.03
CA LYS A 66 1.75 -13.19 -2.00
C LYS A 66 2.92 -12.21 -1.80
N ALA A 67 2.66 -11.09 -1.20
CA ALA A 67 3.69 -10.06 -0.95
C ALA A 67 4.68 -10.50 0.11
N LEU A 68 4.26 -11.41 0.96
CA LEU A 68 5.12 -11.95 2.02
C LEU A 68 6.28 -12.77 1.42
N ASN A 69 6.20 -13.07 0.15
CA ASN A 69 7.20 -13.86 -0.52
C ASN A 69 8.34 -13.00 -1.08
N LYS A 70 8.06 -11.71 -1.34
CA LYS A 70 9.02 -10.83 -1.98
C LYS A 70 9.46 -11.36 -3.33
N GLY B 1 -3.64 -9.53 -7.48
CA GLY B 1 -3.85 -8.28 -8.16
C GLY B 1 -3.33 -8.31 -9.57
N SER B 2 -2.24 -9.01 -9.77
CA SER B 2 -1.67 -9.16 -11.08
C SER B 2 -2.41 -10.30 -11.78
N MET B 3 -2.45 -11.45 -11.13
CA MET B 3 -3.23 -12.57 -11.61
C MET B 3 -3.72 -13.37 -10.42
N GLU B 4 -2.80 -14.02 -9.75
CA GLU B 4 -3.13 -14.79 -8.57
C GLU B 4 -2.76 -14.00 -7.32
N GLY B 5 -1.79 -13.14 -7.49
CA GLY B 5 -1.34 -12.27 -6.46
C GLY B 5 -0.57 -11.16 -7.08
N ILE B 6 0.42 -10.65 -6.42
CA ILE B 6 1.22 -9.59 -6.99
C ILE B 6 2.71 -9.91 -6.86
N SER B 7 3.11 -10.34 -5.66
CA SER B 7 4.51 -10.67 -5.38
C SER B 7 5.38 -9.41 -5.45
N ILE B 8 5.52 -8.77 -4.30
CA ILE B 8 6.29 -7.55 -4.17
C ILE B 8 7.16 -7.72 -2.95
N TYR B 9 7.96 -6.75 -2.63
CA TYR B 9 8.86 -6.91 -1.53
C TYR B 9 8.24 -6.48 -0.21
N THR B 10 8.77 -7.00 0.84
CA THR B 10 8.31 -6.75 2.15
C THR B 10 9.20 -5.71 2.82
N SER B 11 8.63 -4.60 3.20
CA SER B 11 9.37 -3.54 3.77
C SER B 11 9.24 -3.54 5.28
N ASP B 12 10.37 -3.47 5.95
CA ASP B 12 10.43 -3.45 7.40
C ASP B 12 10.13 -2.06 7.89
N ASN B 13 10.85 -1.11 7.32
CA ASN B 13 10.77 0.29 7.66
C ASN B 13 11.71 0.99 6.67
N TYR B 14 11.33 2.14 6.10
CA TYR B 14 12.18 2.72 5.04
C TYR B 14 11.92 4.20 4.84
N THR B 15 12.73 4.88 4.07
CA THR B 15 12.61 6.31 3.97
C THR B 15 12.40 6.76 2.50
N GLU B 16 11.79 5.89 1.71
CA GLU B 16 11.43 6.27 0.33
C GLU B 16 10.30 7.29 0.40
N GLU B 17 9.49 7.16 1.42
CA GLU B 17 8.45 8.08 1.72
C GLU B 17 8.41 8.28 3.22
N MET B 18 8.39 9.52 3.62
CA MET B 18 8.44 9.87 5.01
C MET B 18 7.10 10.44 5.48
N GLY B 19 6.34 11.05 4.57
CA GLY B 19 5.13 11.71 4.97
C GLY B 19 3.90 11.18 4.25
N SER B 20 2.77 11.20 4.94
CA SER B 20 1.53 10.73 4.36
C SER B 20 1.06 11.68 3.26
N GLY B 21 0.42 11.12 2.24
CA GLY B 21 -0.02 11.90 1.12
C GLY B 21 -1.26 12.74 1.41
N ASP B 22 -1.75 13.40 0.37
CA ASP B 22 -2.93 14.30 0.45
C ASP B 22 -4.23 13.51 0.41
N TYR B 23 -4.11 12.22 0.47
CA TYR B 23 -5.23 11.32 0.34
C TYR B 23 -6.03 11.25 1.63
N ASP B 24 -6.94 12.18 1.80
CA ASP B 24 -7.82 12.25 2.95
C ASP B 24 -9.01 11.33 2.84
N SER B 25 -9.65 11.32 1.68
CA SER B 25 -10.85 10.56 1.44
C SER B 25 -10.57 9.06 1.49
N MET B 26 -11.15 8.39 2.46
CA MET B 26 -10.91 6.97 2.62
C MET B 26 -12.19 6.24 3.01
N LYS B 27 -12.63 5.35 2.14
CA LYS B 27 -13.78 4.49 2.38
C LYS B 27 -13.60 3.20 1.57
N GLU B 28 -13.20 2.13 2.25
CA GLU B 28 -12.98 0.82 1.63
C GLU B 28 -14.24 0.24 1.03
N PRO B 29 -14.11 -0.47 -0.12
CA PRO B 29 -15.21 -1.22 -0.72
C PRO B 29 -15.35 -2.57 0.02
N ALA B 30 -16.22 -3.43 -0.45
CA ALA B 30 -16.40 -4.67 0.26
C ALA B 30 -16.29 -5.91 -0.61
N PHE B 31 -17.29 -6.14 -1.43
CA PHE B 31 -17.41 -7.40 -2.13
C PHE B 31 -16.85 -7.35 -3.55
N ARG B 32 -17.36 -6.43 -4.36
CA ARG B 32 -16.96 -6.28 -5.78
C ARG B 32 -17.00 -7.56 -6.55
N GLU B 33 -18.19 -7.91 -6.92
CA GLU B 33 -18.49 -9.09 -7.68
C GLU B 33 -19.93 -8.96 -8.09
N GLU B 34 -20.76 -8.65 -7.11
CA GLU B 34 -22.12 -8.26 -7.36
C GLU B 34 -22.08 -6.78 -7.72
N ASN B 35 -21.60 -6.01 -6.77
CA ASN B 35 -21.40 -4.61 -6.90
C ASN B 35 -20.24 -4.25 -5.97
N ALA B 36 -19.54 -3.18 -6.23
CA ALA B 36 -18.39 -2.80 -5.40
C ALA B 36 -18.74 -1.74 -4.36
N ASN B 37 -20.02 -1.36 -4.33
CA ASN B 37 -20.57 -0.26 -3.48
C ASN B 37 -20.27 1.10 -4.06
N PHE B 38 -19.25 1.14 -4.87
CA PHE B 38 -18.86 2.30 -5.61
C PHE B 38 -18.79 1.88 -7.06
N ASN B 39 -19.50 2.57 -7.91
CA ASN B 39 -19.53 2.21 -9.30
C ASN B 39 -18.80 3.22 -10.14
N LYS B 40 -18.07 2.73 -11.13
CA LYS B 40 -17.31 3.53 -12.09
C LYS B 40 -16.65 2.58 -13.06
N GLY A 1 28.63 6.62 4.90
CA GLY A 1 28.73 8.05 4.62
C GLY A 1 27.99 8.85 5.67
N MET A 2 27.32 9.91 5.27
CA MET A 2 26.59 10.74 6.22
C MET A 2 25.16 10.97 5.80
N LYS A 3 24.30 10.03 6.15
CA LYS A 3 22.87 10.15 5.95
C LYS A 3 22.19 9.54 7.14
N PRO A 4 21.22 10.21 7.75
CA PRO A 4 20.52 9.67 8.87
C PRO A 4 19.41 8.72 8.44
N VAL A 5 19.75 7.45 8.31
CA VAL A 5 18.77 6.46 7.93
C VAL A 5 17.71 6.34 9.01
N SER A 6 16.50 6.42 8.61
CA SER A 6 15.42 6.42 9.52
C SER A 6 14.71 5.09 9.52
N LEU A 7 14.70 4.48 10.67
CA LEU A 7 14.05 3.24 10.92
C LEU A 7 13.57 3.29 12.34
N SER A 8 12.36 2.78 12.60
CA SER A 8 11.69 2.99 13.87
C SER A 8 11.49 4.50 14.06
N TYR A 9 10.53 5.02 13.34
CA TYR A 9 10.33 6.46 13.25
C TYR A 9 8.84 6.76 13.20
N ARG A 10 8.05 5.84 13.76
CA ARG A 10 6.57 5.89 13.77
C ARG A 10 6.01 5.41 12.42
N CYS A 11 4.74 5.58 12.23
CA CYS A 11 4.08 5.10 11.03
C CYS A 11 4.21 6.15 9.92
N PRO A 12 4.87 5.84 8.76
CA PRO A 12 4.95 6.79 7.63
C PRO A 12 3.56 6.97 7.00
N CYS A 13 2.83 5.88 6.92
CA CYS A 13 1.48 5.92 6.39
C CYS A 13 0.51 6.18 7.50
N ARG A 14 0.11 7.40 7.64
CA ARG A 14 -0.90 7.77 8.59
C ARG A 14 -2.25 7.80 7.89
N PHE A 15 -2.20 8.20 6.66
CA PHE A 15 -3.36 8.29 5.83
C PHE A 15 -3.37 7.19 4.82
N PHE A 16 -4.52 6.94 4.28
CA PHE A 16 -4.66 5.92 3.27
C PHE A 16 -5.51 6.47 2.16
N GLU A 17 -5.34 5.93 0.99
CA GLU A 17 -6.11 6.35 -0.13
C GLU A 17 -7.39 5.51 -0.16
N SER A 18 -8.42 6.09 -0.68
CA SER A 18 -9.72 5.50 -0.71
C SER A 18 -9.95 4.59 -1.93
N HIS A 19 -10.10 5.19 -3.09
CA HIS A 19 -10.45 4.45 -4.27
C HIS A 19 -9.23 4.08 -5.05
N VAL A 20 -8.61 2.99 -4.68
CA VAL A 20 -7.46 2.53 -5.38
C VAL A 20 -7.75 1.21 -6.07
N ALA A 21 -7.37 1.16 -7.27
CA ALA A 21 -7.53 0.05 -8.12
C ALA A 21 -6.22 -0.62 -8.32
N ARG A 22 -6.21 -1.92 -8.27
CA ARG A 22 -5.03 -2.72 -8.53
C ARG A 22 -4.49 -2.41 -9.95
N ALA A 23 -5.36 -1.89 -10.79
CA ALA A 23 -5.02 -1.52 -12.14
C ALA A 23 -4.28 -0.17 -12.24
N ASN A 24 -4.51 0.77 -11.30
CA ASN A 24 -3.87 2.11 -11.42
C ASN A 24 -2.52 2.20 -10.73
N VAL A 25 -2.04 1.09 -10.23
CA VAL A 25 -0.77 1.08 -9.53
C VAL A 25 0.30 0.33 -10.34
N LYS A 26 1.48 0.91 -10.46
CA LYS A 26 2.56 0.23 -11.15
C LYS A 26 3.57 -0.43 -10.22
N HIS A 27 3.67 0.07 -8.99
CA HIS A 27 4.63 -0.48 -8.04
C HIS A 27 3.98 -0.56 -6.67
N LEU A 28 4.25 -1.64 -5.96
CA LEU A 28 3.74 -1.86 -4.62
C LEU A 28 4.81 -2.34 -3.67
N LYS A 29 4.59 -2.08 -2.40
CA LYS A 29 5.48 -2.49 -1.33
C LYS A 29 4.64 -2.96 -0.17
N ILE A 30 5.19 -3.85 0.62
CA ILE A 30 4.53 -4.27 1.83
C ILE A 30 5.18 -3.56 2.99
N LEU A 31 4.44 -2.67 3.59
CA LEU A 31 4.95 -1.96 4.72
C LEU A 31 4.56 -2.73 5.93
N ASN A 32 5.37 -3.63 6.34
CA ASN A 32 5.07 -4.39 7.51
C ASN A 32 5.88 -3.96 8.67
N THR A 33 5.55 -2.77 9.14
CA THR A 33 6.25 -2.15 10.24
C THR A 33 5.94 -2.87 11.55
N PRO A 34 6.94 -3.47 12.19
CA PRO A 34 6.76 -4.15 13.47
C PRO A 34 6.50 -3.11 14.56
N ASN A 35 6.90 -1.90 14.26
CA ASN A 35 6.76 -0.79 15.18
C ASN A 35 5.38 -0.16 15.04
N CYS A 36 4.63 -0.55 14.00
CA CYS A 36 3.35 0.06 13.76
C CYS A 36 2.30 -0.92 13.25
N ALA A 37 2.17 -1.05 11.95
CA ALA A 37 1.13 -1.87 11.35
C ALA A 37 1.58 -2.35 10.00
N LEU A 38 0.69 -2.92 9.24
CA LEU A 38 1.00 -3.33 7.90
C LEU A 38 0.22 -2.42 6.96
N GLN A 39 0.94 -1.70 6.13
CA GLN A 39 0.34 -0.79 5.20
C GLN A 39 0.63 -1.19 3.78
N ILE A 40 -0.23 -0.77 2.90
CA ILE A 40 -0.09 -1.04 1.50
C ILE A 40 0.52 0.20 0.89
N VAL A 41 1.60 0.08 0.17
CA VAL A 41 2.26 1.27 -0.38
C VAL A 41 2.39 1.10 -1.87
N ALA A 42 1.79 1.97 -2.62
CA ALA A 42 1.80 1.83 -4.04
C ALA A 42 2.14 3.09 -4.74
N ARG A 43 2.66 2.95 -5.92
CA ARG A 43 2.91 4.05 -6.78
C ARG A 43 1.96 3.98 -7.89
N LEU A 44 1.39 5.07 -8.19
CA LEU A 44 0.39 5.11 -9.19
C LEU A 44 1.01 5.29 -10.55
N LYS A 45 0.40 4.67 -11.51
CA LYS A 45 0.88 4.69 -12.89
C LYS A 45 0.70 6.08 -13.49
N ASN A 46 -0.54 6.43 -13.71
CA ASN A 46 -0.93 7.68 -14.35
C ASN A 46 -0.84 8.88 -13.41
N ASN A 47 -1.19 8.65 -12.15
CA ASN A 47 -1.17 9.73 -11.16
C ASN A 47 0.24 9.91 -10.57
N ASN A 48 1.12 8.90 -10.83
CA ASN A 48 2.59 8.96 -10.49
C ASN A 48 2.88 8.98 -8.95
N ARG A 49 1.87 9.05 -8.16
CA ARG A 49 2.07 9.28 -6.73
C ARG A 49 2.23 8.02 -5.96
N GLN A 50 3.09 8.06 -4.98
CA GLN A 50 3.23 6.99 -4.08
C GLN A 50 2.29 7.26 -2.93
N VAL A 51 1.41 6.37 -2.69
CA VAL A 51 0.39 6.57 -1.72
C VAL A 51 0.19 5.28 -0.94
N CYS A 52 -0.45 5.38 0.18
CA CYS A 52 -0.67 4.25 1.01
C CYS A 52 -2.11 3.80 0.80
N ILE A 53 -2.28 2.59 0.38
CA ILE A 53 -3.60 2.05 0.12
C ILE A 53 -4.10 1.43 1.42
N ASP A 54 -5.39 1.46 1.65
CA ASP A 54 -5.93 0.90 2.88
C ASP A 54 -5.93 -0.62 2.80
N PRO A 55 -5.31 -1.30 3.79
CA PRO A 55 -5.12 -2.76 3.78
C PRO A 55 -6.38 -3.60 4.08
N LYS A 56 -7.54 -2.99 4.02
CA LYS A 56 -8.76 -3.74 4.25
C LYS A 56 -9.34 -4.24 2.93
N CYS A 57 -8.95 -3.62 1.84
CA CYS A 57 -9.51 -3.91 0.52
C CYS A 57 -9.39 -5.38 0.07
N LYS A 58 -10.35 -5.81 -0.72
CA LYS A 58 -10.40 -7.17 -1.26
C LYS A 58 -9.15 -7.57 -2.05
N TRP A 59 -8.70 -6.73 -2.96
CA TRP A 59 -7.57 -7.12 -3.79
C TRP A 59 -6.28 -7.13 -2.97
N CYS A 60 -6.21 -6.28 -1.96
CA CYS A 60 -5.03 -6.18 -1.16
C CYS A 60 -4.85 -7.37 -0.22
N GLN A 61 -5.95 -7.98 0.23
CA GLN A 61 -5.85 -9.16 1.11
C GLN A 61 -5.05 -10.27 0.46
N GLU A 62 -5.42 -10.60 -0.75
CA GLU A 62 -4.76 -11.66 -1.49
C GLU A 62 -3.35 -11.26 -1.92
N TYR A 63 -3.17 -9.98 -2.14
CA TYR A 63 -1.89 -9.40 -2.41
C TYR A 63 -0.98 -9.57 -1.18
N LEU A 64 -1.57 -9.39 0.01
CA LEU A 64 -0.85 -9.46 1.28
C LEU A 64 -0.27 -10.82 1.55
N GLU A 65 -1.08 -11.84 1.44
CA GLU A 65 -0.67 -13.19 1.76
C GLU A 65 0.52 -13.65 0.89
N LYS A 66 0.52 -13.26 -0.37
CA LYS A 66 1.61 -13.59 -1.28
C LYS A 66 2.85 -12.72 -1.06
N ALA A 67 2.62 -11.42 -0.96
CA ALA A 67 3.69 -10.40 -0.87
C ALA A 67 4.51 -10.49 0.40
N LEU A 68 3.95 -11.10 1.47
CA LEU A 68 4.67 -11.27 2.74
C LEU A 68 6.08 -11.81 2.53
N ASN A 69 6.26 -12.60 1.49
CA ASN A 69 7.57 -13.07 1.13
C ASN A 69 7.74 -12.96 -0.38
N LYS A 70 8.04 -11.74 -0.85
CA LYS A 70 8.39 -11.50 -2.26
C LYS A 70 7.24 -11.85 -3.20
N GLY B 1 2.58 -10.67 -12.40
CA GLY B 1 2.06 -11.62 -13.35
C GLY B 1 0.59 -11.84 -13.14
N SER B 2 0.05 -12.84 -13.78
CA SER B 2 -1.35 -13.14 -13.70
C SER B 2 -1.57 -14.10 -12.53
N MET B 3 -1.96 -13.56 -11.42
CA MET B 3 -2.15 -14.33 -10.21
C MET B 3 -3.08 -13.54 -9.31
N GLU B 4 -3.70 -14.20 -8.35
CA GLU B 4 -4.56 -13.55 -7.38
C GLU B 4 -3.74 -12.53 -6.59
N GLY B 5 -2.53 -12.93 -6.23
CA GLY B 5 -1.66 -12.09 -5.45
C GLY B 5 -0.67 -11.32 -6.30
N ILE B 6 0.02 -10.42 -5.67
CA ILE B 6 0.99 -9.56 -6.32
C ILE B 6 2.34 -9.75 -5.64
N SER B 7 3.36 -10.08 -6.40
CA SER B 7 4.66 -10.32 -5.84
C SER B 7 5.51 -9.04 -5.81
N ILE B 8 5.73 -8.54 -4.62
CA ILE B 8 6.46 -7.31 -4.40
C ILE B 8 7.47 -7.51 -3.30
N TYR B 9 8.02 -6.45 -2.77
CA TYR B 9 9.01 -6.61 -1.74
C TYR B 9 8.45 -6.20 -0.39
N THR B 10 9.03 -6.72 0.64
CA THR B 10 8.60 -6.51 1.97
C THR B 10 9.61 -5.63 2.73
N SER B 11 9.12 -4.59 3.36
CA SER B 11 9.96 -3.67 4.10
C SER B 11 9.46 -3.55 5.54
N ASP B 12 10.38 -3.70 6.50
CA ASP B 12 10.01 -3.62 7.93
C ASP B 12 9.89 -2.17 8.33
N ASN B 13 10.95 -1.43 8.09
CA ASN B 13 11.05 0.01 8.38
C ASN B 13 11.94 0.59 7.31
N TYR B 14 11.68 1.80 6.86
CA TYR B 14 12.52 2.35 5.82
C TYR B 14 12.59 3.87 5.81
N THR B 15 13.44 4.39 4.98
CA THR B 15 13.64 5.81 4.86
C THR B 15 13.09 6.26 3.49
N GLU B 16 12.56 5.28 2.73
CA GLU B 16 12.02 5.50 1.39
C GLU B 16 10.79 6.39 1.46
N GLU B 17 10.12 6.32 2.57
CA GLU B 17 8.99 7.14 2.80
C GLU B 17 8.96 7.52 4.25
N MET B 18 8.74 8.79 4.50
CA MET B 18 8.71 9.31 5.83
C MET B 18 7.28 9.60 6.24
N GLY B 19 6.45 9.97 5.28
CA GLY B 19 5.10 10.31 5.58
C GLY B 19 4.43 11.06 4.46
N SER B 20 3.77 10.34 3.60
CA SER B 20 3.05 10.93 2.50
C SER B 20 1.62 10.45 2.50
N GLY B 21 0.71 11.40 2.50
CA GLY B 21 -0.68 11.10 2.49
C GLY B 21 -1.51 12.35 2.54
N ASP B 22 -1.63 12.98 1.40
CA ASP B 22 -2.44 14.19 1.25
C ASP B 22 -3.91 13.79 1.19
N TYR B 23 -4.11 12.52 0.91
CA TYR B 23 -5.40 11.91 0.79
C TYR B 23 -6.04 11.70 2.16
N ASP B 24 -6.95 12.58 2.50
CA ASP B 24 -7.65 12.53 3.78
C ASP B 24 -8.75 11.50 3.77
N SER B 25 -9.41 11.39 2.64
CA SER B 25 -10.48 10.47 2.50
C SER B 25 -9.95 9.06 2.35
N MET B 26 -10.01 8.32 3.41
CA MET B 26 -9.55 6.98 3.46
C MET B 26 -10.71 6.03 3.72
N LYS B 27 -11.06 5.31 2.70
CA LYS B 27 -12.15 4.37 2.71
C LYS B 27 -12.04 3.52 1.47
N GLU B 28 -11.63 2.30 1.63
CA GLU B 28 -11.50 1.42 0.51
C GLU B 28 -12.86 1.00 -0.10
N PRO B 29 -12.90 0.66 -1.41
CA PRO B 29 -14.14 0.34 -2.12
C PRO B 29 -14.66 -1.08 -1.87
N ALA B 30 -14.14 -1.73 -0.83
CA ALA B 30 -14.51 -3.07 -0.43
C ALA B 30 -13.99 -4.08 -1.40
N PHE B 31 -14.65 -4.22 -2.54
CA PHE B 31 -14.22 -5.19 -3.49
C PHE B 31 -13.81 -4.62 -4.84
N ARG B 32 -14.81 -4.19 -5.65
CA ARG B 32 -14.56 -3.73 -7.06
C ARG B 32 -14.03 -4.86 -7.93
N GLU B 33 -14.00 -6.06 -7.38
CA GLU B 33 -13.54 -7.22 -8.05
C GLU B 33 -14.69 -7.97 -8.64
N GLU B 34 -14.70 -8.05 -9.93
CA GLU B 34 -15.71 -8.80 -10.65
C GLU B 34 -15.21 -10.22 -10.84
N ASN B 35 -13.90 -10.35 -10.89
CA ASN B 35 -13.22 -11.63 -11.01
C ASN B 35 -13.18 -12.32 -9.66
N ALA B 36 -13.28 -11.52 -8.59
CA ALA B 36 -13.24 -11.96 -7.19
C ALA B 36 -11.90 -12.57 -6.82
N ASN B 37 -11.70 -13.80 -7.18
CA ASN B 37 -10.44 -14.49 -6.93
C ASN B 37 -9.98 -14.95 -8.28
N PHE B 38 -8.71 -14.89 -8.56
CA PHE B 38 -8.26 -15.30 -9.86
C PHE B 38 -8.14 -16.82 -9.98
N ASN B 39 -9.25 -17.41 -10.29
CA ASN B 39 -9.31 -18.81 -10.54
C ASN B 39 -10.07 -19.07 -11.83
N LYS B 40 -9.41 -18.72 -12.91
CA LYS B 40 -9.96 -18.85 -14.22
C LYS B 40 -9.34 -20.07 -14.84
N GLY A 1 23.03 14.02 2.11
CA GLY A 1 21.69 14.52 1.91
C GLY A 1 20.67 13.44 2.09
N MET A 2 20.42 13.09 3.32
CA MET A 2 19.50 12.03 3.63
C MET A 2 18.99 12.21 5.03
N LYS A 3 17.86 11.61 5.33
CA LYS A 3 17.32 11.66 6.66
C LYS A 3 17.71 10.40 7.41
N PRO A 4 17.97 10.49 8.73
CA PRO A 4 18.31 9.32 9.56
C PRO A 4 17.21 8.27 9.49
N VAL A 5 17.62 7.02 9.40
CA VAL A 5 16.70 5.90 9.19
C VAL A 5 15.85 5.61 10.43
N SER A 6 16.47 4.90 11.37
CA SER A 6 15.85 4.46 12.61
C SER A 6 14.82 3.34 12.37
N LEU A 7 15.10 2.17 12.93
CA LEU A 7 14.23 1.01 12.82
C LEU A 7 12.90 1.31 13.51
N SER A 8 12.98 2.04 14.58
CA SER A 8 11.83 2.47 15.28
C SER A 8 11.48 3.90 14.82
N TYR A 9 10.72 3.99 13.76
CA TYR A 9 10.36 5.26 13.20
C TYR A 9 8.84 5.37 13.14
N ARG A 10 8.36 6.47 12.58
CA ARG A 10 6.95 6.75 12.46
C ARG A 10 6.28 5.85 11.41
N CYS A 11 5.03 6.12 11.16
CA CYS A 11 4.30 5.41 10.16
C CYS A 11 4.23 6.28 8.91
N PRO A 12 4.89 5.88 7.79
CA PRO A 12 4.81 6.61 6.51
C PRO A 12 3.37 6.67 6.03
N CYS A 13 2.67 5.57 6.22
CA CYS A 13 1.27 5.53 5.90
C CYS A 13 0.43 5.95 7.08
N ARG A 14 0.28 7.23 7.25
CA ARG A 14 -0.54 7.75 8.32
C ARG A 14 -2.00 7.79 7.86
N PHE A 15 -2.18 8.06 6.58
CA PHE A 15 -3.48 8.05 5.96
C PHE A 15 -3.48 7.10 4.77
N PHE A 16 -4.65 6.74 4.34
CA PHE A 16 -4.82 5.78 3.26
C PHE A 16 -5.84 6.32 2.30
N GLU A 17 -5.85 5.84 1.09
CA GLU A 17 -6.88 6.19 0.13
C GLU A 17 -7.95 5.15 0.08
N SER A 18 -9.14 5.60 -0.23
CA SER A 18 -10.24 4.73 -0.42
C SER A 18 -10.36 4.49 -1.92
N HIS A 19 -10.98 3.37 -2.30
CA HIS A 19 -11.18 2.96 -3.69
C HIS A 19 -9.91 3.02 -4.53
N VAL A 20 -8.98 2.16 -4.22
CA VAL A 20 -7.74 2.09 -4.97
C VAL A 20 -7.79 0.88 -5.86
N ALA A 21 -7.27 1.02 -7.04
CA ALA A 21 -7.33 -0.02 -7.99
C ALA A 21 -5.99 -0.67 -8.19
N ARG A 22 -6.00 -1.97 -8.23
CA ARG A 22 -4.82 -2.78 -8.54
C ARG A 22 -4.31 -2.36 -9.95
N ALA A 23 -5.21 -1.77 -10.72
CA ALA A 23 -4.94 -1.28 -12.05
C ALA A 23 -4.33 0.16 -12.10
N ASN A 24 -4.46 1.00 -11.03
CA ASN A 24 -3.88 2.38 -11.11
C ASN A 24 -2.51 2.45 -10.49
N VAL A 25 -2.09 1.34 -9.93
CA VAL A 25 -0.80 1.26 -9.27
C VAL A 25 0.18 0.40 -10.07
N LYS A 26 1.43 0.86 -10.18
CA LYS A 26 2.45 0.11 -10.90
C LYS A 26 3.36 -0.68 -9.99
N HIS A 27 3.54 -0.22 -8.79
CA HIS A 27 4.45 -0.87 -7.87
C HIS A 27 3.99 -0.67 -6.46
N LEU A 28 4.03 -1.72 -5.69
CA LEU A 28 3.75 -1.62 -4.29
C LEU A 28 4.88 -2.14 -3.49
N LYS A 29 4.82 -1.93 -2.21
CA LYS A 29 5.75 -2.46 -1.28
C LYS A 29 5.01 -2.82 -0.03
N ILE A 30 5.44 -3.85 0.65
CA ILE A 30 4.80 -4.25 1.87
C ILE A 30 5.60 -3.71 3.01
N LEU A 31 5.04 -2.75 3.66
CA LEU A 31 5.69 -2.15 4.76
C LEU A 31 5.09 -2.69 6.02
N ASN A 32 5.66 -3.74 6.50
CA ASN A 32 5.15 -4.41 7.67
C ASN A 32 6.00 -4.09 8.89
N THR A 33 5.75 -2.93 9.43
CA THR A 33 6.52 -2.40 10.53
C THR A 33 6.03 -2.88 11.90
N PRO A 34 6.92 -3.51 12.69
CA PRO A 34 6.64 -3.96 14.10
C PRO A 34 6.13 -2.82 14.98
N ASN A 35 6.70 -1.68 14.71
CA ASN A 35 6.52 -0.46 15.49
C ASN A 35 5.27 0.32 15.08
N CYS A 36 4.58 -0.20 14.10
CA CYS A 36 3.38 0.39 13.58
C CYS A 36 2.51 -0.77 13.08
N ALA A 37 1.61 -0.55 12.19
CA ALA A 37 0.83 -1.62 11.61
C ALA A 37 1.43 -2.00 10.26
N LEU A 38 0.74 -2.87 9.55
CA LEU A 38 1.16 -3.24 8.23
C LEU A 38 0.59 -2.18 7.28
N GLN A 39 1.46 -1.61 6.49
CA GLN A 39 1.10 -0.50 5.64
C GLN A 39 1.19 -0.92 4.20
N ILE A 40 0.23 -0.50 3.41
CA ILE A 40 0.21 -0.82 2.00
C ILE A 40 0.75 0.38 1.25
N VAL A 41 1.90 0.25 0.66
CA VAL A 41 2.50 1.37 -0.02
C VAL A 41 2.41 1.17 -1.51
N ALA A 42 1.72 2.04 -2.19
CA ALA A 42 1.56 1.92 -3.61
C ALA A 42 2.07 3.12 -4.33
N ARG A 43 2.59 2.90 -5.48
CA ARG A 43 3.06 3.94 -6.33
C ARG A 43 2.20 3.91 -7.59
N LEU A 44 1.55 5.02 -7.88
CA LEU A 44 0.62 5.09 -9.01
C LEU A 44 1.32 5.03 -10.35
N LYS A 45 0.63 4.50 -11.33
CA LYS A 45 1.12 4.39 -12.70
C LYS A 45 1.24 5.75 -13.38
N ASN A 46 0.10 6.27 -13.79
CA ASN A 46 0.03 7.51 -14.57
C ASN A 46 0.21 8.75 -13.72
N ASN A 47 -0.34 8.74 -12.53
CA ASN A 47 -0.21 9.88 -11.63
C ASN A 47 1.15 9.84 -10.95
N ASN A 48 1.73 8.62 -10.90
CA ASN A 48 3.12 8.33 -10.41
C ASN A 48 3.33 8.72 -8.93
N ARG A 49 2.26 9.01 -8.25
CA ARG A 49 2.32 9.44 -6.86
C ARG A 49 2.27 8.27 -5.92
N GLN A 50 2.77 8.47 -4.73
CA GLN A 50 2.76 7.45 -3.74
C GLN A 50 1.50 7.59 -2.95
N VAL A 51 0.84 6.51 -2.72
CA VAL A 51 -0.32 6.53 -1.90
C VAL A 51 -0.41 5.25 -1.13
N CYS A 52 -0.95 5.33 0.04
CA CYS A 52 -1.13 4.18 0.84
C CYS A 52 -2.53 3.67 0.68
N ILE A 53 -2.64 2.40 0.45
CA ILE A 53 -3.92 1.76 0.21
C ILE A 53 -4.42 1.24 1.53
N ASP A 54 -5.71 1.21 1.72
CA ASP A 54 -6.29 0.77 2.96
C ASP A 54 -6.38 -0.76 2.98
N PRO A 55 -5.68 -1.42 3.93
CA PRO A 55 -5.58 -2.90 4.01
C PRO A 55 -6.92 -3.62 4.35
N LYS A 56 -8.02 -2.93 4.13
CA LYS A 56 -9.33 -3.48 4.36
C LYS A 56 -9.95 -3.91 3.05
N CYS A 57 -9.32 -3.56 1.95
CA CYS A 57 -9.87 -3.88 0.66
C CYS A 57 -9.67 -5.37 0.30
N LYS A 58 -10.33 -5.81 -0.73
CA LYS A 58 -10.29 -7.17 -1.19
C LYS A 58 -9.03 -7.50 -1.97
N TRP A 59 -8.65 -6.65 -2.93
CA TRP A 59 -7.52 -7.01 -3.77
C TRP A 59 -6.20 -6.91 -3.01
N CYS A 60 -6.09 -5.90 -2.13
CA CYS A 60 -4.91 -5.75 -1.29
C CYS A 60 -4.73 -6.94 -0.38
N GLN A 61 -5.82 -7.53 0.02
CA GLN A 61 -5.76 -8.64 0.91
C GLN A 61 -5.14 -9.89 0.26
N GLU A 62 -5.47 -10.12 -1.00
CA GLU A 62 -4.86 -11.23 -1.73
C GLU A 62 -3.43 -10.89 -2.08
N TYR A 63 -3.21 -9.61 -2.35
CA TYR A 63 -1.92 -9.07 -2.63
C TYR A 63 -0.97 -9.30 -1.44
N LEU A 64 -1.52 -9.20 -0.23
CA LEU A 64 -0.76 -9.41 1.00
C LEU A 64 -0.16 -10.79 1.06
N GLU A 65 -0.99 -11.79 0.83
CA GLU A 65 -0.55 -13.18 0.91
C GLU A 65 0.52 -13.49 -0.16
N LYS A 66 0.38 -12.86 -1.30
CA LYS A 66 1.30 -13.05 -2.41
C LYS A 66 2.61 -12.29 -2.16
N ALA A 67 2.49 -11.07 -1.66
CA ALA A 67 3.62 -10.17 -1.44
C ALA A 67 4.51 -10.60 -0.29
N LEU A 68 3.94 -11.39 0.65
CA LEU A 68 4.70 -11.92 1.80
C LEU A 68 6.05 -12.49 1.37
N ASN A 69 6.05 -13.10 0.20
CA ASN A 69 7.24 -13.59 -0.41
C ASN A 69 7.18 -13.25 -1.89
N LYS A 70 7.52 -12.02 -2.22
CA LYS A 70 7.54 -11.53 -3.61
C LYS A 70 6.17 -11.65 -4.28
N GLY B 1 -6.69 -11.37 -14.05
CA GLY B 1 -5.48 -10.68 -14.46
C GLY B 1 -4.42 -11.65 -14.89
N SER B 2 -4.88 -12.87 -15.20
CA SER B 2 -4.03 -13.97 -15.66
C SER B 2 -3.11 -14.47 -14.54
N MET B 3 -3.43 -14.05 -13.31
CA MET B 3 -2.66 -14.35 -12.11
C MET B 3 -1.26 -13.80 -12.24
N GLU B 4 -1.10 -12.53 -11.94
CA GLU B 4 0.18 -11.90 -12.10
C GLU B 4 1.01 -12.06 -10.82
N GLY B 5 0.35 -11.92 -9.69
CA GLY B 5 1.01 -12.06 -8.41
C GLY B 5 1.51 -10.73 -7.92
N ILE B 6 1.57 -9.77 -8.85
CA ILE B 6 2.03 -8.39 -8.62
C ILE B 6 3.54 -8.33 -8.44
N SER B 7 4.06 -9.18 -7.56
CA SER B 7 5.48 -9.34 -7.30
C SER B 7 6.14 -8.08 -6.74
N ILE B 8 6.15 -7.99 -5.43
CA ILE B 8 6.75 -6.87 -4.74
C ILE B 8 7.58 -7.38 -3.59
N TYR B 9 8.33 -6.53 -2.96
CA TYR B 9 9.17 -6.97 -1.87
C TYR B 9 8.55 -6.58 -0.54
N THR B 10 8.94 -7.30 0.48
CA THR B 10 8.47 -7.05 1.80
C THR B 10 9.57 -6.30 2.57
N SER B 11 9.18 -5.29 3.31
CA SER B 11 10.12 -4.48 4.03
C SER B 11 9.67 -4.36 5.48
N ASP B 12 10.60 -4.55 6.40
CA ASP B 12 10.31 -4.49 7.83
C ASP B 12 10.21 -3.05 8.28
N ASN B 13 10.98 -2.20 7.63
CA ASN B 13 11.09 -0.79 7.96
C ASN B 13 11.98 -0.07 6.96
N TYR B 14 11.69 1.18 6.69
CA TYR B 14 12.53 1.96 5.80
C TYR B 14 12.39 3.46 5.97
N THR B 15 13.20 4.18 5.25
CA THR B 15 13.17 5.61 5.26
C THR B 15 13.35 6.14 3.81
N GLU B 16 13.34 5.21 2.85
CA GLU B 16 13.39 5.57 1.43
C GLU B 16 12.12 6.31 1.11
N GLU B 17 11.04 5.72 1.56
CA GLU B 17 9.73 6.25 1.42
C GLU B 17 9.30 6.69 2.80
N MET B 18 9.32 7.96 3.05
CA MET B 18 9.00 8.45 4.39
C MET B 18 7.54 8.83 4.49
N GLY B 19 6.90 8.91 3.35
CA GLY B 19 5.51 9.23 3.31
C GLY B 19 5.23 10.28 2.29
N SER B 20 4.77 11.44 2.76
CA SER B 20 4.40 12.59 1.93
C SER B 20 3.05 12.36 1.24
N GLY B 21 2.36 11.31 1.70
CA GLY B 21 1.04 11.01 1.21
C GLY B 21 0.04 11.93 1.84
N ASP B 22 -0.45 12.88 1.08
CA ASP B 22 -1.38 13.89 1.61
C ASP B 22 -2.80 13.44 1.47
N TYR B 23 -2.98 12.27 0.94
CA TYR B 23 -4.29 11.69 0.68
C TYR B 23 -5.10 11.53 1.95
N ASP B 24 -6.13 12.34 2.05
CA ASP B 24 -6.99 12.40 3.23
C ASP B 24 -8.07 11.29 3.30
N SER B 25 -8.70 11.00 2.18
CA SER B 25 -9.86 10.09 2.17
C SER B 25 -9.50 8.60 2.31
N MET B 26 -9.69 8.07 3.51
CA MET B 26 -9.31 6.70 3.86
C MET B 26 -10.50 5.77 4.07
N LYS B 27 -10.14 4.52 4.29
CA LYS B 27 -11.04 3.39 4.55
C LYS B 27 -11.79 2.92 3.30
N GLU B 28 -11.45 1.74 2.85
CA GLU B 28 -12.09 1.15 1.70
C GLU B 28 -13.24 0.22 2.11
N PRO B 29 -14.34 0.19 1.30
CA PRO B 29 -15.52 -0.62 1.60
C PRO B 29 -15.27 -2.13 1.48
N ALA B 30 -14.96 -2.59 0.28
CA ALA B 30 -14.75 -3.97 0.04
C ALA B 30 -13.79 -4.12 -1.09
N PHE B 31 -14.11 -3.52 -2.19
CA PHE B 31 -13.28 -3.61 -3.36
C PHE B 31 -12.97 -2.26 -3.94
N ARG B 32 -14.00 -1.61 -4.47
CA ARG B 32 -13.86 -0.34 -5.17
C ARG B 32 -15.19 -0.02 -5.75
N GLU B 33 -15.83 -1.03 -6.24
CA GLU B 33 -17.08 -0.88 -6.85
C GLU B 33 -17.95 -2.07 -6.43
N GLU B 34 -18.87 -2.50 -7.27
CA GLU B 34 -19.83 -3.56 -6.95
C GLU B 34 -19.10 -4.88 -6.66
N ASN B 35 -18.41 -5.41 -7.64
CA ASN B 35 -17.78 -6.70 -7.47
C ASN B 35 -16.30 -6.63 -7.82
N ALA B 36 -15.53 -7.55 -7.26
CA ALA B 36 -14.09 -7.60 -7.45
C ALA B 36 -13.71 -8.06 -8.86
N ASN B 37 -14.58 -8.79 -9.51
CA ASN B 37 -14.28 -9.32 -10.83
C ASN B 37 -15.42 -9.02 -11.78
N PHE B 38 -15.26 -9.45 -13.03
CA PHE B 38 -16.25 -9.29 -14.10
C PHE B 38 -16.55 -7.83 -14.42
N ASN B 39 -15.79 -7.27 -15.33
CA ASN B 39 -15.97 -5.89 -15.73
C ASN B 39 -15.82 -5.77 -17.25
N LYS B 40 -16.96 -5.84 -17.93
CA LYS B 40 -17.07 -5.77 -19.41
C LYS B 40 -16.21 -6.84 -20.07
N GLY A 1 19.06 15.04 12.17
CA GLY A 1 18.58 15.24 10.82
C GLY A 1 18.25 13.92 10.19
N MET A 2 17.49 13.93 9.12
CA MET A 2 17.12 12.70 8.47
C MET A 2 18.16 12.32 7.44
N LYS A 3 18.90 11.30 7.76
CA LYS A 3 19.92 10.77 6.89
C LYS A 3 19.29 9.68 6.01
N PRO A 4 19.92 9.38 4.82
CA PRO A 4 19.42 8.37 3.84
C PRO A 4 18.88 7.12 4.50
N VAL A 5 19.64 6.59 5.38
CA VAL A 5 19.20 5.47 6.15
C VAL A 5 19.19 5.83 7.64
N SER A 6 18.08 6.35 8.08
CA SER A 6 17.92 6.69 9.47
C SER A 6 17.61 5.41 10.25
N LEU A 7 16.88 4.50 9.59
CA LEU A 7 16.55 3.20 10.06
C LEU A 7 15.67 3.20 11.32
N SER A 8 14.54 2.50 11.22
CA SER A 8 13.59 2.32 12.29
C SER A 8 12.97 3.65 12.79
N TYR A 9 11.80 3.94 12.29
CA TYR A 9 11.07 5.12 12.70
C TYR A 9 9.60 4.74 12.73
N ARG A 10 8.74 5.66 13.06
CA ARG A 10 7.33 5.33 13.19
C ARG A 10 6.60 5.38 11.84
N CYS A 11 5.30 5.32 11.86
CA CYS A 11 4.51 5.14 10.64
C CYS A 11 4.41 6.44 9.86
N PRO A 12 4.96 6.50 8.63
CA PRO A 12 4.78 7.67 7.76
C PRO A 12 3.35 7.69 7.21
N CYS A 13 2.87 6.52 6.90
CA CYS A 13 1.56 6.31 6.34
C CYS A 13 0.53 6.07 7.44
N ARG A 14 -0.12 7.12 7.87
CA ARG A 14 -1.20 7.03 8.86
C ARG A 14 -2.55 7.11 8.16
N PHE A 15 -2.49 7.43 6.92
CA PHE A 15 -3.64 7.72 6.09
C PHE A 15 -3.75 6.67 5.02
N PHE A 16 -4.93 6.53 4.48
CA PHE A 16 -5.18 5.58 3.41
C PHE A 16 -6.09 6.22 2.37
N GLU A 17 -6.12 5.68 1.18
CA GLU A 17 -7.03 6.12 0.19
C GLU A 17 -8.15 5.07 0.12
N SER A 18 -9.32 5.51 -0.24
CA SER A 18 -10.50 4.70 -0.29
C SER A 18 -10.51 3.75 -1.46
N HIS A 19 -10.31 4.29 -2.63
CA HIS A 19 -10.50 3.51 -3.81
C HIS A 19 -9.30 3.45 -4.73
N VAL A 20 -8.35 2.66 -4.34
CA VAL A 20 -7.22 2.42 -5.18
C VAL A 20 -7.47 1.15 -5.94
N ALA A 21 -7.11 1.16 -7.17
CA ALA A 21 -7.33 0.07 -8.05
C ALA A 21 -6.05 -0.70 -8.26
N ARG A 22 -6.13 -2.00 -8.24
CA ARG A 22 -4.96 -2.85 -8.52
C ARG A 22 -4.48 -2.53 -9.95
N ALA A 23 -5.39 -1.98 -10.72
CA ALA A 23 -5.15 -1.61 -12.08
C ALA A 23 -4.47 -0.23 -12.24
N ASN A 24 -4.43 0.65 -11.21
CA ASN A 24 -3.78 1.95 -11.42
C ASN A 24 -2.40 2.01 -10.77
N VAL A 25 -1.98 0.90 -10.21
CA VAL A 25 -0.70 0.84 -9.53
C VAL A 25 0.29 -0.08 -10.23
N LYS A 26 1.54 0.37 -10.31
CA LYS A 26 2.62 -0.47 -10.88
C LYS A 26 3.54 -1.07 -9.84
N HIS A 27 3.49 -0.56 -8.62
CA HIS A 27 4.42 -1.02 -7.58
C HIS A 27 3.90 -0.67 -6.20
N LEU A 28 4.01 -1.61 -5.29
CA LEU A 28 3.68 -1.38 -3.90
C LEU A 28 4.86 -1.76 -3.02
N LYS A 29 4.72 -1.52 -1.76
CA LYS A 29 5.65 -1.98 -0.77
C LYS A 29 4.82 -2.55 0.37
N ILE A 30 5.35 -3.49 1.10
CA ILE A 30 4.63 -4.02 2.24
C ILE A 30 5.18 -3.40 3.49
N LEU A 31 4.41 -2.56 4.09
CA LEU A 31 4.82 -1.94 5.30
C LEU A 31 4.35 -2.73 6.49
N ASN A 32 4.90 -3.91 6.64
CA ASN A 32 4.63 -4.79 7.78
C ASN A 32 5.68 -4.49 8.84
N THR A 33 5.80 -3.21 9.08
CA THR A 33 6.77 -2.60 9.92
C THR A 33 6.64 -3.04 11.37
N PRO A 34 7.76 -3.33 12.06
CA PRO A 34 7.74 -3.72 13.47
C PRO A 34 7.30 -2.57 14.37
N ASN A 35 7.49 -1.37 13.88
CA ASN A 35 7.20 -0.15 14.63
C ASN A 35 5.74 0.23 14.52
N CYS A 36 5.01 -0.48 13.68
CA CYS A 36 3.63 -0.16 13.38
C CYS A 36 2.87 -1.42 13.09
N ALA A 37 1.71 -1.25 12.49
CA ALA A 37 0.94 -2.33 11.96
C ALA A 37 1.32 -2.44 10.49
N LEU A 38 0.51 -3.06 9.69
CA LEU A 38 0.84 -3.18 8.31
C LEU A 38 0.11 -2.07 7.53
N GLN A 39 0.87 -1.26 6.84
CA GLN A 39 0.30 -0.18 6.04
C GLN A 39 0.57 -0.47 4.56
N ILE A 40 -0.34 -0.05 3.70
CA ILE A 40 -0.23 -0.37 2.29
C ILE A 40 0.24 0.85 1.53
N VAL A 41 1.42 0.79 0.96
CA VAL A 41 1.97 1.91 0.20
C VAL A 41 2.13 1.54 -1.27
N ALA A 42 1.42 2.24 -2.14
CA ALA A 42 1.45 1.96 -3.56
C ALA A 42 1.91 3.16 -4.37
N ARG A 43 2.44 2.87 -5.53
CA ARG A 43 2.86 3.86 -6.48
C ARG A 43 2.01 3.74 -7.70
N LEU A 44 1.38 4.82 -8.07
CA LEU A 44 0.54 4.83 -9.24
C LEU A 44 1.39 4.74 -10.49
N LYS A 45 0.79 4.25 -11.53
CA LYS A 45 1.44 4.09 -12.81
C LYS A 45 1.71 5.41 -13.54
N ASN A 46 0.70 5.95 -14.22
CA ASN A 46 0.88 7.19 -14.98
C ASN A 46 0.86 8.40 -14.07
N ASN A 47 -0.01 8.36 -13.08
CA ASN A 47 -0.11 9.48 -12.14
C ASN A 47 1.10 9.45 -11.22
N ASN A 48 1.71 8.25 -11.11
CA ASN A 48 2.99 7.99 -10.41
C ASN A 48 2.97 8.25 -8.90
N ARG A 49 1.88 8.78 -8.39
CA ARG A 49 1.83 9.22 -7.00
C ARG A 49 1.88 8.08 -6.04
N GLN A 50 2.49 8.34 -4.91
CA GLN A 50 2.55 7.38 -3.88
C GLN A 50 1.37 7.59 -2.99
N VAL A 51 0.63 6.57 -2.78
CA VAL A 51 -0.56 6.67 -2.00
C VAL A 51 -0.76 5.39 -1.21
N CYS A 52 -1.43 5.49 -0.11
CA CYS A 52 -1.67 4.37 0.71
C CYS A 52 -3.00 3.78 0.35
N ILE A 53 -3.07 2.51 0.31
CA ILE A 53 -4.29 1.83 -0.01
C ILE A 53 -4.84 1.33 1.30
N ASP A 54 -6.13 1.37 1.49
CA ASP A 54 -6.69 0.85 2.71
C ASP A 54 -6.61 -0.67 2.69
N PRO A 55 -5.92 -1.28 3.69
CA PRO A 55 -5.69 -2.74 3.74
C PRO A 55 -6.96 -3.57 3.92
N LYS A 56 -8.04 -2.90 4.23
CA LYS A 56 -9.29 -3.56 4.44
C LYS A 56 -10.12 -3.63 3.17
N CYS A 57 -9.50 -3.31 2.08
CA CYS A 57 -10.15 -3.38 0.78
C CYS A 57 -10.22 -4.83 0.30
N LYS A 58 -10.75 -5.06 -0.88
CA LYS A 58 -10.91 -6.40 -1.35
C LYS A 58 -9.64 -6.96 -2.05
N TRP A 59 -9.05 -6.21 -2.96
CA TRP A 59 -7.95 -6.76 -3.75
C TRP A 59 -6.62 -6.79 -2.99
N CYS A 60 -6.46 -5.87 -2.06
CA CYS A 60 -5.22 -5.74 -1.30
C CYS A 60 -4.84 -7.02 -0.54
N GLN A 61 -5.84 -7.76 -0.08
CA GLN A 61 -5.60 -9.02 0.63
C GLN A 61 -4.89 -10.06 -0.26
N GLU A 62 -5.15 -9.99 -1.54
CA GLU A 62 -4.52 -10.88 -2.49
C GLU A 62 -3.07 -10.52 -2.73
N TYR A 63 -2.74 -9.24 -2.72
CA TYR A 63 -1.37 -8.85 -2.99
C TYR A 63 -0.50 -9.14 -1.77
N LEU A 64 -1.08 -8.94 -0.59
CA LEU A 64 -0.38 -9.04 0.71
C LEU A 64 0.28 -10.39 0.96
N GLU A 65 -0.46 -11.45 0.79
CA GLU A 65 0.04 -12.78 1.12
C GLU A 65 1.20 -13.19 0.22
N LYS A 66 1.10 -12.84 -1.03
CA LYS A 66 2.11 -13.18 -2.00
C LYS A 66 3.35 -12.27 -1.85
N ALA A 67 3.10 -11.01 -1.52
CA ALA A 67 4.15 -9.99 -1.39
C ALA A 67 5.09 -10.23 -0.23
N LEU A 68 4.62 -10.98 0.80
CA LEU A 68 5.47 -11.33 1.94
C LEU A 68 6.78 -11.89 1.46
N ASN A 69 6.69 -12.71 0.45
CA ASN A 69 7.85 -13.25 -0.17
C ASN A 69 7.84 -12.89 -1.63
N LYS A 70 8.20 -11.62 -1.90
CA LYS A 70 8.33 -11.06 -3.24
C LYS A 70 6.98 -11.02 -3.94
N GLY B 1 3.21 -8.22 -10.01
CA GLY B 1 2.79 -7.51 -11.20
C GLY B 1 1.38 -7.84 -11.57
N SER B 2 0.62 -8.23 -10.54
CA SER B 2 -0.78 -8.59 -10.66
C SER B 2 -1.01 -9.88 -11.46
N MET B 3 -0.76 -10.99 -10.81
CA MET B 3 -1.03 -12.32 -11.33
C MET B 3 -1.65 -13.12 -10.20
N GLU B 4 -0.86 -13.35 -9.18
CA GLU B 4 -1.33 -13.93 -7.94
C GLU B 4 -1.57 -12.80 -6.99
N GLY B 5 -0.52 -12.12 -6.68
CA GLY B 5 -0.59 -10.94 -5.89
C GLY B 5 0.04 -9.83 -6.66
N ILE B 6 1.09 -9.26 -6.11
CA ILE B 6 1.89 -8.25 -6.78
C ILE B 6 3.32 -8.44 -6.31
N SER B 7 4.22 -8.64 -7.25
CA SER B 7 5.60 -8.91 -6.93
C SER B 7 6.31 -7.64 -6.46
N ILE B 8 6.50 -7.54 -5.16
CA ILE B 8 7.13 -6.39 -4.55
C ILE B 8 8.07 -6.85 -3.43
N TYR B 9 8.31 -6.00 -2.45
CA TYR B 9 9.19 -6.31 -1.35
C TYR B 9 8.59 -5.78 -0.06
N THR B 10 9.01 -6.32 1.05
CA THR B 10 8.55 -5.88 2.34
C THR B 10 9.54 -4.84 2.89
N SER B 11 9.09 -4.01 3.78
CA SER B 11 9.95 -3.00 4.35
C SER B 11 9.84 -2.96 5.86
N ASP B 12 10.99 -2.79 6.52
CA ASP B 12 11.07 -2.66 7.97
C ASP B 12 10.66 -1.25 8.31
N ASN B 13 11.00 -0.39 7.38
CA ASN B 13 10.72 1.02 7.37
C ASN B 13 11.32 1.50 6.07
N TYR B 14 11.13 2.74 5.72
CA TYR B 14 11.75 3.22 4.50
C TYR B 14 12.15 4.69 4.59
N THR B 15 12.68 5.21 3.51
CA THR B 15 13.04 6.60 3.44
C THR B 15 12.22 7.24 2.30
N GLU B 16 11.29 6.45 1.77
CA GLU B 16 10.42 6.84 0.66
C GLU B 16 9.53 8.01 1.06
N GLU B 17 9.06 7.99 2.29
CA GLU B 17 8.16 9.00 2.76
C GLU B 17 8.42 9.19 4.27
N MET B 18 8.16 10.36 4.78
CA MET B 18 8.44 10.67 6.17
C MET B 18 7.16 10.81 7.01
N GLY B 19 6.05 11.14 6.39
CA GLY B 19 4.81 11.31 7.12
C GLY B 19 3.95 12.43 6.58
N SER B 20 2.67 12.42 6.99
CA SER B 20 1.66 13.40 6.59
C SER B 20 1.21 13.23 5.14
N GLY B 21 -0.04 12.87 4.95
CA GLY B 21 -0.55 12.68 3.63
C GLY B 21 -1.89 13.34 3.46
N ASP B 22 -2.01 14.14 2.42
CA ASP B 22 -3.23 14.91 2.12
C ASP B 22 -4.38 14.00 1.64
N TYR B 23 -4.08 12.72 1.50
CA TYR B 23 -5.06 11.73 1.09
C TYR B 23 -6.00 11.45 2.27
N ASP B 24 -7.01 12.27 2.39
CA ASP B 24 -8.00 12.23 3.47
C ASP B 24 -9.08 11.19 3.25
N SER B 25 -9.28 10.84 2.00
CA SER B 25 -10.40 10.01 1.55
C SER B 25 -10.48 8.55 2.07
N MET B 26 -9.76 8.22 3.13
CA MET B 26 -9.78 6.86 3.69
C MET B 26 -11.15 6.45 4.23
N LYS B 27 -11.75 5.53 3.53
CA LYS B 27 -13.00 4.89 3.86
C LYS B 27 -13.31 3.86 2.81
N GLU B 28 -13.09 2.62 3.13
CA GLU B 28 -13.27 1.53 2.18
C GLU B 28 -14.74 1.37 1.76
N PRO B 29 -15.01 1.28 0.44
CA PRO B 29 -16.36 1.04 -0.07
C PRO B 29 -16.87 -0.33 0.36
N ALA B 30 -16.21 -1.38 -0.18
CA ALA B 30 -16.48 -2.78 0.13
C ALA B 30 -15.65 -3.66 -0.78
N PHE B 31 -16.00 -3.64 -2.05
CA PHE B 31 -15.35 -4.48 -3.04
C PHE B 31 -14.65 -3.71 -4.18
N ARG B 32 -15.21 -2.55 -4.58
CA ARG B 32 -14.58 -1.65 -5.62
C ARG B 32 -14.53 -2.40 -6.98
N GLU B 33 -15.55 -3.20 -7.24
CA GLU B 33 -15.66 -3.99 -8.46
C GLU B 33 -17.06 -4.53 -8.58
N GLU B 34 -17.48 -4.83 -9.78
CA GLU B 34 -18.77 -5.45 -9.93
C GLU B 34 -18.60 -6.96 -9.90
N ASN B 35 -17.97 -7.50 -10.90
CA ASN B 35 -17.70 -8.90 -10.96
C ASN B 35 -16.35 -9.17 -10.32
N ALA B 36 -16.15 -10.38 -9.84
CA ALA B 36 -14.97 -10.75 -9.07
C ALA B 36 -13.66 -10.56 -9.84
N ASN B 37 -13.00 -9.43 -9.58
CA ASN B 37 -11.70 -9.07 -10.19
C ASN B 37 -11.78 -9.08 -11.71
N PHE B 38 -12.97 -8.81 -12.24
CA PHE B 38 -13.22 -8.85 -13.67
C PHE B 38 -12.49 -7.75 -14.41
N ASN B 39 -12.73 -6.52 -14.05
CA ASN B 39 -12.11 -5.41 -14.73
C ASN B 39 -10.69 -5.21 -14.20
N LYS B 40 -9.73 -5.56 -15.00
CA LYS B 40 -8.35 -5.45 -14.64
C LYS B 40 -7.67 -4.51 -15.64
N GLY A 1 26.15 -5.45 12.12
CA GLY A 1 26.63 -4.06 12.08
C GLY A 1 25.47 -3.10 12.06
N MET A 2 25.75 -1.81 12.17
CA MET A 2 24.72 -0.80 12.16
C MET A 2 24.35 -0.44 10.74
N LYS A 3 23.06 -0.38 10.47
CA LYS A 3 22.56 -0.04 9.16
C LYS A 3 21.79 1.28 9.25
N PRO A 4 22.40 2.38 8.81
CA PRO A 4 21.80 3.70 8.90
C PRO A 4 20.92 4.01 7.68
N VAL A 5 20.13 5.08 7.79
CA VAL A 5 19.26 5.58 6.71
C VAL A 5 18.14 4.53 6.41
N SER A 6 17.79 3.78 7.42
CA SER A 6 16.78 2.76 7.31
C SER A 6 16.18 2.49 8.67
N LEU A 7 14.83 2.35 8.74
CA LEU A 7 14.12 2.11 9.99
C LEU A 7 14.26 3.36 10.90
N SER A 8 14.52 4.50 10.26
CA SER A 8 14.76 5.75 10.94
C SER A 8 13.47 6.32 11.57
N TYR A 9 12.47 6.62 10.75
CA TYR A 9 11.23 7.21 11.25
C TYR A 9 10.27 6.10 11.66
N ARG A 10 9.03 6.43 11.99
CA ARG A 10 8.10 5.41 12.45
C ARG A 10 7.14 4.91 11.35
N CYS A 11 6.16 5.74 10.97
CA CYS A 11 5.11 5.28 10.06
C CYS A 11 5.01 6.13 8.78
N PRO A 12 5.18 5.52 7.58
CA PRO A 12 4.88 6.21 6.31
C PRO A 12 3.36 6.39 6.11
N CYS A 13 2.58 5.48 6.65
CA CYS A 13 1.14 5.54 6.48
C CYS A 13 0.43 5.86 7.77
N ARG A 14 -0.04 7.09 7.89
CA ARG A 14 -0.87 7.46 9.00
C ARG A 14 -2.32 7.44 8.55
N PHE A 15 -2.52 7.78 7.29
CA PHE A 15 -3.81 7.71 6.62
C PHE A 15 -3.70 6.83 5.42
N PHE A 16 -4.82 6.38 4.93
CA PHE A 16 -4.87 5.48 3.79
C PHE A 16 -5.85 6.03 2.79
N GLU A 17 -5.71 5.64 1.54
CA GLU A 17 -6.60 6.05 0.52
C GLU A 17 -7.70 4.98 0.39
N SER A 18 -8.91 5.44 0.48
CA SER A 18 -10.11 4.66 0.45
C SER A 18 -10.24 3.70 -0.74
N HIS A 19 -10.03 4.20 -1.93
CA HIS A 19 -10.30 3.43 -3.11
C HIS A 19 -9.24 3.52 -4.16
N VAL A 20 -8.24 2.69 -4.00
CA VAL A 20 -7.20 2.54 -4.96
C VAL A 20 -7.45 1.29 -5.77
N ALA A 21 -7.20 1.37 -7.02
CA ALA A 21 -7.44 0.30 -7.92
C ALA A 21 -6.18 -0.51 -8.16
N ARG A 22 -6.32 -1.79 -8.14
CA ARG A 22 -5.22 -2.70 -8.44
C ARG A 22 -4.71 -2.42 -9.86
N ALA A 23 -5.59 -1.88 -10.68
CA ALA A 23 -5.28 -1.55 -12.04
C ALA A 23 -4.59 -0.19 -12.21
N ASN A 24 -4.56 0.69 -11.19
CA ASN A 24 -3.92 1.99 -11.41
C ASN A 24 -2.55 2.09 -10.76
N VAL A 25 -2.05 0.98 -10.25
CA VAL A 25 -0.76 0.96 -9.57
C VAL A 25 0.23 -0.01 -10.23
N LYS A 26 1.48 0.44 -10.44
CA LYS A 26 2.50 -0.43 -11.05
C LYS A 26 3.39 -1.07 -10.00
N HIS A 27 3.46 -0.45 -8.83
CA HIS A 27 4.40 -0.90 -7.82
C HIS A 27 3.91 -0.60 -6.44
N LEU A 28 4.10 -1.54 -5.54
CA LEU A 28 3.78 -1.36 -4.16
C LEU A 28 4.92 -1.85 -3.29
N LYS A 29 4.76 -1.66 -2.01
CA LYS A 29 5.69 -2.19 -1.01
C LYS A 29 4.87 -2.68 0.16
N ILE A 30 5.37 -3.65 0.86
CA ILE A 30 4.71 -4.11 2.06
C ILE A 30 5.38 -3.56 3.28
N LEU A 31 4.69 -2.70 3.93
CA LEU A 31 5.13 -2.15 5.17
C LEU A 31 4.44 -2.84 6.30
N ASN A 32 4.97 -3.96 6.71
CA ASN A 32 4.42 -4.65 7.84
C ASN A 32 5.22 -4.32 9.07
N THR A 33 4.87 -3.19 9.64
CA THR A 33 5.59 -2.65 10.76
C THR A 33 4.97 -3.11 12.09
N PRO A 34 5.68 -3.94 12.88
CA PRO A 34 5.18 -4.47 14.16
C PRO A 34 4.83 -3.37 15.17
N ASN A 35 5.63 -2.32 15.18
CA ASN A 35 5.43 -1.23 16.13
C ASN A 35 4.42 -0.23 15.61
N CYS A 36 3.96 -0.42 14.38
CA CYS A 36 3.03 0.50 13.79
C CYS A 36 1.79 -0.21 13.21
N ALA A 37 1.77 -0.46 11.91
CA ALA A 37 0.62 -1.09 11.28
C ALA A 37 1.02 -1.84 10.02
N LEU A 38 0.07 -2.57 9.48
CA LEU A 38 0.23 -3.18 8.19
C LEU A 38 -0.16 -2.08 7.20
N GLN A 39 0.77 -1.64 6.42
CA GLN A 39 0.58 -0.52 5.55
C GLN A 39 0.77 -0.95 4.12
N ILE A 40 0.07 -0.31 3.21
CA ILE A 40 0.13 -0.66 1.81
C ILE A 40 0.61 0.56 1.03
N VAL A 41 1.80 0.52 0.50
CA VAL A 41 2.33 1.69 -0.17
C VAL A 41 2.32 1.48 -1.67
N ALA A 42 1.57 2.28 -2.39
CA ALA A 42 1.46 2.12 -3.81
C ALA A 42 1.90 3.35 -4.56
N ARG A 43 2.39 3.10 -5.73
CA ARG A 43 2.79 4.12 -6.64
C ARG A 43 1.88 4.04 -7.84
N LEU A 44 1.22 5.14 -8.18
CA LEU A 44 0.34 5.14 -9.34
C LEU A 44 1.12 5.03 -10.62
N LYS A 45 0.48 4.52 -11.63
CA LYS A 45 1.12 4.33 -12.91
C LYS A 45 1.37 5.60 -13.69
N ASN A 46 0.32 6.21 -14.22
CA ASN A 46 0.50 7.42 -15.05
C ASN A 46 0.73 8.65 -14.19
N ASN A 47 0.06 8.68 -13.07
CA ASN A 47 0.14 9.81 -12.16
C ASN A 47 1.34 9.69 -11.22
N ASN A 48 1.79 8.46 -11.00
CA ASN A 48 3.01 8.13 -10.19
C ASN A 48 2.96 8.57 -8.75
N ARG A 49 1.82 9.05 -8.27
CA ARG A 49 1.77 9.56 -6.89
C ARG A 49 1.95 8.43 -5.92
N GLN A 50 2.62 8.71 -4.85
CA GLN A 50 2.83 7.73 -3.85
C GLN A 50 1.71 7.89 -2.86
N VAL A 51 0.99 6.85 -2.63
CA VAL A 51 -0.12 6.90 -1.74
C VAL A 51 -0.23 5.57 -1.00
N CYS A 52 -0.97 5.54 0.06
CA CYS A 52 -1.07 4.35 0.83
C CYS A 52 -2.48 3.83 0.66
N ILE A 53 -2.60 2.56 0.42
CA ILE A 53 -3.88 1.94 0.20
C ILE A 53 -4.38 1.39 1.53
N ASP A 54 -5.67 1.41 1.77
CA ASP A 54 -6.22 0.86 3.01
C ASP A 54 -6.08 -0.67 3.00
N PRO A 55 -5.42 -1.25 4.02
CA PRO A 55 -5.07 -2.69 4.06
C PRO A 55 -6.26 -3.63 4.28
N LYS A 56 -7.44 -3.09 4.31
CA LYS A 56 -8.61 -3.89 4.55
C LYS A 56 -9.33 -4.22 3.25
N CYS A 57 -8.89 -3.60 2.17
CA CYS A 57 -9.53 -3.74 0.85
C CYS A 57 -9.54 -5.19 0.31
N LYS A 58 -10.30 -5.43 -0.75
CA LYS A 58 -10.44 -6.78 -1.29
C LYS A 58 -9.21 -7.25 -2.06
N TRP A 59 -8.71 -6.42 -2.96
CA TRP A 59 -7.65 -6.88 -3.84
C TRP A 59 -6.31 -6.94 -3.15
N CYS A 60 -6.13 -6.06 -2.18
CA CYS A 60 -4.90 -6.01 -1.41
C CYS A 60 -4.64 -7.30 -0.65
N GLN A 61 -5.71 -8.01 -0.27
CA GLN A 61 -5.57 -9.27 0.49
C GLN A 61 -4.78 -10.31 -0.31
N GLU A 62 -5.13 -10.46 -1.59
CA GLU A 62 -4.45 -11.40 -2.50
C GLU A 62 -3.00 -11.00 -2.67
N TYR A 63 -2.82 -9.71 -2.75
CA TYR A 63 -1.56 -9.08 -2.90
C TYR A 63 -0.71 -9.32 -1.65
N LEU A 64 -1.32 -9.19 -0.48
CA LEU A 64 -0.65 -9.33 0.82
C LEU A 64 -0.02 -10.68 1.00
N GLU A 65 -0.77 -11.72 0.72
CA GLU A 65 -0.31 -13.11 0.93
C GLU A 65 1.01 -13.33 0.20
N LYS A 66 1.00 -12.96 -1.03
CA LYS A 66 2.10 -13.17 -1.94
C LYS A 66 3.25 -12.17 -1.74
N ALA A 67 2.91 -10.92 -1.46
CA ALA A 67 3.89 -9.85 -1.30
C ALA A 67 4.72 -9.99 -0.03
N LEU A 68 4.17 -10.67 0.97
CA LEU A 68 4.88 -10.90 2.24
C LEU A 68 6.17 -11.68 2.03
N ASN A 69 6.28 -12.33 0.90
CA ASN A 69 7.45 -13.13 0.59
C ASN A 69 8.09 -12.59 -0.70
N LYS A 70 7.90 -11.27 -0.96
CA LYS A 70 8.43 -10.61 -2.16
C LYS A 70 7.75 -11.12 -3.42
N GLY B 1 2.09 -17.21 -17.48
CA GLY B 1 1.39 -16.46 -18.50
C GLY B 1 0.45 -15.46 -17.91
N SER B 2 0.37 -15.48 -16.60
CA SER B 2 -0.48 -14.59 -15.87
C SER B 2 0.27 -14.01 -14.69
N MET B 3 -0.27 -12.98 -14.12
CA MET B 3 0.28 -12.35 -12.96
C MET B 3 -0.82 -12.07 -11.97
N GLU B 4 -1.06 -13.01 -11.10
CA GLU B 4 -2.06 -12.85 -10.09
C GLU B 4 -1.44 -12.14 -8.90
N GLY B 5 -0.25 -12.57 -8.53
CA GLY B 5 0.42 -11.98 -7.43
C GLY B 5 1.18 -10.77 -7.85
N ILE B 6 0.98 -9.69 -7.15
CA ILE B 6 1.68 -8.49 -7.43
C ILE B 6 3.04 -8.55 -6.77
N SER B 7 4.02 -8.94 -7.57
CA SER B 7 5.37 -9.12 -7.13
C SER B 7 6.02 -7.81 -6.72
N ILE B 8 6.11 -7.61 -5.42
CA ILE B 8 6.71 -6.44 -4.85
C ILE B 8 7.65 -6.90 -3.76
N TYR B 9 8.00 -6.05 -2.83
CA TYR B 9 8.89 -6.45 -1.77
C TYR B 9 8.35 -5.99 -0.44
N THR B 10 8.78 -6.65 0.58
CA THR B 10 8.39 -6.34 1.90
C THR B 10 9.56 -5.67 2.60
N SER B 11 9.28 -4.76 3.46
CA SER B 11 10.30 -4.06 4.17
C SER B 11 9.88 -3.95 5.61
N ASP B 12 10.86 -3.78 6.48
CA ASP B 12 10.59 -3.56 7.87
C ASP B 12 10.21 -2.12 8.03
N ASN B 13 10.99 -1.26 7.38
CA ASN B 13 10.80 0.19 7.34
C ASN B 13 11.98 0.81 6.59
N TYR B 14 11.80 1.99 6.06
CA TYR B 14 12.79 2.65 5.24
C TYR B 14 12.89 4.13 5.58
N THR B 15 13.32 4.95 4.64
CA THR B 15 13.33 6.39 4.81
C THR B 15 12.92 7.05 3.49
N GLU B 16 12.32 6.24 2.65
CA GLU B 16 11.86 6.67 1.33
C GLU B 16 10.81 7.79 1.43
N GLU B 17 10.08 7.78 2.50
CA GLU B 17 9.02 8.71 2.71
C GLU B 17 9.18 9.36 4.08
N MET B 18 9.07 10.66 4.13
CA MET B 18 9.17 11.37 5.40
C MET B 18 7.81 11.91 5.82
N GLY B 19 6.86 11.84 4.90
CA GLY B 19 5.53 12.30 5.20
C GLY B 19 4.58 11.13 5.31
N SER B 20 3.35 11.36 4.99
CA SER B 20 2.35 10.34 5.04
C SER B 20 1.20 10.68 4.08
N GLY B 21 0.33 9.73 3.82
CA GLY B 21 -0.82 9.97 2.98
C GLY B 21 -1.70 11.05 3.58
N ASP B 22 -1.91 12.10 2.85
CA ASP B 22 -2.68 13.26 3.31
C ASP B 22 -4.18 12.98 3.18
N TYR B 23 -4.51 12.06 2.29
CA TYR B 23 -5.89 11.70 1.96
C TYR B 23 -6.65 11.22 3.18
N ASP B 24 -7.72 11.93 3.49
CA ASP B 24 -8.55 11.67 4.67
C ASP B 24 -9.50 10.51 4.43
N SER B 25 -9.83 10.28 3.18
CA SER B 25 -10.75 9.24 2.83
C SER B 25 -10.11 7.88 2.99
N MET B 26 -10.47 7.17 4.03
CA MET B 26 -9.95 5.84 4.29
C MET B 26 -11.05 4.86 4.62
N LYS B 27 -11.62 4.32 3.58
CA LYS B 27 -12.67 3.33 3.65
C LYS B 27 -12.66 2.49 2.41
N GLU B 28 -12.33 1.24 2.58
CA GLU B 28 -12.25 0.32 1.50
C GLU B 28 -13.62 -0.18 1.03
N PRO B 29 -13.76 -0.47 -0.26
CA PRO B 29 -14.90 -1.16 -0.75
C PRO B 29 -14.60 -2.66 -0.80
N ALA B 30 -15.26 -3.43 0.03
CA ALA B 30 -15.06 -4.87 0.10
C ALA B 30 -15.48 -5.51 -1.19
N PHE B 31 -16.53 -4.99 -1.75
CA PHE B 31 -17.03 -5.43 -3.01
C PHE B 31 -16.22 -4.84 -4.16
N ARG B 32 -15.45 -3.78 -3.87
CA ARG B 32 -14.64 -3.02 -4.85
C ARG B 32 -15.50 -2.21 -5.79
N GLU B 33 -16.46 -2.84 -6.35
CA GLU B 33 -17.37 -2.20 -7.18
C GLU B 33 -18.67 -2.95 -7.03
N GLU B 34 -19.78 -2.27 -7.21
CA GLU B 34 -21.08 -2.86 -7.05
C GLU B 34 -21.24 -4.09 -7.94
N ASN B 35 -21.92 -5.08 -7.37
CA ASN B 35 -22.08 -6.43 -7.93
C ASN B 35 -20.78 -7.18 -7.75
N ALA B 36 -20.74 -8.03 -6.72
CA ALA B 36 -19.53 -8.76 -6.37
C ALA B 36 -19.07 -9.64 -7.52
N ASN B 37 -17.79 -9.58 -7.79
CA ASN B 37 -17.20 -10.33 -8.86
C ASN B 37 -16.73 -11.68 -8.37
N PHE B 38 -17.07 -12.71 -9.09
CA PHE B 38 -16.64 -14.04 -8.80
C PHE B 38 -16.12 -14.67 -10.06
N ASN B 39 -15.11 -15.47 -9.92
CA ASN B 39 -14.49 -16.12 -11.05
C ASN B 39 -15.20 -17.42 -11.37
N LYS B 40 -14.99 -18.41 -10.52
CA LYS B 40 -15.58 -19.71 -10.70
C LYS B 40 -16.03 -20.22 -9.35
N GLY A 1 24.48 10.29 -2.35
CA GLY A 1 23.64 10.92 -1.34
C GLY A 1 23.88 10.35 0.03
N MET A 2 23.03 9.41 0.44
CA MET A 2 23.13 8.68 1.74
C MET A 2 22.71 9.53 2.94
N LYS A 3 22.16 10.72 2.68
CA LYS A 3 21.70 11.57 3.78
C LYS A 3 20.36 11.15 4.40
N PRO A 4 19.29 11.00 3.60
CA PRO A 4 18.01 10.62 4.11
C PRO A 4 17.95 9.13 4.45
N VAL A 5 18.36 8.82 5.63
CA VAL A 5 18.31 7.48 6.13
C VAL A 5 17.53 7.43 7.42
N SER A 6 16.28 7.10 7.31
CA SER A 6 15.41 7.04 8.44
C SER A 6 14.80 5.65 8.53
N LEU A 7 15.17 4.94 9.56
CA LEU A 7 14.71 3.58 9.76
C LEU A 7 14.21 3.42 11.18
N SER A 8 13.33 2.45 11.38
CA SER A 8 12.76 2.10 12.69
C SER A 8 12.00 3.28 13.35
N TYR A 9 11.53 4.22 12.54
CA TYR A 9 10.73 5.31 13.09
C TYR A 9 9.27 4.87 13.21
N ARG A 10 8.38 5.77 13.59
CA ARG A 10 7.00 5.38 13.90
C ARG A 10 6.22 4.87 12.67
N CYS A 11 5.58 5.76 11.95
CA CYS A 11 4.78 5.35 10.82
C CYS A 11 5.22 6.04 9.53
N PRO A 12 5.77 5.27 8.55
CA PRO A 12 6.12 5.79 7.22
C PRO A 12 4.86 6.14 6.41
N CYS A 13 3.74 5.60 6.86
CA CYS A 13 2.46 5.81 6.23
C CYS A 13 1.38 6.12 7.29
N ARG A 14 0.78 7.29 7.17
CA ARG A 14 -0.32 7.67 8.04
C ARG A 14 -1.69 7.49 7.35
N PHE A 15 -1.94 8.30 6.33
CA PHE A 15 -3.22 8.31 5.64
C PHE A 15 -3.31 7.31 4.50
N PHE A 16 -4.50 6.76 4.33
CA PHE A 16 -4.80 5.79 3.28
C PHE A 16 -5.76 6.40 2.27
N GLU A 17 -5.62 5.98 1.03
CA GLU A 17 -6.46 6.43 -0.03
C GLU A 17 -7.56 5.41 -0.17
N SER A 18 -8.69 5.86 -0.60
CA SER A 18 -9.85 5.05 -0.67
C SER A 18 -10.17 4.61 -2.09
N HIS A 19 -10.85 3.47 -2.20
CA HIS A 19 -11.34 2.93 -3.48
C HIS A 19 -10.20 2.79 -4.49
N VAL A 20 -9.07 2.28 -4.05
CA VAL A 20 -7.91 2.21 -4.91
C VAL A 20 -7.96 0.98 -5.80
N ALA A 21 -7.66 1.20 -7.05
CA ALA A 21 -7.67 0.20 -8.06
C ALA A 21 -6.28 -0.37 -8.28
N ARG A 22 -6.19 -1.67 -8.38
CA ARG A 22 -4.96 -2.38 -8.62
C ARG A 22 -4.41 -2.01 -10.00
N ALA A 23 -5.31 -1.76 -10.94
CA ALA A 23 -4.95 -1.37 -12.30
C ALA A 23 -4.45 0.08 -12.36
N ASN A 24 -4.55 0.76 -11.25
CA ASN A 24 -4.10 2.14 -11.13
C ASN A 24 -2.72 2.23 -10.48
N VAL A 25 -2.27 1.13 -9.90
CA VAL A 25 -0.98 1.11 -9.24
C VAL A 25 -0.02 0.15 -9.94
N LYS A 26 1.22 0.58 -10.13
CA LYS A 26 2.21 -0.28 -10.76
C LYS A 26 3.23 -0.91 -9.80
N HIS A 27 3.26 -0.41 -8.57
CA HIS A 27 4.22 -0.90 -7.58
C HIS A 27 3.76 -0.63 -6.18
N LEU A 28 3.88 -1.62 -5.32
CA LEU A 28 3.55 -1.44 -3.93
C LEU A 28 4.65 -1.94 -3.04
N LYS A 29 4.50 -1.67 -1.78
CA LYS A 29 5.37 -2.15 -0.74
C LYS A 29 4.52 -2.56 0.43
N ILE A 30 4.89 -3.61 1.10
CA ILE A 30 4.17 -3.99 2.31
C ILE A 30 4.94 -3.57 3.51
N LEU A 31 4.40 -2.62 4.18
CA LEU A 31 5.01 -2.11 5.37
C LEU A 31 4.50 -2.81 6.58
N ASN A 32 5.08 -3.93 6.88
CA ASN A 32 4.75 -4.61 8.09
C ASN A 32 5.69 -4.16 9.16
N THR A 33 5.46 -2.96 9.59
CA THR A 33 6.29 -2.31 10.54
C THR A 33 6.02 -2.82 11.95
N PRO A 34 7.07 -3.11 12.72
CA PRO A 34 6.91 -3.46 14.14
C PRO A 34 6.48 -2.26 14.93
N ASN A 35 6.89 -1.11 14.44
CA ASN A 35 6.75 0.15 15.13
C ASN A 35 5.38 0.81 14.88
N CYS A 36 4.63 0.28 13.94
CA CYS A 36 3.35 0.85 13.57
C CYS A 36 2.47 -0.29 13.05
N ALA A 37 1.38 0.03 12.39
CA ALA A 37 0.50 -0.99 11.83
C ALA A 37 1.04 -1.46 10.47
N LEU A 38 0.36 -2.43 9.85
CA LEU A 38 0.75 -2.91 8.55
C LEU A 38 0.19 -1.92 7.53
N GLN A 39 1.07 -1.35 6.75
CA GLN A 39 0.72 -0.27 5.85
C GLN A 39 0.90 -0.72 4.41
N ILE A 40 0.07 -0.20 3.53
CA ILE A 40 0.13 -0.51 2.12
C ILE A 40 0.56 0.72 1.38
N VAL A 41 1.71 0.70 0.77
CA VAL A 41 2.20 1.88 0.09
C VAL A 41 2.36 1.61 -1.40
N ALA A 42 1.63 2.34 -2.20
CA ALA A 42 1.61 2.12 -3.63
C ALA A 42 2.09 3.32 -4.42
N ARG A 43 2.56 3.04 -5.60
CA ARG A 43 2.98 4.02 -6.58
C ARG A 43 2.02 3.94 -7.73
N LEU A 44 1.39 5.04 -8.06
CA LEU A 44 0.39 5.03 -9.11
C LEU A 44 1.07 4.98 -10.46
N LYS A 45 0.39 4.43 -11.43
CA LYS A 45 0.93 4.28 -12.76
C LYS A 45 1.06 5.62 -13.48
N ASN A 46 -0.06 6.11 -13.99
CA ASN A 46 -0.09 7.36 -14.78
C ASN A 46 -0.01 8.56 -13.89
N ASN A 47 -0.61 8.44 -12.72
CA ASN A 47 -0.64 9.55 -11.80
C ASN A 47 0.67 9.59 -10.99
N ASN A 48 1.45 8.50 -11.04
CA ASN A 48 2.86 8.42 -10.51
C ASN A 48 3.01 8.66 -8.97
N ARG A 49 1.95 8.96 -8.29
CA ARG A 49 2.09 9.35 -6.89
C ARG A 49 2.11 8.18 -5.95
N GLN A 50 2.81 8.34 -4.86
CA GLN A 50 2.92 7.34 -3.87
C GLN A 50 1.91 7.61 -2.79
N VAL A 51 1.08 6.65 -2.55
CA VAL A 51 0.00 6.81 -1.63
C VAL A 51 -0.25 5.48 -0.92
N CYS A 52 -0.99 5.51 0.14
CA CYS A 52 -1.29 4.32 0.89
C CYS A 52 -2.66 3.78 0.51
N ILE A 53 -2.78 2.48 0.43
CA ILE A 53 -4.04 1.83 0.08
C ILE A 53 -4.60 1.17 1.31
N ASP A 54 -5.90 1.19 1.46
CA ASP A 54 -6.55 0.53 2.54
C ASP A 54 -6.33 -0.98 2.45
N PRO A 55 -5.66 -1.60 3.47
CA PRO A 55 -5.40 -3.08 3.51
C PRO A 55 -6.67 -3.83 3.92
N LYS A 56 -7.75 -3.15 3.75
CA LYS A 56 -9.07 -3.55 4.12
C LYS A 56 -9.78 -4.11 2.90
N CYS A 57 -9.28 -3.72 1.72
CA CYS A 57 -9.92 -4.07 0.45
C CYS A 57 -9.88 -5.57 0.08
N LYS A 58 -10.38 -5.88 -1.12
CA LYS A 58 -10.45 -7.23 -1.63
C LYS A 58 -9.18 -7.65 -2.37
N TRP A 59 -8.69 -6.81 -3.28
CA TRP A 59 -7.55 -7.20 -4.11
C TRP A 59 -6.26 -7.23 -3.31
N CYS A 60 -6.19 -6.36 -2.32
CA CYS A 60 -5.06 -6.29 -1.43
C CYS A 60 -4.88 -7.60 -0.63
N GLN A 61 -5.97 -8.32 -0.35
CA GLN A 61 -5.87 -9.58 0.43
C GLN A 61 -5.06 -10.64 -0.32
N GLU A 62 -5.18 -10.65 -1.64
CA GLU A 62 -4.40 -11.57 -2.47
C GLU A 62 -2.97 -11.11 -2.45
N TYR A 63 -2.84 -9.82 -2.62
CA TYR A 63 -1.60 -9.10 -2.64
C TYR A 63 -0.78 -9.33 -1.35
N LEU A 64 -1.47 -9.32 -0.22
CA LEU A 64 -0.86 -9.54 1.09
C LEU A 64 -0.19 -10.88 1.19
N GLU A 65 -0.84 -11.87 0.63
CA GLU A 65 -0.32 -13.21 0.59
C GLU A 65 0.89 -13.32 -0.37
N LYS A 66 0.76 -12.70 -1.53
CA LYS A 66 1.76 -12.83 -2.60
C LYS A 66 3.03 -11.99 -2.34
N ALA A 67 2.87 -10.87 -1.71
CA ALA A 67 3.98 -9.95 -1.46
C ALA A 67 4.96 -10.45 -0.41
N LEU A 68 4.49 -11.33 0.46
CA LEU A 68 5.32 -11.86 1.53
C LEU A 68 6.53 -12.63 0.98
N ASN A 69 6.43 -13.08 -0.25
CA ASN A 69 7.50 -13.84 -0.85
C ASN A 69 8.44 -12.90 -1.65
N LYS A 70 8.13 -11.58 -1.62
CA LYS A 70 8.94 -10.59 -2.31
C LYS A 70 9.11 -10.90 -3.80
N GLY B 1 0.10 -10.70 -16.62
CA GLY B 1 1.16 -10.40 -15.67
C GLY B 1 0.63 -10.41 -14.26
N SER B 2 -0.08 -9.37 -13.90
CA SER B 2 -0.62 -9.29 -12.59
C SER B 2 -1.93 -10.06 -12.47
N MET B 3 -1.81 -11.35 -12.25
CA MET B 3 -2.96 -12.20 -12.00
C MET B 3 -2.97 -12.51 -10.52
N GLU B 4 -1.80 -12.78 -10.01
CA GLU B 4 -1.58 -12.95 -8.60
C GLU B 4 -0.20 -12.42 -8.23
N GLY B 5 0.75 -12.66 -9.11
CA GLY B 5 2.11 -12.27 -8.88
C GLY B 5 2.34 -10.81 -9.12
N ILE B 6 1.83 -9.99 -8.21
CA ILE B 6 2.08 -8.56 -8.25
C ILE B 6 3.55 -8.34 -7.96
N SER B 7 4.10 -9.25 -7.14
CA SER B 7 5.51 -9.31 -6.78
C SER B 7 6.11 -7.97 -6.37
N ILE B 8 5.99 -7.68 -5.11
CA ILE B 8 6.54 -6.49 -4.53
C ILE B 8 7.39 -6.96 -3.37
N TYR B 9 7.71 -6.11 -2.45
CA TYR B 9 8.55 -6.53 -1.36
C TYR B 9 8.00 -6.02 -0.05
N THR B 10 8.40 -6.67 0.99
CA THR B 10 8.05 -6.30 2.31
C THR B 10 9.12 -5.37 2.88
N SER B 11 8.70 -4.38 3.59
CA SER B 11 9.61 -3.44 4.18
C SER B 11 9.32 -3.37 5.68
N ASP B 12 10.39 -3.32 6.46
CA ASP B 12 10.28 -3.23 7.91
C ASP B 12 10.00 -1.80 8.32
N ASN B 13 10.62 -0.89 7.59
CA ASN B 13 10.50 0.54 7.79
C ASN B 13 11.48 1.14 6.80
N TYR B 14 11.26 2.37 6.33
CA TYR B 14 12.11 2.89 5.26
C TYR B 14 11.94 4.40 5.08
N THR B 15 12.66 4.96 4.12
CA THR B 15 12.73 6.41 3.96
C THR B 15 12.06 6.91 2.63
N GLU B 16 11.47 6.01 1.81
CA GLU B 16 10.81 6.46 0.55
C GLU B 16 9.64 7.37 0.83
N GLU B 17 8.97 7.11 1.92
CA GLU B 17 7.85 7.91 2.34
C GLU B 17 7.82 7.91 3.84
N MET B 18 7.80 9.09 4.40
CA MET B 18 7.80 9.27 5.84
C MET B 18 6.46 9.80 6.35
N GLY B 19 5.62 10.22 5.44
CA GLY B 19 4.34 10.74 5.81
C GLY B 19 3.24 9.88 5.26
N SER B 20 2.67 10.31 4.13
CA SER B 20 1.63 9.61 3.39
C SER B 20 1.02 10.58 2.40
N GLY B 21 -0.02 10.15 1.71
CA GLY B 21 -0.71 11.04 0.83
C GLY B 21 -1.61 11.98 1.62
N ASP B 22 -2.13 12.99 0.98
CA ASP B 22 -2.98 13.97 1.66
C ASP B 22 -4.40 13.48 1.81
N TYR B 23 -4.63 12.29 1.33
CA TYR B 23 -5.95 11.72 1.28
C TYR B 23 -6.45 11.31 2.65
N ASP B 24 -7.37 12.08 3.18
CA ASP B 24 -8.01 11.78 4.46
C ASP B 24 -9.10 10.73 4.24
N SER B 25 -9.57 10.66 3.02
CA SER B 25 -10.63 9.76 2.64
C SER B 25 -10.13 8.32 2.53
N MET B 26 -10.45 7.52 3.53
CA MET B 26 -10.12 6.11 3.55
C MET B 26 -11.39 5.31 3.60
N LYS B 27 -11.49 4.37 2.71
CA LYS B 27 -12.68 3.60 2.47
C LYS B 27 -12.40 2.66 1.33
N GLU B 28 -12.24 1.43 1.64
CA GLU B 28 -11.91 0.45 0.64
C GLU B 28 -13.03 0.28 -0.42
N PRO B 29 -12.68 -0.15 -1.67
CA PRO B 29 -13.60 -0.30 -2.80
C PRO B 29 -14.97 -0.89 -2.45
N ALA B 30 -14.97 -2.07 -1.79
CA ALA B 30 -16.21 -2.81 -1.45
C ALA B 30 -17.00 -3.16 -2.73
N PHE B 31 -16.29 -3.20 -3.84
CA PHE B 31 -16.91 -3.42 -5.13
C PHE B 31 -17.08 -4.90 -5.50
N ARG B 32 -16.54 -5.79 -4.65
CA ARG B 32 -16.64 -7.27 -4.83
C ARG B 32 -15.94 -7.74 -6.15
N GLU B 33 -15.26 -6.80 -6.81
CA GLU B 33 -14.59 -7.02 -8.09
C GLU B 33 -15.60 -7.38 -9.16
N GLU B 34 -16.82 -6.87 -9.00
CA GLU B 34 -17.91 -7.09 -9.94
C GLU B 34 -17.45 -6.67 -11.33
N ASN B 35 -17.17 -5.40 -11.49
CA ASN B 35 -16.59 -4.90 -12.71
C ASN B 35 -15.33 -4.13 -12.39
N ALA B 36 -14.99 -4.13 -11.09
CA ALA B 36 -13.80 -3.45 -10.54
C ALA B 36 -13.87 -1.94 -10.76
N ASN B 37 -12.77 -1.26 -10.58
CA ASN B 37 -12.75 0.17 -10.76
C ASN B 37 -11.82 0.53 -11.89
N PHE B 38 -12.38 0.68 -13.06
CA PHE B 38 -11.61 1.03 -14.22
C PHE B 38 -12.00 2.39 -14.74
N ASN B 39 -11.18 2.90 -15.63
CA ASN B 39 -11.39 4.16 -16.28
C ASN B 39 -10.42 4.21 -17.42
N LYS B 40 -10.85 4.74 -18.52
CA LYS B 40 -10.00 4.83 -19.69
C LYS B 40 -9.06 6.01 -19.50
N GLY A 1 21.91 18.00 8.04
CA GLY A 1 22.29 17.84 6.65
C GLY A 1 21.07 17.75 5.77
N MET A 2 21.28 17.38 4.52
CA MET A 2 20.20 17.29 3.55
C MET A 2 19.20 16.23 3.94
N LYS A 3 19.70 15.11 4.39
CA LYS A 3 18.83 14.03 4.78
C LYS A 3 19.20 13.49 6.15
N PRO A 4 18.44 13.85 7.17
CA PRO A 4 18.57 13.23 8.46
C PRO A 4 17.90 11.86 8.36
N VAL A 5 18.71 10.85 8.12
CA VAL A 5 18.20 9.54 7.85
C VAL A 5 17.79 8.82 9.11
N SER A 6 16.51 8.83 9.35
CA SER A 6 15.97 8.07 10.41
C SER A 6 15.68 6.67 9.88
N LEU A 7 16.61 5.77 10.11
CA LEU A 7 16.50 4.43 9.59
C LEU A 7 15.50 3.59 10.37
N SER A 8 15.03 4.13 11.47
CA SER A 8 14.01 3.49 12.23
C SER A 8 12.88 4.45 12.59
N TYR A 9 11.89 4.51 11.73
CA TYR A 9 10.70 5.24 12.03
C TYR A 9 9.53 4.26 12.03
N ARG A 10 8.35 4.71 12.36
CA ARG A 10 7.27 3.76 12.60
C ARG A 10 6.23 3.66 11.50
N CYS A 11 5.59 4.76 11.15
CA CYS A 11 4.54 4.68 10.15
C CYS A 11 4.85 5.61 8.97
N PRO A 12 5.14 5.07 7.76
CA PRO A 12 5.30 5.90 6.55
C PRO A 12 3.99 6.59 6.14
N CYS A 13 2.89 6.00 6.53
CA CYS A 13 1.58 6.49 6.16
C CYS A 13 0.90 7.13 7.33
N ARG A 14 0.27 8.24 7.11
CA ARG A 14 -0.56 8.84 8.13
C ARG A 14 -2.01 8.50 7.80
N PHE A 15 -2.35 8.65 6.54
CA PHE A 15 -3.66 8.35 6.04
C PHE A 15 -3.60 7.33 4.94
N PHE A 16 -4.72 6.72 4.66
CA PHE A 16 -4.81 5.71 3.64
C PHE A 16 -5.88 6.08 2.66
N GLU A 17 -5.69 5.68 1.44
CA GLU A 17 -6.63 5.92 0.43
C GLU A 17 -7.56 4.69 0.40
N SER A 18 -8.84 4.93 0.49
CA SER A 18 -9.83 3.88 0.58
C SER A 18 -9.94 3.05 -0.71
N HIS A 19 -9.99 3.69 -1.87
CA HIS A 19 -10.26 2.91 -3.08
C HIS A 19 -9.19 3.03 -4.13
N VAL A 20 -8.11 2.31 -3.93
CA VAL A 20 -7.02 2.31 -4.85
C VAL A 20 -7.13 1.13 -5.76
N ALA A 21 -6.95 1.36 -7.01
CA ALA A 21 -7.06 0.35 -7.99
C ALA A 21 -5.74 -0.38 -8.17
N ARG A 22 -5.81 -1.67 -8.12
CA ARG A 22 -4.70 -2.58 -8.30
C ARG A 22 -4.07 -2.40 -9.69
N ALA A 23 -4.90 -2.08 -10.65
CA ALA A 23 -4.47 -1.86 -12.01
C ALA A 23 -3.94 -0.43 -12.21
N ASN A 24 -4.07 0.40 -11.19
CA ASN A 24 -3.66 1.80 -11.27
C ASN A 24 -2.29 2.01 -10.63
N VAL A 25 -1.74 0.95 -10.05
CA VAL A 25 -0.44 1.04 -9.41
C VAL A 25 0.63 0.30 -10.23
N LYS A 26 1.80 0.92 -10.40
CA LYS A 26 2.89 0.27 -11.14
C LYS A 26 3.93 -0.37 -10.22
N HIS A 27 4.08 0.17 -9.04
CA HIS A 27 5.03 -0.35 -8.06
C HIS A 27 4.41 -0.26 -6.69
N LEU A 28 4.53 -1.30 -5.91
CA LEU A 28 3.85 -1.35 -4.65
C LEU A 28 4.85 -1.92 -3.61
N LYS A 29 4.72 -1.52 -2.36
CA LYS A 29 5.58 -2.00 -1.27
C LYS A 29 4.70 -2.45 -0.13
N ILE A 30 5.18 -3.42 0.63
CA ILE A 30 4.42 -3.89 1.76
C ILE A 30 4.99 -3.26 2.99
N LEU A 31 4.21 -2.54 3.71
CA LEU A 31 4.68 -1.96 4.92
C LEU A 31 4.09 -2.66 6.12
N ASN A 32 4.61 -3.84 6.40
CA ASN A 32 4.20 -4.56 7.58
C ASN A 32 5.10 -4.19 8.71
N THR A 33 4.71 -3.16 9.40
CA THR A 33 5.49 -2.59 10.43
C THR A 33 5.11 -3.16 11.80
N PRO A 34 6.09 -3.57 12.61
CA PRO A 34 5.82 -4.07 13.96
C PRO A 34 5.55 -2.92 14.94
N ASN A 35 6.09 -1.76 14.62
CA ASN A 35 5.95 -0.57 15.47
C ASN A 35 4.68 0.18 15.16
N CYS A 36 3.97 -0.27 14.16
CA CYS A 36 2.80 0.41 13.70
C CYS A 36 1.83 -0.68 13.19
N ALA A 37 0.86 -0.32 12.38
CA ALA A 37 -0.08 -1.31 11.85
C ALA A 37 0.39 -1.81 10.47
N LEU A 38 -0.53 -2.30 9.68
CA LEU A 38 -0.20 -2.77 8.36
C LEU A 38 -0.47 -1.59 7.39
N GLN A 39 0.55 -1.16 6.67
CA GLN A 39 0.42 -0.09 5.69
C GLN A 39 0.67 -0.64 4.29
N ILE A 40 0.10 -0.01 3.29
CA ILE A 40 0.25 -0.44 1.92
C ILE A 40 0.73 0.77 1.12
N VAL A 41 1.92 0.76 0.61
CA VAL A 41 2.37 1.93 -0.14
C VAL A 41 2.53 1.62 -1.61
N ALA A 42 1.93 2.44 -2.45
CA ALA A 42 1.99 2.19 -3.87
C ALA A 42 2.32 3.44 -4.65
N ARG A 43 2.89 3.22 -5.79
CA ARG A 43 3.24 4.22 -6.75
C ARG A 43 2.30 4.06 -7.91
N LEU A 44 1.53 5.08 -8.17
CA LEU A 44 0.50 5.00 -9.19
C LEU A 44 1.12 5.08 -10.58
N LYS A 45 0.45 4.48 -11.53
CA LYS A 45 0.89 4.46 -12.91
C LYS A 45 0.78 5.84 -13.57
N ASN A 46 -0.43 6.22 -13.97
CA ASN A 46 -0.64 7.49 -14.69
C ASN A 46 -0.62 8.68 -13.77
N ASN A 47 -1.18 8.52 -12.57
CA ASN A 47 -1.21 9.62 -11.62
C ASN A 47 0.18 9.80 -11.01
N ASN A 48 0.95 8.72 -11.05
CA ASN A 48 2.40 8.70 -10.69
C ASN A 48 2.65 9.06 -9.21
N ARG A 49 1.60 9.14 -8.43
CA ARG A 49 1.76 9.55 -7.05
C ARG A 49 2.01 8.36 -6.17
N GLN A 50 2.68 8.59 -5.07
CA GLN A 50 2.86 7.58 -4.10
C GLN A 50 1.82 7.79 -3.05
N VAL A 51 1.03 6.79 -2.83
CA VAL A 51 -0.07 6.89 -1.93
C VAL A 51 -0.10 5.65 -1.06
N CYS A 52 -0.87 5.68 -0.01
CA CYS A 52 -0.93 4.58 0.86
C CYS A 52 -2.31 4.01 0.72
N ILE A 53 -2.39 2.76 0.53
CA ILE A 53 -3.63 2.10 0.27
C ILE A 53 -4.12 1.51 1.59
N ASP A 54 -5.42 1.45 1.75
CA ASP A 54 -6.00 0.90 2.96
C ASP A 54 -5.90 -0.63 2.92
N PRO A 55 -5.27 -1.25 3.95
CA PRO A 55 -5.02 -2.71 4.00
C PRO A 55 -6.26 -3.55 4.31
N LYS A 56 -7.42 -2.94 4.32
CA LYS A 56 -8.65 -3.65 4.59
C LYS A 56 -9.36 -3.97 3.29
N CYS A 57 -8.81 -3.44 2.22
CA CYS A 57 -9.35 -3.59 0.87
C CYS A 57 -9.46 -5.04 0.40
N LYS A 58 -10.10 -5.24 -0.73
CA LYS A 58 -10.35 -6.57 -1.23
C LYS A 58 -9.14 -7.20 -1.95
N TRP A 59 -8.51 -6.47 -2.86
CA TRP A 59 -7.39 -7.04 -3.60
C TRP A 59 -6.15 -7.22 -2.74
N CYS A 60 -6.03 -6.37 -1.74
CA CYS A 60 -4.89 -6.42 -0.87
C CYS A 60 -4.80 -7.71 -0.08
N GLN A 61 -5.93 -8.32 0.23
CA GLN A 61 -5.92 -9.57 0.98
C GLN A 61 -5.21 -10.67 0.17
N GLU A 62 -5.32 -10.58 -1.16
CA GLU A 62 -4.62 -11.51 -2.05
C GLU A 62 -3.15 -11.13 -2.08
N TYR A 63 -2.91 -9.83 -2.31
CA TYR A 63 -1.57 -9.28 -2.38
C TYR A 63 -0.76 -9.55 -1.10
N LEU A 64 -1.42 -9.46 0.06
CA LEU A 64 -0.79 -9.66 1.36
C LEU A 64 -0.08 -10.98 1.43
N GLU A 65 -0.76 -12.03 1.05
CA GLU A 65 -0.19 -13.36 1.11
C GLU A 65 0.95 -13.56 0.11
N LYS A 66 0.74 -13.09 -1.11
CA LYS A 66 1.67 -13.33 -2.21
C LYS A 66 2.92 -12.45 -2.12
N ALA A 67 2.73 -11.21 -1.77
CA ALA A 67 3.80 -10.22 -1.74
C ALA A 67 4.83 -10.49 -0.66
N LEU A 68 4.42 -11.19 0.39
CA LEU A 68 5.33 -11.51 1.51
C LEU A 68 6.48 -12.42 1.06
N ASN A 69 6.47 -12.81 -0.20
CA ASN A 69 7.52 -13.61 -0.78
C ASN A 69 8.84 -12.81 -0.83
N LYS A 70 8.75 -11.49 -1.03
CA LYS A 70 9.97 -10.69 -1.04
C LYS A 70 9.96 -9.69 0.10
N GLY B 1 -1.88 -7.16 -10.22
CA GLY B 1 -2.27 -6.43 -11.43
C GLY B 1 -1.70 -7.09 -12.66
N SER B 2 -1.56 -8.39 -12.59
CA SER B 2 -1.00 -9.20 -13.64
C SER B 2 -1.31 -10.66 -13.33
N MET B 3 -0.97 -11.06 -12.12
CA MET B 3 -1.27 -12.37 -11.61
C MET B 3 -1.87 -12.16 -10.25
N GLU B 4 -2.14 -13.24 -9.53
CA GLU B 4 -2.64 -13.13 -8.17
C GLU B 4 -1.54 -12.54 -7.28
N GLY B 5 -0.31 -12.82 -7.67
CA GLY B 5 0.81 -12.23 -7.06
C GLY B 5 1.19 -10.98 -7.82
N ILE B 6 1.57 -9.95 -7.12
CA ILE B 6 1.91 -8.69 -7.74
C ILE B 6 3.43 -8.61 -7.98
N SER B 7 4.15 -9.35 -7.14
CA SER B 7 5.61 -9.43 -7.15
C SER B 7 6.24 -8.09 -6.79
N ILE B 8 6.40 -7.87 -5.49
CA ILE B 8 6.94 -6.64 -4.93
C ILE B 8 7.77 -7.01 -3.72
N TYR B 9 8.10 -6.06 -2.86
CA TYR B 9 8.96 -6.35 -1.73
C TYR B 9 8.41 -5.71 -0.43
N THR B 10 8.85 -6.25 0.69
CA THR B 10 8.47 -5.76 2.00
C THR B 10 9.45 -4.64 2.46
N SER B 11 8.94 -3.70 3.21
CA SER B 11 9.75 -2.67 3.82
C SER B 11 9.22 -2.41 5.23
N ASP B 12 10.11 -2.22 6.18
CA ASP B 12 9.70 -1.86 7.55
C ASP B 12 9.43 -0.38 7.58
N ASN B 13 10.31 0.33 6.94
CA ASN B 13 10.27 1.75 6.83
C ASN B 13 11.27 2.12 5.77
N TYR B 14 11.27 3.34 5.29
CA TYR B 14 12.18 3.65 4.22
C TYR B 14 12.66 5.10 4.14
N THR B 15 11.89 5.98 3.51
CA THR B 15 12.39 7.32 3.27
C THR B 15 11.34 8.37 2.93
N GLU B 16 10.77 8.26 1.73
CA GLU B 16 9.91 9.30 1.18
C GLU B 16 8.70 9.54 1.99
N GLU B 17 8.17 8.51 2.52
CA GLU B 17 6.94 8.63 3.23
C GLU B 17 7.21 8.56 4.71
N MET B 18 7.03 9.68 5.36
CA MET B 18 7.28 9.80 6.80
C MET B 18 5.99 9.95 7.58
N GLY B 19 4.91 10.07 6.86
CA GLY B 19 3.61 10.27 7.45
C GLY B 19 2.77 11.08 6.51
N SER B 20 2.66 10.59 5.32
CA SER B 20 1.97 11.26 4.26
C SER B 20 0.57 10.68 4.03
N GLY B 21 -0.09 11.12 2.96
CA GLY B 21 -1.42 10.67 2.65
C GLY B 21 -2.42 11.78 2.83
N ASP B 22 -2.82 12.36 1.73
CA ASP B 22 -3.79 13.46 1.73
C ASP B 22 -5.18 12.92 1.87
N TYR B 23 -5.35 11.74 1.35
CA TYR B 23 -6.62 11.06 1.31
C TYR B 23 -7.02 10.66 2.71
N ASP B 24 -7.96 11.39 3.25
CA ASP B 24 -8.43 11.17 4.61
C ASP B 24 -9.40 10.01 4.67
N SER B 25 -10.02 9.71 3.56
CA SER B 25 -10.97 8.65 3.49
C SER B 25 -10.28 7.31 3.34
N MET B 26 -10.13 6.62 4.45
CA MET B 26 -9.52 5.32 4.48
C MET B 26 -10.57 4.28 4.76
N LYS B 27 -10.15 3.06 4.95
CA LYS B 27 -11.01 1.91 5.21
C LYS B 27 -11.81 1.50 3.98
N GLU B 28 -11.37 0.46 3.31
CA GLU B 28 -12.15 -0.07 2.23
C GLU B 28 -12.91 -1.31 2.69
N PRO B 29 -14.23 -1.38 2.45
CA PRO B 29 -15.00 -2.59 2.72
C PRO B 29 -14.61 -3.68 1.71
N ALA B 30 -14.86 -4.94 2.04
CA ALA B 30 -14.49 -6.06 1.15
C ALA B 30 -15.17 -5.94 -0.20
N PHE B 31 -16.29 -5.28 -0.25
CA PHE B 31 -16.99 -5.05 -1.48
C PHE B 31 -17.82 -3.77 -1.37
N ARG B 32 -18.88 -3.87 -0.64
CA ARG B 32 -19.87 -2.81 -0.37
C ARG B 32 -21.08 -3.51 0.15
N GLU B 33 -21.31 -4.63 -0.44
CA GLU B 33 -22.35 -5.53 -0.09
C GLU B 33 -21.67 -6.81 0.34
N GLU B 34 -22.40 -7.76 0.84
CA GLU B 34 -21.78 -8.99 1.29
C GLU B 34 -21.70 -10.02 0.18
N ASN B 35 -22.38 -9.77 -0.92
CA ASN B 35 -22.23 -10.61 -2.08
C ASN B 35 -20.99 -10.14 -2.83
N ALA B 36 -19.85 -10.54 -2.32
CA ALA B 36 -18.56 -10.07 -2.78
C ALA B 36 -18.01 -10.96 -3.89
N ASN B 37 -18.89 -11.62 -4.61
CA ASN B 37 -18.51 -12.51 -5.71
C ASN B 37 -17.83 -11.74 -6.82
N PHE B 38 -18.13 -10.47 -6.89
CA PHE B 38 -17.55 -9.60 -7.89
C PHE B 38 -16.20 -9.10 -7.43
N ASN B 39 -15.20 -9.32 -8.24
CA ASN B 39 -13.86 -8.86 -7.94
C ASN B 39 -13.65 -7.49 -8.54
N LYS B 40 -12.70 -6.76 -8.04
CA LYS B 40 -12.44 -5.42 -8.48
C LYS B 40 -10.95 -5.30 -8.77
N GLY A 1 17.95 16.88 -2.97
CA GLY A 1 17.13 15.82 -3.55
C GLY A 1 16.70 14.84 -2.50
N MET A 2 16.79 13.57 -2.81
CA MET A 2 16.42 12.51 -1.85
C MET A 2 17.44 12.51 -0.71
N LYS A 3 16.95 12.55 0.50
CA LYS A 3 17.81 12.57 1.66
C LYS A 3 18.07 11.14 2.15
N PRO A 4 19.34 10.76 2.29
CA PRO A 4 19.70 9.46 2.83
C PRO A 4 19.40 9.41 4.32
N VAL A 5 19.05 8.24 4.82
CA VAL A 5 18.72 8.03 6.24
C VAL A 5 17.45 8.78 6.65
N SER A 6 16.34 8.09 6.62
CA SER A 6 15.08 8.63 7.06
C SER A 6 14.30 7.55 7.79
N LEU A 7 14.76 7.27 8.96
CA LEU A 7 14.19 6.24 9.80
C LEU A 7 13.40 6.89 10.90
N SER A 8 12.95 6.08 11.86
CA SER A 8 12.22 6.53 13.04
C SER A 8 10.84 7.11 12.69
N TYR A 9 10.40 6.92 11.45
CA TYR A 9 9.14 7.44 10.99
C TYR A 9 7.97 6.68 11.62
N ARG A 10 8.24 5.40 11.96
CA ARG A 10 7.25 4.46 12.55
C ARG A 10 6.14 4.15 11.57
N CYS A 11 5.29 5.10 11.34
CA CYS A 11 4.22 4.94 10.42
C CYS A 11 4.40 6.02 9.36
N PRO A 12 4.69 5.64 8.10
CA PRO A 12 4.96 6.60 7.04
C PRO A 12 3.70 7.36 6.64
N CYS A 13 2.61 6.68 6.61
CA CYS A 13 1.40 7.28 6.19
C CYS A 13 0.30 7.15 7.21
N ARG A 14 -0.10 8.26 7.76
CA ARG A 14 -1.21 8.27 8.68
C ARG A 14 -2.49 8.44 7.88
N PHE A 15 -2.33 8.89 6.65
CA PHE A 15 -3.41 9.01 5.72
C PHE A 15 -3.29 7.97 4.64
N PHE A 16 -4.41 7.55 4.14
CA PHE A 16 -4.51 6.49 3.17
C PHE A 16 -5.42 6.94 2.05
N GLU A 17 -5.33 6.29 0.93
CA GLU A 17 -6.18 6.53 -0.19
C GLU A 17 -7.24 5.43 -0.20
N SER A 18 -8.46 5.81 0.05
CA SER A 18 -9.57 4.89 0.13
C SER A 18 -9.77 4.15 -1.18
N HIS A 19 -9.73 2.82 -1.10
CA HIS A 19 -9.99 1.92 -2.21
C HIS A 19 -9.31 2.28 -3.52
N VAL A 20 -8.06 1.95 -3.59
CA VAL A 20 -7.26 2.16 -4.76
C VAL A 20 -7.42 0.99 -5.71
N ALA A 21 -7.46 1.28 -6.97
CA ALA A 21 -7.55 0.29 -7.99
C ALA A 21 -6.17 -0.33 -8.27
N ARG A 22 -6.12 -1.64 -8.37
CA ARG A 22 -4.90 -2.36 -8.73
C ARG A 22 -4.42 -1.92 -10.11
N ALA A 23 -5.36 -1.60 -10.96
CA ALA A 23 -5.08 -1.15 -12.30
C ALA A 23 -4.49 0.27 -12.30
N ASN A 24 -4.46 0.89 -11.13
CA ASN A 24 -3.93 2.25 -10.99
C ASN A 24 -2.55 2.21 -10.38
N VAL A 25 -2.13 1.06 -9.92
CA VAL A 25 -0.84 0.94 -9.26
C VAL A 25 0.10 0.01 -10.01
N LYS A 26 1.29 0.50 -10.33
CA LYS A 26 2.26 -0.32 -11.04
C LYS A 26 3.29 -0.99 -10.13
N HIS A 27 3.34 -0.59 -8.86
CA HIS A 27 4.30 -1.16 -7.92
C HIS A 27 3.88 -0.87 -6.50
N LEU A 28 4.00 -1.83 -5.62
CA LEU A 28 3.73 -1.60 -4.21
C LEU A 28 4.84 -2.13 -3.35
N LYS A 29 4.77 -1.76 -2.09
CA LYS A 29 5.64 -2.26 -1.07
C LYS A 29 4.77 -2.55 0.14
N ILE A 30 5.17 -3.48 0.94
CA ILE A 30 4.45 -3.78 2.14
C ILE A 30 5.15 -3.15 3.30
N LEU A 31 4.45 -2.33 4.02
CA LEU A 31 5.01 -1.76 5.18
C LEU A 31 4.63 -2.71 6.30
N ASN A 32 5.49 -3.67 6.52
CA ASN A 32 5.24 -4.69 7.51
C ASN A 32 6.24 -4.50 8.62
N THR A 33 5.92 -3.59 9.49
CA THR A 33 6.79 -3.27 10.58
C THR A 33 6.31 -3.86 11.87
N PRO A 34 7.21 -4.25 12.77
CA PRO A 34 6.84 -4.66 14.12
C PRO A 34 6.46 -3.43 14.95
N ASN A 35 6.87 -2.27 14.47
CA ASN A 35 6.70 -0.99 15.17
C ASN A 35 5.34 -0.34 14.93
N CYS A 36 4.79 -0.53 13.77
CA CYS A 36 3.51 0.09 13.45
C CYS A 36 2.64 -0.95 12.74
N ALA A 37 1.43 -0.58 12.36
CA ALA A 37 0.53 -1.48 11.66
C ALA A 37 1.02 -1.70 10.23
N LEU A 38 0.49 -2.73 9.61
CA LEU A 38 0.86 -3.07 8.27
C LEU A 38 0.19 -2.05 7.34
N GLN A 39 1.00 -1.35 6.62
CA GLN A 39 0.57 -0.29 5.73
C GLN A 39 0.88 -0.66 4.29
N ILE A 40 0.10 -0.15 3.39
CA ILE A 40 0.21 -0.52 2.00
C ILE A 40 0.72 0.66 1.21
N VAL A 41 1.92 0.58 0.68
CA VAL A 41 2.50 1.73 -0.04
C VAL A 41 2.54 1.43 -1.52
N ALA A 42 1.84 2.21 -2.29
CA ALA A 42 1.73 1.95 -3.71
C ALA A 42 2.21 3.09 -4.55
N ARG A 43 2.62 2.74 -5.74
CA ARG A 43 3.03 3.65 -6.77
C ARG A 43 1.99 3.63 -7.83
N LEU A 44 1.37 4.73 -8.01
CA LEU A 44 0.35 4.84 -9.02
C LEU A 44 0.95 5.03 -10.37
N LYS A 45 0.31 4.45 -11.32
CA LYS A 45 0.73 4.48 -12.68
C LYS A 45 0.59 5.88 -13.26
N ASN A 46 -0.65 6.33 -13.46
CA ASN A 46 -0.89 7.64 -14.08
C ASN A 46 -0.68 8.79 -13.11
N ASN A 47 -0.81 8.52 -11.82
CA ASN A 47 -0.67 9.56 -10.81
C ASN A 47 0.79 9.71 -10.39
N ASN A 48 1.59 8.64 -10.62
CA ASN A 48 3.07 8.62 -10.37
C ASN A 48 3.47 8.90 -8.93
N ARG A 49 2.56 8.74 -8.03
CA ARG A 49 2.81 9.05 -6.62
C ARG A 49 2.73 7.83 -5.76
N GLN A 50 3.40 7.88 -4.62
CA GLN A 50 3.24 6.89 -3.59
C GLN A 50 2.19 7.31 -2.64
N VAL A 51 1.33 6.41 -2.37
CA VAL A 51 0.25 6.64 -1.48
C VAL A 51 -0.01 5.34 -0.76
N CYS A 52 -0.78 5.39 0.28
CA CYS A 52 -1.10 4.19 0.98
C CYS A 52 -2.50 3.76 0.70
N ILE A 53 -2.65 2.50 0.45
CA ILE A 53 -3.93 1.90 0.13
C ILE A 53 -4.46 1.26 1.37
N ASP A 54 -5.76 1.24 1.51
CA ASP A 54 -6.34 0.60 2.63
C ASP A 54 -6.23 -0.93 2.46
N PRO A 55 -5.70 -1.64 3.48
CA PRO A 55 -5.53 -3.10 3.42
C PRO A 55 -6.84 -3.89 3.59
N LYS A 56 -7.96 -3.22 3.49
CA LYS A 56 -9.26 -3.86 3.63
C LYS A 56 -9.90 -4.11 2.30
N CYS A 57 -9.28 -3.59 1.29
CA CYS A 57 -9.77 -3.73 -0.07
C CYS A 57 -9.71 -5.20 -0.56
N LYS A 58 -10.35 -5.48 -1.68
CA LYS A 58 -10.44 -6.86 -2.15
C LYS A 58 -9.14 -7.38 -2.75
N TRP A 59 -8.52 -6.61 -3.62
CA TRP A 59 -7.34 -7.09 -4.32
C TRP A 59 -6.10 -7.12 -3.40
N CYS A 60 -6.05 -6.18 -2.46
CA CYS A 60 -4.93 -6.09 -1.54
C CYS A 60 -4.88 -7.28 -0.62
N GLN A 61 -6.04 -7.84 -0.30
CA GLN A 61 -6.15 -8.99 0.59
C GLN A 61 -5.28 -10.16 0.06
N GLU A 62 -5.42 -10.42 -1.23
CA GLU A 62 -4.68 -11.49 -1.92
C GLU A 62 -3.24 -11.07 -2.17
N TYR A 63 -3.05 -9.79 -2.41
CA TYR A 63 -1.75 -9.22 -2.60
C TYR A 63 -0.91 -9.39 -1.34
N LEU A 64 -1.58 -9.31 -0.19
CA LEU A 64 -0.96 -9.47 1.12
C LEU A 64 -0.33 -10.83 1.29
N GLU A 65 -1.09 -11.88 1.00
CA GLU A 65 -0.59 -13.26 1.15
C GLU A 65 0.69 -13.49 0.35
N LYS A 66 0.67 -13.01 -0.87
CA LYS A 66 1.82 -13.12 -1.77
C LYS A 66 2.97 -12.22 -1.33
N ALA A 67 2.63 -11.10 -0.76
CA ALA A 67 3.60 -10.11 -0.33
C ALA A 67 4.27 -10.46 0.97
N LEU A 68 3.61 -11.28 1.78
CA LEU A 68 4.18 -11.73 3.06
C LEU A 68 5.55 -12.35 2.86
N ASN A 69 5.76 -12.92 1.70
CA ASN A 69 7.04 -13.46 1.35
C ASN A 69 7.33 -13.12 -0.10
N LYS A 70 7.72 -11.85 -0.32
CA LYS A 70 8.13 -11.39 -1.65
C LYS A 70 7.04 -11.61 -2.70
N GLY B 1 -7.35 -10.45 -14.61
CA GLY B 1 -7.07 -11.86 -14.43
C GLY B 1 -7.88 -12.44 -13.29
N SER B 2 -9.03 -11.81 -13.02
CA SER B 2 -9.95 -12.22 -11.94
C SER B 2 -9.25 -12.04 -10.57
N MET B 3 -8.27 -11.12 -10.56
CA MET B 3 -7.42 -10.86 -9.41
C MET B 3 -6.49 -12.02 -9.16
N GLU B 4 -5.33 -11.92 -9.75
CA GLU B 4 -4.29 -12.93 -9.66
C GLU B 4 -3.54 -12.79 -8.34
N GLY B 5 -2.83 -11.70 -8.24
CA GLY B 5 -2.00 -11.42 -7.12
C GLY B 5 -1.03 -10.36 -7.54
N ILE B 6 -0.04 -10.07 -6.73
CA ILE B 6 0.96 -9.05 -7.09
C ILE B 6 2.37 -9.50 -6.71
N SER B 7 2.55 -9.91 -5.45
CA SER B 7 3.84 -10.38 -4.91
C SER B 7 4.90 -9.26 -4.92
N ILE B 8 5.10 -8.64 -3.79
CA ILE B 8 6.03 -7.52 -3.68
C ILE B 8 6.94 -7.71 -2.49
N TYR B 9 7.82 -6.77 -2.29
CA TYR B 9 8.78 -6.88 -1.21
C TYR B 9 8.27 -6.14 0.03
N THR B 10 8.75 -6.55 1.17
CA THR B 10 8.37 -5.96 2.41
C THR B 10 9.40 -4.91 2.83
N SER B 11 8.97 -3.90 3.51
CA SER B 11 9.84 -2.88 3.98
C SER B 11 9.66 -2.65 5.48
N ASP B 12 10.71 -2.95 6.21
CA ASP B 12 10.77 -2.72 7.64
C ASP B 12 11.09 -1.27 7.92
N ASN B 13 11.91 -0.69 7.09
CA ASN B 13 12.29 0.69 7.24
C ASN B 13 12.62 1.34 5.90
N TYR B 14 11.90 2.40 5.61
CA TYR B 14 12.12 3.18 4.41
C TYR B 14 13.18 4.23 4.58
N THR B 15 13.57 4.74 3.44
CA THR B 15 14.45 5.87 3.29
C THR B 15 13.95 6.68 2.09
N GLU B 16 13.41 5.94 1.11
CA GLU B 16 12.82 6.51 -0.08
C GLU B 16 11.54 7.27 0.26
N GLU B 17 10.75 6.72 1.16
CA GLU B 17 9.48 7.31 1.52
C GLU B 17 9.51 7.62 3.02
N MET B 18 9.36 8.87 3.37
CA MET B 18 9.41 9.27 4.77
C MET B 18 8.04 9.70 5.31
N GLY B 19 7.05 9.81 4.45
CA GLY B 19 5.75 10.25 4.92
C GLY B 19 4.89 10.87 3.82
N SER B 20 4.16 10.05 3.12
CA SER B 20 3.25 10.53 2.11
C SER B 20 1.79 10.26 2.52
N GLY B 21 0.84 10.80 1.75
CA GLY B 21 -0.56 10.59 2.06
C GLY B 21 -1.32 11.89 2.21
N ASP B 22 -1.55 12.58 1.10
CA ASP B 22 -2.28 13.87 1.14
C ASP B 22 -3.77 13.66 0.96
N TYR B 23 -4.16 12.42 0.79
CA TYR B 23 -5.52 12.07 0.53
C TYR B 23 -6.38 12.05 1.79
N ASP B 24 -7.55 12.66 1.70
CA ASP B 24 -8.48 12.81 2.83
C ASP B 24 -9.28 11.56 3.09
N SER B 25 -9.79 10.95 2.04
CA SER B 25 -10.52 9.70 2.15
C SER B 25 -9.52 8.62 2.46
N MET B 26 -9.52 8.15 3.70
CA MET B 26 -8.43 7.36 4.19
C MET B 26 -8.49 5.87 3.94
N LYS B 27 -9.11 5.17 4.82
CA LYS B 27 -8.95 3.75 4.84
C LYS B 27 -10.27 3.05 4.85
N GLU B 28 -11.21 3.67 4.20
CA GLU B 28 -12.48 3.08 4.00
C GLU B 28 -12.34 2.03 2.89
N PRO B 29 -12.83 0.77 3.12
CA PRO B 29 -12.67 -0.35 2.16
C PRO B 29 -13.36 -0.10 0.80
N ALA B 30 -13.34 -1.14 -0.07
CA ALA B 30 -13.88 -1.06 -1.44
C ALA B 30 -15.29 -0.50 -1.45
N PHE B 31 -16.22 -1.22 -0.88
CA PHE B 31 -17.58 -0.74 -0.82
C PHE B 31 -18.14 -0.84 0.58
N ARG B 32 -17.68 -1.86 1.32
CA ARG B 32 -18.03 -2.11 2.71
C ARG B 32 -19.55 -2.06 2.91
N GLU B 33 -20.25 -2.93 2.17
CA GLU B 33 -21.74 -3.10 2.15
C GLU B 33 -22.59 -1.83 1.82
N GLU B 34 -22.18 -0.68 2.34
CA GLU B 34 -22.89 0.59 2.19
C GLU B 34 -23.08 0.99 0.73
N ASN B 35 -22.00 1.37 0.10
CA ASN B 35 -22.07 1.93 -1.24
C ASN B 35 -21.55 0.97 -2.27
N ALA B 36 -22.42 0.31 -2.95
CA ALA B 36 -22.02 -0.55 -4.01
C ALA B 36 -22.19 0.18 -5.32
N ASN B 37 -21.21 0.99 -5.63
CA ASN B 37 -21.20 1.80 -6.85
C ASN B 37 -19.79 2.33 -7.06
N PHE B 38 -19.12 1.83 -8.07
CA PHE B 38 -17.77 2.24 -8.38
C PHE B 38 -17.78 3.51 -9.22
N ASN B 39 -17.17 4.55 -8.70
CA ASN B 39 -17.04 5.81 -9.42
C ASN B 39 -15.84 6.61 -8.94
N LYS B 40 -14.69 6.29 -9.50
CA LYS B 40 -13.45 6.95 -9.17
C LYS B 40 -12.43 6.61 -10.23
N GLY A 1 26.86 11.87 9.29
CA GLY A 1 27.31 10.89 8.31
C GLY A 1 26.14 10.24 7.62
N MET A 2 25.55 9.26 8.27
CA MET A 2 24.42 8.56 7.73
C MET A 2 23.58 8.06 8.89
N LYS A 3 22.46 7.51 8.58
CA LYS A 3 21.63 6.91 9.57
C LYS A 3 21.72 5.40 9.42
N PRO A 4 21.99 4.68 10.52
CA PRO A 4 22.07 3.20 10.52
C PRO A 4 20.77 2.57 10.02
N VAL A 5 20.83 1.32 9.62
CA VAL A 5 19.64 0.65 9.15
C VAL A 5 18.68 0.40 10.31
N SER A 6 17.53 1.02 10.22
CA SER A 6 16.53 0.96 11.26
C SER A 6 15.15 1.24 10.67
N LEU A 7 14.17 1.21 11.52
CA LEU A 7 12.80 1.49 11.17
C LEU A 7 12.25 2.48 12.18
N SER A 8 13.17 3.23 12.74
CA SER A 8 12.91 4.19 13.78
C SER A 8 12.50 5.55 13.15
N TYR A 9 11.97 5.51 11.96
CA TYR A 9 11.57 6.71 11.25
C TYR A 9 10.09 6.98 11.46
N ARG A 10 9.47 6.18 12.33
CA ARG A 10 8.05 6.27 12.67
C ARG A 10 7.16 5.83 11.50
N CYS A 11 5.88 5.75 11.73
CA CYS A 11 4.94 5.30 10.71
C CYS A 11 4.65 6.46 9.73
N PRO A 12 5.08 6.33 8.46
CA PRO A 12 4.93 7.39 7.44
C PRO A 12 3.54 7.41 6.79
N CYS A 13 2.82 6.33 6.94
CA CYS A 13 1.51 6.20 6.36
C CYS A 13 0.46 6.37 7.43
N ARG A 14 -0.28 7.45 7.35
CA ARG A 14 -1.30 7.72 8.35
C ARG A 14 -2.69 7.33 7.87
N PHE A 15 -3.09 7.88 6.76
CA PHE A 15 -4.41 7.63 6.23
C PHE A 15 -4.34 6.87 4.94
N PHE A 16 -5.34 6.09 4.69
CA PHE A 16 -5.36 5.24 3.53
C PHE A 16 -6.33 5.79 2.50
N GLU A 17 -6.01 5.59 1.23
CA GLU A 17 -6.86 5.99 0.16
C GLU A 17 -7.93 4.92 0.08
N SER A 18 -9.08 5.32 -0.27
CA SER A 18 -10.23 4.50 -0.14
C SER A 18 -10.49 3.66 -1.38
N HIS A 19 -10.21 4.22 -2.51
CA HIS A 19 -10.55 3.57 -3.75
C HIS A 19 -9.37 3.37 -4.66
N VAL A 20 -8.61 2.35 -4.37
CA VAL A 20 -7.45 2.03 -5.15
C VAL A 20 -7.63 0.72 -5.87
N ALA A 21 -7.32 0.74 -7.11
CA ALA A 21 -7.37 -0.38 -7.99
C ALA A 21 -5.96 -0.81 -8.29
N ARG A 22 -5.69 -2.10 -8.28
CA ARG A 22 -4.38 -2.61 -8.67
C ARG A 22 -4.01 -2.06 -10.07
N ALA A 23 -5.03 -1.87 -10.88
CA ALA A 23 -4.90 -1.37 -12.23
C ALA A 23 -4.37 0.08 -12.29
N ASN A 24 -4.41 0.83 -11.18
CA ASN A 24 -3.90 2.19 -11.21
C ASN A 24 -2.52 2.35 -10.55
N VAL A 25 -1.92 1.24 -10.12
CA VAL A 25 -0.60 1.30 -9.49
C VAL A 25 0.41 0.41 -10.26
N LYS A 26 1.63 0.91 -10.50
CA LYS A 26 2.62 0.11 -11.26
C LYS A 26 3.57 -0.61 -10.33
N HIS A 27 3.69 -0.11 -9.12
CA HIS A 27 4.54 -0.71 -8.12
C HIS A 27 3.92 -0.51 -6.78
N LEU A 28 3.90 -1.54 -6.00
CA LEU A 28 3.26 -1.50 -4.72
C LEU A 28 4.25 -2.05 -3.69
N LYS A 29 4.23 -1.47 -2.50
CA LYS A 29 5.08 -1.92 -1.40
C LYS A 29 4.21 -2.15 -0.19
N ILE A 30 4.53 -3.15 0.55
CA ILE A 30 3.81 -3.45 1.73
C ILE A 30 4.63 -2.93 2.91
N LEU A 31 4.05 -2.14 3.76
CA LEU A 31 4.74 -1.60 4.90
C LEU A 31 4.45 -2.46 6.10
N ASN A 32 5.27 -3.45 6.30
CA ASN A 32 5.07 -4.34 7.39
C ASN A 32 6.22 -4.22 8.36
N THR A 33 6.07 -3.29 9.25
CA THR A 33 7.06 -2.99 10.23
C THR A 33 6.65 -3.56 11.59
N PRO A 34 7.55 -4.33 12.24
CA PRO A 34 7.28 -4.92 13.58
C PRO A 34 6.83 -3.88 14.62
N ASN A 35 7.34 -2.66 14.51
CA ASN A 35 7.04 -1.61 15.49
C ASN A 35 5.73 -0.87 15.21
N CYS A 36 5.08 -1.18 14.12
CA CYS A 36 3.91 -0.43 13.73
C CYS A 36 2.87 -1.38 13.11
N ALA A 37 1.79 -0.84 12.60
CA ALA A 37 0.76 -1.66 11.99
C ALA A 37 1.06 -1.87 10.51
N LEU A 38 0.32 -2.76 9.89
CA LEU A 38 0.51 -3.11 8.51
C LEU A 38 -0.11 -2.02 7.63
N GLN A 39 0.73 -1.36 6.87
CA GLN A 39 0.37 -0.23 6.03
C GLN A 39 0.57 -0.61 4.57
N ILE A 40 -0.16 0.02 3.68
CA ILE A 40 -0.07 -0.31 2.26
C ILE A 40 0.42 0.93 1.53
N VAL A 41 1.50 0.81 0.77
CA VAL A 41 2.08 1.96 0.07
C VAL A 41 2.24 1.67 -1.43
N ALA A 42 1.57 2.41 -2.27
CA ALA A 42 1.61 2.15 -3.70
C ALA A 42 1.98 3.37 -4.50
N ARG A 43 2.52 3.11 -5.67
CA ARG A 43 2.92 4.14 -6.63
C ARG A 43 1.97 4.09 -7.81
N LEU A 44 1.34 5.21 -8.13
CA LEU A 44 0.44 5.23 -9.27
C LEU A 44 1.22 5.10 -10.55
N LYS A 45 0.56 4.70 -11.61
CA LYS A 45 1.23 4.43 -12.88
C LYS A 45 1.85 5.66 -13.53
N ASN A 46 1.10 6.38 -14.35
CA ASN A 46 1.64 7.58 -14.99
C ASN A 46 1.62 8.76 -14.04
N ASN A 47 0.73 8.70 -13.06
CA ASN A 47 0.60 9.78 -12.07
C ASN A 47 1.82 9.75 -11.15
N ASN A 48 2.29 8.54 -10.84
CA ASN A 48 3.50 8.33 -10.00
C ASN A 48 3.37 8.78 -8.57
N ARG A 49 2.19 9.12 -8.13
CA ARG A 49 2.07 9.55 -6.74
C ARG A 49 2.07 8.34 -5.84
N GLN A 50 2.73 8.45 -4.73
CA GLN A 50 2.79 7.37 -3.82
C GLN A 50 1.74 7.60 -2.74
N VAL A 51 0.87 6.65 -2.59
CA VAL A 51 -0.27 6.80 -1.72
C VAL A 51 -0.48 5.52 -0.91
N CYS A 52 -1.30 5.59 0.11
CA CYS A 52 -1.59 4.48 0.95
C CYS A 52 -2.89 3.87 0.52
N ILE A 53 -2.96 2.57 0.56
CA ILE A 53 -4.17 1.86 0.20
C ILE A 53 -4.75 1.28 1.49
N ASP A 54 -6.06 1.16 1.59
CA ASP A 54 -6.64 0.58 2.78
C ASP A 54 -6.53 -0.94 2.73
N PRO A 55 -5.94 -1.57 3.76
CA PRO A 55 -5.68 -3.02 3.79
C PRO A 55 -6.95 -3.88 3.95
N LYS A 56 -8.12 -3.26 4.04
CA LYS A 56 -9.35 -3.99 4.22
C LYS A 56 -10.13 -4.13 2.92
N CYS A 57 -9.51 -3.77 1.84
CA CYS A 57 -10.12 -3.91 0.51
C CYS A 57 -10.14 -5.41 0.04
N LYS A 58 -10.61 -5.66 -1.18
CA LYS A 58 -10.76 -7.04 -1.65
C LYS A 58 -9.48 -7.61 -2.29
N TRP A 59 -8.84 -6.87 -3.20
CA TRP A 59 -7.66 -7.40 -3.89
C TRP A 59 -6.45 -7.44 -2.97
N CYS A 60 -6.45 -6.56 -1.99
CA CYS A 60 -5.36 -6.45 -1.08
C CYS A 60 -5.16 -7.67 -0.22
N GLN A 61 -6.24 -8.39 0.10
CA GLN A 61 -6.15 -9.61 0.91
C GLN A 61 -5.20 -10.61 0.27
N GLU A 62 -5.35 -10.80 -1.02
CA GLU A 62 -4.51 -11.70 -1.76
C GLU A 62 -3.13 -11.11 -1.99
N TYR A 63 -3.04 -9.78 -2.16
CA TYR A 63 -1.74 -9.15 -2.32
C TYR A 63 -0.95 -9.33 -1.03
N LEU A 64 -1.64 -9.23 0.10
CA LEU A 64 -1.04 -9.39 1.42
C LEU A 64 -0.34 -10.72 1.56
N GLU A 65 -1.02 -11.77 1.17
CA GLU A 65 -0.45 -13.11 1.23
C GLU A 65 0.75 -13.25 0.30
N LYS A 66 0.66 -12.68 -0.89
CA LYS A 66 1.74 -12.76 -1.86
C LYS A 66 2.90 -11.81 -1.51
N ALA A 67 2.60 -10.82 -0.72
CA ALA A 67 3.60 -9.84 -0.29
C ALA A 67 4.48 -10.40 0.79
N LEU A 68 3.97 -11.41 1.50
CA LEU A 68 4.73 -12.10 2.56
C LEU A 68 5.98 -12.76 1.98
N ASN A 69 6.01 -12.89 0.65
CA ASN A 69 7.16 -13.41 -0.08
C ASN A 69 8.39 -12.58 0.21
N LYS A 70 8.24 -11.25 0.15
CA LYS A 70 9.31 -10.32 0.50
C LYS A 70 10.61 -10.59 -0.27
N GLY B 1 -0.97 -7.73 -16.21
CA GLY B 1 -0.40 -8.74 -15.35
C GLY B 1 -1.48 -9.58 -14.72
N SER B 2 -1.26 -10.89 -14.65
CA SER B 2 -2.20 -11.82 -14.06
C SER B 2 -2.52 -11.42 -12.62
N MET B 3 -3.79 -11.47 -12.27
CA MET B 3 -4.18 -11.01 -10.97
C MET B 3 -4.68 -12.11 -10.06
N GLU B 4 -3.77 -12.69 -9.35
CA GLU B 4 -4.13 -13.58 -8.26
C GLU B 4 -3.79 -12.81 -7.02
N GLY B 5 -2.59 -12.34 -7.02
CA GLY B 5 -2.10 -11.48 -6.00
C GLY B 5 -1.23 -10.47 -6.65
N ILE B 6 -0.09 -10.17 -6.04
CA ILE B 6 0.82 -9.20 -6.63
C ILE B 6 2.29 -9.64 -6.45
N SER B 7 2.62 -10.08 -5.23
CA SER B 7 3.99 -10.54 -4.87
C SER B 7 5.00 -9.40 -4.97
N ILE B 8 5.27 -8.78 -3.83
CA ILE B 8 6.13 -7.60 -3.79
C ILE B 8 7.13 -7.73 -2.64
N TYR B 9 7.84 -6.66 -2.36
CA TYR B 9 8.80 -6.65 -1.28
C TYR B 9 8.25 -5.76 -0.16
N THR B 10 8.71 -5.94 1.04
CA THR B 10 8.26 -5.10 2.11
C THR B 10 9.30 -4.03 2.37
N SER B 11 8.86 -2.87 2.69
CA SER B 11 9.74 -1.82 3.01
C SER B 11 9.79 -1.65 4.51
N ASP B 12 10.95 -1.88 5.09
CA ASP B 12 11.12 -1.75 6.53
C ASP B 12 11.31 -0.29 6.86
N ASN B 13 11.78 0.44 5.87
CA ASN B 13 12.09 1.84 6.01
C ASN B 13 11.84 2.57 4.71
N TYR B 14 11.18 3.70 4.79
CA TYR B 14 10.96 4.52 3.64
C TYR B 14 11.86 5.71 3.55
N THR B 15 12.55 5.76 2.46
CA THR B 15 13.33 6.88 2.06
C THR B 15 12.53 7.55 0.91
N GLU B 16 11.73 6.71 0.22
CA GLU B 16 10.86 7.13 -0.86
C GLU B 16 9.74 8.04 -0.38
N GLU B 17 9.28 7.78 0.82
CA GLU B 17 8.15 8.50 1.35
C GLU B 17 8.25 8.67 2.84
N MET B 18 8.28 9.90 3.29
CA MET B 18 8.35 10.15 4.70
C MET B 18 7.05 10.72 5.25
N GLY B 19 6.10 11.04 4.38
CA GLY B 19 4.87 11.60 4.87
C GLY B 19 3.83 11.82 3.82
N SER B 20 3.02 10.81 3.59
CA SER B 20 1.88 10.89 2.68
C SER B 20 0.77 9.98 3.17
N GLY B 21 -0.29 9.88 2.40
CA GLY B 21 -1.44 9.15 2.84
C GLY B 21 -2.32 10.11 3.56
N ASP B 22 -2.68 11.14 2.85
CA ASP B 22 -3.46 12.26 3.37
C ASP B 22 -4.96 12.04 3.20
N TYR B 23 -5.30 10.90 2.67
CA TYR B 23 -6.68 10.62 2.36
C TYR B 23 -7.46 10.19 3.59
N ASP B 24 -8.16 11.16 4.17
CA ASP B 24 -8.89 11.00 5.43
C ASP B 24 -10.07 10.07 5.32
N SER B 25 -10.56 9.90 4.10
CA SER B 25 -11.73 9.09 3.82
C SER B 25 -11.58 7.67 4.38
N MET B 26 -10.54 6.95 3.92
CA MET B 26 -10.25 5.57 4.36
C MET B 26 -11.52 4.67 4.20
N LYS B 27 -12.28 4.98 3.18
CA LYS B 27 -13.52 4.33 2.89
C LYS B 27 -13.28 3.09 2.04
N GLU B 28 -13.01 2.00 2.70
CA GLU B 28 -12.69 0.76 2.05
C GLU B 28 -13.91 0.16 1.31
N PRO B 29 -13.74 -0.30 0.08
CA PRO B 29 -14.80 -0.92 -0.66
C PRO B 29 -14.97 -2.41 -0.33
N ALA B 30 -14.04 -3.24 -0.85
CA ALA B 30 -14.05 -4.71 -0.71
C ALA B 30 -15.25 -5.32 -1.43
N PHE B 31 -16.42 -5.11 -0.88
CA PHE B 31 -17.65 -5.57 -1.46
C PHE B 31 -18.80 -4.85 -0.80
N ARG B 32 -18.82 -4.92 0.52
CA ARG B 32 -19.85 -4.30 1.34
C ARG B 32 -21.16 -5.02 1.31
N GLU B 33 -21.12 -6.16 1.96
CA GLU B 33 -22.24 -7.02 2.20
C GLU B 33 -21.66 -8.11 3.12
N GLU B 34 -22.14 -9.33 3.06
CA GLU B 34 -21.63 -10.34 3.98
C GLU B 34 -20.39 -11.06 3.46
N ASN B 35 -20.54 -12.01 2.56
CA ASN B 35 -19.40 -12.84 2.16
C ASN B 35 -19.60 -13.52 0.81
N ALA B 36 -18.67 -13.24 -0.11
CA ALA B 36 -18.50 -13.93 -1.42
C ALA B 36 -19.70 -13.88 -2.38
N ASN B 37 -20.74 -13.16 -2.02
CA ASN B 37 -21.93 -13.10 -2.87
C ASN B 37 -21.68 -12.22 -4.08
N PHE B 38 -21.00 -12.78 -5.06
CA PHE B 38 -20.64 -12.08 -6.28
C PHE B 38 -20.02 -13.09 -7.23
N ASN B 39 -19.24 -14.00 -6.65
CA ASN B 39 -18.53 -15.06 -7.37
C ASN B 39 -17.35 -14.52 -8.17
N LYS B 40 -16.24 -14.35 -7.51
CA LYS B 40 -15.01 -13.90 -8.12
C LYS B 40 -13.90 -13.99 -7.09
N GLY A 1 21.83 16.83 2.69
CA GLY A 1 21.02 17.48 3.74
C GLY A 1 20.94 16.60 4.95
N MET A 2 20.30 17.07 6.00
CA MET A 2 20.20 16.31 7.22
C MET A 2 18.85 15.63 7.33
N LYS A 3 18.84 14.35 7.13
CA LYS A 3 17.64 13.55 7.33
C LYS A 3 17.98 12.43 8.29
N PRO A 4 17.39 12.41 9.49
CA PRO A 4 17.62 11.33 10.43
C PRO A 4 16.92 10.05 9.97
N VAL A 5 17.59 9.30 9.11
CA VAL A 5 17.06 8.08 8.55
C VAL A 5 18.08 6.93 8.57
N SER A 6 18.09 6.22 9.65
CA SER A 6 18.95 5.08 9.81
C SER A 6 18.15 3.80 9.52
N LEU A 7 17.42 3.82 8.38
CA LEU A 7 16.52 2.72 7.97
C LEU A 7 15.43 2.64 9.07
N SER A 8 15.16 3.79 9.64
CA SER A 8 14.25 3.96 10.71
C SER A 8 13.90 5.44 10.76
N TYR A 9 12.69 5.76 11.15
CA TYR A 9 12.22 7.13 11.29
C TYR A 9 10.87 7.17 11.98
N ARG A 10 9.90 6.50 11.37
CA ARG A 10 8.55 6.35 11.90
C ARG A 10 7.75 5.59 10.84
N CYS A 11 6.49 5.35 11.09
CA CYS A 11 5.61 4.67 10.16
C CYS A 11 5.46 5.56 8.93
N PRO A 12 5.69 5.01 7.72
CA PRO A 12 5.63 5.78 6.45
C PRO A 12 4.37 6.67 6.29
N CYS A 13 3.21 6.20 6.71
CA CYS A 13 1.99 7.01 6.59
C CYS A 13 0.93 6.59 7.58
N ARG A 14 0.15 7.55 8.04
CA ARG A 14 -0.93 7.30 8.98
C ARG A 14 -2.29 7.23 8.30
N PHE A 15 -2.38 7.76 7.09
CA PHE A 15 -3.63 7.79 6.36
C PHE A 15 -3.65 6.79 5.23
N PHE A 16 -4.86 6.47 4.78
CA PHE A 16 -5.07 5.52 3.70
C PHE A 16 -6.12 6.08 2.78
N GLU A 17 -6.07 5.69 1.54
CA GLU A 17 -7.05 6.02 0.60
C GLU A 17 -8.09 4.90 0.68
N SER A 18 -9.34 5.22 0.40
CA SER A 18 -10.40 4.27 0.56
C SER A 18 -10.43 3.20 -0.54
N HIS A 19 -10.13 3.57 -1.78
CA HIS A 19 -10.22 2.62 -2.87
C HIS A 19 -9.29 2.92 -4.01
N VAL A 20 -8.14 2.31 -3.93
CA VAL A 20 -7.17 2.41 -4.97
C VAL A 20 -7.27 1.17 -5.82
N ALA A 21 -7.22 1.34 -7.11
CA ALA A 21 -7.32 0.24 -8.02
C ALA A 21 -5.97 -0.42 -8.20
N ARG A 22 -5.97 -1.73 -8.16
CA ARG A 22 -4.76 -2.53 -8.33
C ARG A 22 -4.18 -2.32 -9.73
N ALA A 23 -5.04 -1.95 -10.64
CA ALA A 23 -4.67 -1.72 -12.02
C ALA A 23 -3.95 -0.37 -12.22
N ASN A 24 -4.04 0.56 -11.26
CA ASN A 24 -3.45 1.87 -11.45
C ASN A 24 -2.12 2.04 -10.72
N VAL A 25 -1.64 0.98 -10.10
CA VAL A 25 -0.37 1.03 -9.37
C VAL A 25 0.70 0.21 -10.10
N LYS A 26 1.86 0.82 -10.37
CA LYS A 26 2.96 0.10 -11.05
C LYS A 26 4.02 -0.40 -10.11
N HIS A 27 4.05 0.15 -8.93
CA HIS A 27 4.99 -0.26 -7.93
C HIS A 27 4.33 -0.16 -6.60
N LEU A 28 4.47 -1.15 -5.80
CA LEU A 28 3.79 -1.19 -4.55
C LEU A 28 4.76 -1.72 -3.49
N LYS A 29 4.57 -1.33 -2.26
CA LYS A 29 5.39 -1.82 -1.16
C LYS A 29 4.48 -2.29 -0.07
N ILE A 30 4.85 -3.31 0.62
CA ILE A 30 4.06 -3.80 1.70
C ILE A 30 4.66 -3.33 3.02
N LEU A 31 3.97 -2.45 3.68
CA LEU A 31 4.43 -1.96 4.94
C LEU A 31 3.82 -2.71 6.05
N ASN A 32 4.24 -3.91 6.18
CA ASN A 32 3.82 -4.77 7.21
C ASN A 32 4.74 -4.57 8.40
N THR A 33 4.40 -3.55 9.15
CA THR A 33 5.21 -3.06 10.23
C THR A 33 4.67 -3.49 11.60
N PRO A 34 5.41 -4.34 12.31
CA PRO A 34 5.05 -4.75 13.67
C PRO A 34 5.05 -3.57 14.64
N ASN A 35 5.85 -2.55 14.34
CA ASN A 35 5.93 -1.37 15.22
C ASN A 35 4.81 -0.39 14.93
N CYS A 36 4.07 -0.62 13.86
CA CYS A 36 3.01 0.29 13.51
C CYS A 36 1.71 -0.45 13.22
N ALA A 37 1.45 -0.70 11.95
CA ALA A 37 0.26 -1.36 11.51
C ALA A 37 0.54 -2.05 10.20
N LEU A 38 -0.45 -2.64 9.60
CA LEU A 38 -0.30 -3.15 8.29
C LEU A 38 -0.66 -1.96 7.39
N GLN A 39 0.30 -1.48 6.64
CA GLN A 39 0.15 -0.28 5.85
C GLN A 39 0.49 -0.60 4.40
N ILE A 40 -0.17 0.07 3.47
CA ILE A 40 0.06 -0.22 2.06
C ILE A 40 0.52 1.05 1.38
N VAL A 41 1.69 1.03 0.77
CA VAL A 41 2.20 2.22 0.08
C VAL A 41 2.42 1.88 -1.39
N ALA A 42 1.73 2.59 -2.28
CA ALA A 42 1.84 2.29 -3.69
C ALA A 42 2.11 3.51 -4.54
N ARG A 43 2.72 3.26 -5.68
CA ARG A 43 3.07 4.25 -6.68
C ARG A 43 2.12 4.12 -7.84
N LEU A 44 1.45 5.17 -8.17
CA LEU A 44 0.52 5.12 -9.28
C LEU A 44 1.27 5.14 -10.59
N LYS A 45 0.69 4.53 -11.58
CA LYS A 45 1.28 4.45 -12.91
C LYS A 45 1.27 5.81 -13.62
N ASN A 46 0.13 6.15 -14.18
CA ASN A 46 -0.02 7.38 -14.97
C ASN A 46 0.09 8.62 -14.09
N ASN A 47 -0.31 8.47 -12.87
CA ASN A 47 -0.36 9.56 -11.93
C ASN A 47 1.02 9.73 -11.23
N ASN A 48 1.74 8.61 -11.05
CA ASN A 48 3.14 8.59 -10.50
C ASN A 48 3.20 8.99 -8.99
N ARG A 49 2.07 9.08 -8.34
CA ARG A 49 2.07 9.51 -6.91
C ARG A 49 2.10 8.31 -5.98
N GLN A 50 2.60 8.50 -4.78
CA GLN A 50 2.44 7.50 -3.75
C GLN A 50 1.23 7.77 -2.97
N VAL A 51 0.50 6.75 -2.74
CA VAL A 51 -0.68 6.84 -1.95
C VAL A 51 -0.70 5.62 -1.05
N CYS A 52 -1.37 5.71 0.05
CA CYS A 52 -1.45 4.61 0.94
C CYS A 52 -2.78 4.01 0.78
N ILE A 53 -2.82 2.73 0.65
CA ILE A 53 -4.05 2.06 0.37
C ILE A 53 -4.51 1.36 1.64
N ASP A 54 -5.80 1.24 1.84
CA ASP A 54 -6.34 0.49 2.97
C ASP A 54 -5.99 -0.99 2.85
N PRO A 55 -5.47 -1.61 3.91
CA PRO A 55 -5.02 -3.01 3.89
C PRO A 55 -6.15 -4.03 4.06
N LYS A 56 -7.37 -3.55 4.19
CA LYS A 56 -8.51 -4.43 4.38
C LYS A 56 -9.24 -4.63 3.07
N CYS A 57 -8.85 -3.85 2.10
CA CYS A 57 -9.46 -3.80 0.79
C CYS A 57 -9.55 -5.18 0.09
N LYS A 58 -10.40 -5.23 -0.92
CA LYS A 58 -10.71 -6.44 -1.66
C LYS A 58 -9.47 -7.10 -2.33
N TRP A 59 -8.65 -6.32 -3.03
CA TRP A 59 -7.55 -6.92 -3.79
C TRP A 59 -6.31 -7.13 -2.93
N CYS A 60 -6.16 -6.30 -1.92
CA CYS A 60 -4.99 -6.35 -1.08
C CYS A 60 -4.84 -7.65 -0.32
N GLN A 61 -5.96 -8.29 0.01
CA GLN A 61 -5.92 -9.59 0.69
C GLN A 61 -5.08 -10.59 -0.13
N GLU A 62 -5.25 -10.55 -1.44
CA GLU A 62 -4.52 -11.40 -2.38
C GLU A 62 -3.07 -11.00 -2.44
N TYR A 63 -2.82 -9.72 -2.39
CA TYR A 63 -1.48 -9.22 -2.47
C TYR A 63 -0.71 -9.51 -1.17
N LEU A 64 -1.41 -9.42 -0.05
CA LEU A 64 -0.83 -9.59 1.29
C LEU A 64 -0.15 -10.94 1.48
N GLU A 65 -0.87 -12.00 1.14
CA GLU A 65 -0.36 -13.34 1.28
C GLU A 65 0.91 -13.59 0.44
N LYS A 66 0.94 -12.98 -0.74
CA LYS A 66 2.11 -13.05 -1.60
C LYS A 66 3.24 -12.13 -1.13
N ALA A 67 2.90 -10.88 -0.89
CA ALA A 67 3.85 -9.79 -0.54
C ALA A 67 4.65 -10.06 0.71
N LEU A 68 4.15 -10.91 1.61
CA LEU A 68 4.89 -11.30 2.82
C LEU A 68 6.30 -11.73 2.44
N ASN A 69 6.42 -12.34 1.28
CA ASN A 69 7.68 -12.73 0.71
C ASN A 69 7.71 -12.27 -0.72
N LYS A 70 8.00 -10.97 -0.94
CA LYS A 70 8.06 -10.41 -2.30
C LYS A 70 6.73 -10.52 -3.02
N GLY B 1 1.07 -7.80 -12.33
CA GLY B 1 0.76 -8.17 -10.96
C GLY B 1 -0.73 -8.11 -10.68
N SER B 2 -1.52 -8.52 -11.66
CA SER B 2 -2.95 -8.51 -11.54
C SER B 2 -3.45 -9.89 -11.06
N MET B 3 -2.57 -10.86 -11.10
CA MET B 3 -2.89 -12.21 -10.64
C MET B 3 -1.68 -12.77 -9.91
N GLU B 4 -1.89 -13.76 -9.04
CA GLU B 4 -0.80 -14.38 -8.26
C GLU B 4 -0.17 -13.38 -7.31
N GLY B 5 -0.97 -12.47 -6.86
CA GLY B 5 -0.52 -11.45 -5.96
C GLY B 5 0.25 -10.40 -6.68
N ILE B 6 1.09 -9.71 -5.99
CA ILE B 6 1.88 -8.68 -6.59
C ILE B 6 3.29 -8.86 -6.08
N SER B 7 4.24 -9.07 -6.96
CA SER B 7 5.60 -9.27 -6.55
C SER B 7 6.29 -7.95 -6.30
N ILE B 8 6.28 -7.57 -5.05
CA ILE B 8 6.85 -6.33 -4.60
C ILE B 8 7.94 -6.65 -3.60
N TYR B 9 8.19 -5.75 -2.68
CA TYR B 9 9.16 -6.02 -1.67
C TYR B 9 8.62 -5.54 -0.33
N THR B 10 9.15 -6.09 0.71
CA THR B 10 8.80 -5.74 2.04
C THR B 10 9.94 -4.96 2.66
N SER B 11 9.62 -3.96 3.43
CA SER B 11 10.60 -3.16 4.09
C SER B 11 9.94 -2.61 5.33
N ASP B 12 10.70 -2.49 6.40
CA ASP B 12 10.14 -2.00 7.66
C ASP B 12 10.07 -0.47 7.61
N ASN B 13 11.19 0.14 7.34
CA ASN B 13 11.29 1.57 7.15
C ASN B 13 12.14 1.80 5.93
N TYR B 14 12.36 3.02 5.55
CA TYR B 14 13.12 3.30 4.35
C TYR B 14 14.24 4.29 4.57
N THR B 15 15.01 4.43 3.52
CA THR B 15 16.04 5.43 3.41
C THR B 15 15.82 6.18 2.10
N GLU B 16 15.47 5.42 1.07
CA GLU B 16 15.28 5.96 -0.27
C GLU B 16 13.95 6.67 -0.42
N GLU B 17 12.99 6.28 0.39
CA GLU B 17 11.68 6.83 0.28
C GLU B 17 11.28 7.38 1.65
N MET B 18 11.17 8.69 1.74
CA MET B 18 10.83 9.31 3.01
C MET B 18 9.41 9.89 2.97
N GLY B 19 8.78 9.85 1.81
CA GLY B 19 7.47 10.45 1.61
C GLY B 19 6.37 9.79 2.41
N SER B 20 5.14 10.19 2.18
CA SER B 20 4.05 9.68 2.93
C SER B 20 2.76 9.84 2.16
N GLY B 21 1.89 8.86 2.26
CA GLY B 21 0.56 8.97 1.70
C GLY B 21 -0.25 9.87 2.58
N ASP B 22 -0.38 11.10 2.18
CA ASP B 22 -1.05 12.13 2.96
C ASP B 22 -2.53 12.19 2.64
N TYR B 23 -2.96 11.25 1.86
CA TYR B 23 -4.33 11.16 1.43
C TYR B 23 -5.17 10.66 2.59
N ASP B 24 -5.90 11.59 3.18
CA ASP B 24 -6.62 11.39 4.43
C ASP B 24 -7.68 10.31 4.34
N SER B 25 -8.48 10.39 3.28
CA SER B 25 -9.59 9.49 2.98
C SER B 25 -10.28 8.83 4.22
N MET B 26 -9.90 7.56 4.52
CA MET B 26 -10.45 6.69 5.61
C MET B 26 -9.71 5.36 5.56
N LYS B 27 -10.18 4.36 6.28
CA LYS B 27 -9.70 3.01 6.11
C LYS B 27 -10.88 2.09 5.82
N GLU B 28 -11.37 2.20 4.61
CA GLU B 28 -12.49 1.41 4.17
C GLU B 28 -12.00 0.28 3.30
N PRO B 29 -12.48 -0.96 3.54
CA PRO B 29 -12.09 -2.11 2.74
C PRO B 29 -12.64 -2.01 1.30
N ALA B 30 -11.90 -1.28 0.47
CA ALA B 30 -12.23 -1.00 -0.93
C ALA B 30 -13.53 -0.19 -1.08
N PHE B 31 -14.63 -0.85 -0.85
CA PHE B 31 -15.94 -0.26 -1.01
C PHE B 31 -17.03 -1.02 -0.25
N ARG B 32 -16.71 -2.27 0.19
CA ARG B 32 -17.65 -3.15 0.90
C ARG B 32 -18.73 -3.59 -0.10
N GLU B 33 -19.65 -2.70 -0.42
CA GLU B 33 -20.63 -2.93 -1.45
C GLU B 33 -19.92 -2.68 -2.76
N GLU B 34 -20.04 -3.60 -3.70
CA GLU B 34 -19.20 -3.55 -4.86
C GLU B 34 -19.55 -2.42 -5.83
N ASN B 35 -18.86 -1.32 -5.65
CA ASN B 35 -18.90 -0.19 -6.53
C ASN B 35 -17.49 0.05 -7.01
N ALA B 36 -17.11 -0.69 -8.03
CA ALA B 36 -15.76 -0.64 -8.53
C ALA B 36 -15.64 0.30 -9.70
N ASN B 37 -16.74 0.71 -10.24
CA ASN B 37 -16.72 1.61 -11.37
C ASN B 37 -17.72 2.71 -11.20
N PHE B 38 -17.24 3.87 -10.92
CA PHE B 38 -18.08 5.02 -10.80
C PHE B 38 -17.44 6.13 -11.59
N ASN B 39 -17.87 6.28 -12.85
CA ASN B 39 -17.29 7.24 -13.81
C ASN B 39 -15.82 6.82 -14.08
N LYS B 40 -15.11 7.55 -14.86
CA LYS B 40 -13.74 7.23 -15.10
C LYS B 40 -12.87 8.29 -14.48
N GLY A 1 25.45 16.60 2.79
CA GLY A 1 24.53 15.49 2.65
C GLY A 1 23.18 15.82 3.20
N MET A 2 22.59 14.89 3.90
CA MET A 2 21.27 15.05 4.49
C MET A 2 21.15 14.09 5.64
N LYS A 3 19.99 13.99 6.25
CA LYS A 3 19.79 13.04 7.32
C LYS A 3 18.85 11.92 6.86
N PRO A 4 19.40 10.80 6.31
CA PRO A 4 18.60 9.65 5.88
C PRO A 4 18.35 8.70 7.04
N VAL A 5 18.91 9.05 8.18
CA VAL A 5 18.76 8.26 9.36
C VAL A 5 17.45 8.60 10.08
N SER A 6 16.43 7.90 9.69
CA SER A 6 15.11 8.07 10.24
C SER A 6 14.41 6.72 10.23
N LEU A 7 15.16 5.68 10.48
CA LEU A 7 14.62 4.34 10.47
C LEU A 7 13.72 4.14 11.68
N SER A 8 12.47 3.75 11.40
CA SER A 8 11.42 3.55 12.42
C SER A 8 11.05 4.90 13.10
N TYR A 9 11.27 6.01 12.38
CA TYR A 9 10.95 7.38 12.85
C TYR A 9 9.49 7.50 13.27
N ARG A 10 8.61 6.97 12.44
CA ARG A 10 7.17 7.02 12.57
C ARG A 10 6.65 5.91 11.68
N CYS A 11 5.38 5.94 11.41
CA CYS A 11 4.82 5.06 10.42
C CYS A 11 4.96 5.83 9.11
N PRO A 12 5.38 5.18 7.98
CA PRO A 12 5.61 5.88 6.69
C PRO A 12 4.42 6.72 6.27
N CYS A 13 3.24 6.21 6.48
CA CYS A 13 2.06 6.99 6.24
C CYS A 13 1.04 6.71 7.30
N ARG A 14 0.28 7.71 7.66
CA ARG A 14 -0.72 7.56 8.71
C ARG A 14 -2.12 7.37 8.11
N PHE A 15 -2.27 7.80 6.88
CA PHE A 15 -3.57 7.78 6.23
C PHE A 15 -3.61 6.81 5.07
N PHE A 16 -4.83 6.45 4.68
CA PHE A 16 -5.04 5.54 3.56
C PHE A 16 -5.99 6.22 2.61
N GLU A 17 -6.01 5.77 1.38
CA GLU A 17 -6.92 6.26 0.41
C GLU A 17 -8.14 5.32 0.45
N SER A 18 -9.27 5.86 0.16
CA SER A 18 -10.55 5.21 0.28
C SER A 18 -10.80 4.08 -0.73
N HIS A 19 -10.20 4.18 -1.91
CA HIS A 19 -10.44 3.21 -2.97
C HIS A 19 -9.36 3.17 -4.00
N VAL A 20 -8.40 2.33 -3.78
CA VAL A 20 -7.31 2.18 -4.69
C VAL A 20 -7.49 0.93 -5.54
N ALA A 21 -7.17 1.05 -6.78
CA ALA A 21 -7.34 0.01 -7.75
C ALA A 21 -5.99 -0.61 -8.07
N ARG A 22 -5.96 -1.91 -8.15
CA ARG A 22 -4.73 -2.61 -8.50
C ARG A 22 -4.21 -2.14 -9.89
N ALA A 23 -5.11 -1.58 -10.68
CA ALA A 23 -4.80 -1.09 -12.00
C ALA A 23 -4.19 0.32 -12.03
N ASN A 24 -4.30 1.10 -10.95
CA ASN A 24 -3.74 2.46 -11.01
C ASN A 24 -2.38 2.55 -10.37
N VAL A 25 -1.85 1.41 -9.93
CA VAL A 25 -0.55 1.38 -9.27
C VAL A 25 0.44 0.46 -10.02
N LYS A 26 1.69 0.92 -10.22
CA LYS A 26 2.67 0.08 -10.94
C LYS A 26 3.58 -0.64 -9.97
N HIS A 27 3.91 0.01 -8.89
CA HIS A 27 4.81 -0.54 -7.93
C HIS A 27 4.19 -0.43 -6.55
N LEU A 28 4.28 -1.49 -5.80
CA LEU A 28 3.60 -1.56 -4.53
C LEU A 28 4.61 -2.14 -3.51
N LYS A 29 4.51 -1.71 -2.27
CA LYS A 29 5.39 -2.19 -1.19
C LYS A 29 4.58 -2.63 0.01
N ILE A 30 5.13 -3.53 0.77
CA ILE A 30 4.50 -3.99 1.97
C ILE A 30 5.15 -3.32 3.13
N LEU A 31 4.43 -2.51 3.81
CA LEU A 31 4.95 -1.91 4.99
C LEU A 31 4.56 -2.69 6.18
N ASN A 32 5.23 -3.78 6.38
CA ASN A 32 4.97 -4.60 7.53
C ASN A 32 5.88 -4.20 8.67
N THR A 33 5.59 -3.02 9.18
CA THR A 33 6.39 -2.38 10.19
C THR A 33 6.08 -2.93 11.59
N PRO A 34 7.08 -3.52 12.27
CA PRO A 34 6.91 -4.04 13.64
C PRO A 34 6.51 -2.95 14.63
N ASN A 35 7.02 -1.76 14.42
CA ASN A 35 6.78 -0.64 15.33
C ASN A 35 5.46 0.06 15.02
N CYS A 36 4.77 -0.36 13.97
CA CYS A 36 3.54 0.28 13.65
C CYS A 36 2.45 -0.71 13.20
N ALA A 37 2.28 -0.90 11.90
CA ALA A 37 1.27 -1.79 11.36
C ALA A 37 1.71 -2.28 10.00
N LEU A 38 0.86 -3.02 9.32
CA LEU A 38 1.12 -3.40 7.96
C LEU A 38 0.33 -2.43 7.10
N GLN A 39 1.03 -1.66 6.33
CA GLN A 39 0.43 -0.65 5.51
C GLN A 39 0.63 -1.01 4.07
N ILE A 40 -0.29 -0.63 3.24
CA ILE A 40 -0.16 -0.88 1.84
C ILE A 40 0.29 0.40 1.17
N VAL A 41 1.50 0.41 0.66
CA VAL A 41 2.01 1.59 0.00
C VAL A 41 2.21 1.31 -1.48
N ALA A 42 1.63 2.14 -2.29
CA ALA A 42 1.71 1.96 -3.71
C ALA A 42 2.04 3.24 -4.43
N ARG A 43 2.60 3.08 -5.59
CA ARG A 43 2.96 4.18 -6.45
C ARG A 43 2.06 4.12 -7.69
N LEU A 44 1.39 5.22 -8.01
CA LEU A 44 0.44 5.25 -9.15
C LEU A 44 1.16 5.13 -10.48
N LYS A 45 0.48 4.53 -11.45
CA LYS A 45 1.03 4.37 -12.79
C LYS A 45 1.14 5.71 -13.55
N ASN A 46 0.01 6.21 -14.02
CA ASN A 46 -0.02 7.42 -14.86
C ASN A 46 0.30 8.71 -14.11
N ASN A 47 -0.03 8.76 -12.85
CA ASN A 47 0.20 9.98 -12.06
C ASN A 47 1.53 9.93 -11.32
N ASN A 48 1.92 8.72 -10.97
CA ASN A 48 3.11 8.44 -10.16
C ASN A 48 3.22 9.29 -8.93
N ARG A 49 2.53 8.86 -7.98
CA ARG A 49 2.55 9.39 -6.64
C ARG A 49 2.47 8.23 -5.73
N GLN A 50 2.89 8.40 -4.53
CA GLN A 50 2.74 7.38 -3.57
C GLN A 50 1.38 7.55 -2.91
N VAL A 51 0.70 6.48 -2.71
CA VAL A 51 -0.56 6.49 -2.07
C VAL A 51 -0.62 5.28 -1.14
N CYS A 52 -1.33 5.41 -0.06
CA CYS A 52 -1.47 4.32 0.83
C CYS A 52 -2.84 3.73 0.69
N ILE A 53 -2.90 2.47 0.58
CA ILE A 53 -4.09 1.76 0.30
C ILE A 53 -4.67 1.18 1.58
N ASP A 54 -5.99 1.20 1.71
CA ASP A 54 -6.62 0.64 2.88
C ASP A 54 -6.57 -0.89 2.77
N PRO A 55 -6.07 -1.58 3.82
CA PRO A 55 -5.93 -3.05 3.80
C PRO A 55 -7.26 -3.82 3.80
N LYS A 56 -8.37 -3.12 3.84
CA LYS A 56 -9.68 -3.73 3.84
C LYS A 56 -10.25 -3.89 2.43
N CYS A 57 -9.45 -3.58 1.46
CA CYS A 57 -9.85 -3.72 0.07
C CYS A 57 -9.94 -5.22 -0.37
N LYS A 58 -10.28 -5.43 -1.64
CA LYS A 58 -10.55 -6.78 -2.12
C LYS A 58 -9.33 -7.43 -2.74
N TRP A 59 -8.65 -6.71 -3.63
CA TRP A 59 -7.49 -7.27 -4.32
C TRP A 59 -6.30 -7.42 -3.39
N CYS A 60 -6.31 -6.63 -2.34
CA CYS A 60 -5.24 -6.62 -1.39
C CYS A 60 -5.10 -7.90 -0.61
N GLN A 61 -6.18 -8.63 -0.37
CA GLN A 61 -6.06 -9.93 0.32
C GLN A 61 -5.10 -10.86 -0.41
N GLU A 62 -5.19 -10.87 -1.73
CA GLU A 62 -4.30 -11.65 -2.57
C GLU A 62 -2.87 -11.15 -2.48
N TYR A 63 -2.75 -9.86 -2.41
CA TYR A 63 -1.47 -9.24 -2.27
C TYR A 63 -0.88 -9.51 -0.88
N LEU A 64 -1.69 -9.33 0.14
CA LEU A 64 -1.27 -9.45 1.53
C LEU A 64 -0.71 -10.80 1.88
N GLU A 65 -1.37 -11.84 1.44
CA GLU A 65 -0.91 -13.19 1.75
C GLU A 65 0.31 -13.60 0.91
N LYS A 66 0.27 -13.33 -0.38
CA LYS A 66 1.34 -13.75 -1.29
C LYS A 66 2.61 -12.89 -1.18
N ALA A 67 2.44 -11.57 -1.16
CA ALA A 67 3.57 -10.62 -1.20
C ALA A 67 4.54 -10.76 -0.04
N LEU A 68 4.05 -11.32 1.08
CA LEU A 68 4.85 -11.47 2.31
C LEU A 68 6.15 -12.24 2.07
N ASN A 69 6.21 -12.95 0.98
CA ASN A 69 7.36 -13.74 0.65
C ASN A 69 7.82 -13.45 -0.77
N LYS A 70 7.63 -12.19 -1.23
CA LYS A 70 7.98 -11.80 -2.61
C LYS A 70 7.17 -12.60 -3.63
N GLY B 1 -4.13 -18.46 -11.72
CA GLY B 1 -4.85 -18.25 -12.95
C GLY B 1 -4.70 -16.84 -13.46
N SER B 2 -3.71 -16.64 -14.34
CA SER B 2 -3.36 -15.34 -14.93
C SER B 2 -2.73 -14.40 -13.91
N MET B 3 -2.52 -14.90 -12.69
CA MET B 3 -1.94 -14.14 -11.61
C MET B 3 -1.70 -15.04 -10.44
N GLU B 4 -0.71 -14.73 -9.65
CA GLU B 4 -0.47 -15.47 -8.42
C GLU B 4 -0.91 -14.61 -7.25
N GLY B 5 -0.61 -13.34 -7.38
CA GLY B 5 -0.93 -12.36 -6.41
C GLY B 5 -0.17 -11.13 -6.78
N ILE B 6 0.32 -10.42 -5.83
CA ILE B 6 1.17 -9.30 -6.15
C ILE B 6 2.55 -9.59 -5.59
N SER B 7 3.42 -10.09 -6.44
CA SER B 7 4.75 -10.44 -6.05
C SER B 7 5.64 -9.19 -6.00
N ILE B 8 5.76 -8.65 -4.82
CA ILE B 8 6.56 -7.46 -4.57
C ILE B 8 7.52 -7.78 -3.43
N TYR B 9 7.96 -6.79 -2.71
CA TYR B 9 8.91 -7.04 -1.66
C TYR B 9 8.42 -6.46 -0.34
N THR B 10 8.96 -6.97 0.71
CA THR B 10 8.67 -6.58 2.04
C THR B 10 9.59 -5.43 2.47
N SER B 11 9.02 -4.45 3.15
CA SER B 11 9.77 -3.33 3.65
C SER B 11 9.62 -3.28 5.17
N ASP B 12 10.72 -3.10 5.87
CA ASP B 12 10.73 -3.06 7.34
C ASP B 12 10.22 -1.72 7.79
N ASN B 13 10.71 -0.69 7.11
CA ASN B 13 10.36 0.70 7.35
C ASN B 13 11.24 1.54 6.46
N TYR B 14 10.87 2.78 6.25
CA TYR B 14 11.63 3.72 5.46
C TYR B 14 11.05 5.11 5.65
N THR B 15 11.68 6.11 5.08
CA THR B 15 11.26 7.48 5.27
C THR B 15 10.77 8.06 3.90
N GLU B 16 10.22 7.19 3.08
CA GLU B 16 9.77 7.56 1.73
C GLU B 16 8.61 8.60 1.77
N GLU B 17 7.87 8.63 2.86
CA GLU B 17 6.75 9.56 2.99
C GLU B 17 6.91 10.27 4.36
N MET B 18 6.85 11.59 4.38
CA MET B 18 7.08 12.34 5.63
C MET B 18 5.82 13.04 6.20
N GLY B 19 4.69 13.04 5.50
CA GLY B 19 3.57 13.85 6.00
C GLY B 19 2.23 13.15 6.08
N SER B 20 1.77 12.59 4.96
CA SER B 20 0.44 11.95 4.81
C SER B 20 -0.68 13.00 4.85
N GLY B 21 -1.41 13.15 3.75
CA GLY B 21 -2.50 14.10 3.79
C GLY B 21 -3.36 14.16 2.55
N ASP B 22 -2.81 13.76 1.41
CA ASP B 22 -3.57 13.81 0.15
C ASP B 22 -4.65 12.75 0.19
N TYR B 23 -4.26 11.58 0.63
CA TYR B 23 -5.17 10.49 0.90
C TYR B 23 -5.83 10.65 2.27
N ASP B 24 -6.69 11.63 2.37
CA ASP B 24 -7.31 11.98 3.65
C ASP B 24 -8.47 11.05 4.01
N SER B 25 -9.14 10.53 3.00
CA SER B 25 -10.29 9.70 3.24
C SER B 25 -9.88 8.23 3.20
N MET B 26 -10.05 7.55 4.32
CA MET B 26 -9.64 6.14 4.46
C MET B 26 -10.87 5.28 4.85
N LYS B 27 -10.56 4.08 5.40
CA LYS B 27 -11.49 3.09 6.03
C LYS B 27 -12.41 2.39 5.05
N GLU B 28 -12.23 2.64 3.80
CA GLU B 28 -13.09 2.04 2.84
C GLU B 28 -12.49 0.82 2.15
N PRO B 29 -13.36 -0.16 1.76
CA PRO B 29 -12.95 -1.34 1.03
C PRO B 29 -12.59 -1.01 -0.44
N ALA B 30 -12.63 -2.02 -1.30
CA ALA B 30 -12.23 -1.84 -2.68
C ALA B 30 -13.13 -0.88 -3.46
N PHE B 31 -14.42 -1.14 -3.44
CA PHE B 31 -15.33 -0.35 -4.25
C PHE B 31 -16.70 -0.10 -3.62
N ARG B 32 -17.24 -1.11 -2.93
CA ARG B 32 -18.61 -1.05 -2.34
C ARG B 32 -19.73 -1.06 -3.41
N GLU B 33 -19.62 -0.20 -4.41
CA GLU B 33 -20.58 -0.17 -5.51
C GLU B 33 -20.50 -1.48 -6.29
N GLU B 34 -21.61 -2.18 -6.40
CA GLU B 34 -21.63 -3.50 -7.04
C GLU B 34 -21.22 -3.45 -8.50
N ASN B 35 -21.36 -2.30 -9.11
CA ASN B 35 -20.81 -2.08 -10.43
C ASN B 35 -19.45 -1.44 -10.24
N ALA B 36 -18.44 -2.26 -10.27
CA ALA B 36 -17.09 -1.79 -10.02
C ALA B 36 -16.41 -1.43 -11.32
N ASN B 37 -16.17 -0.16 -11.48
CA ASN B 37 -15.51 0.34 -12.66
C ASN B 37 -14.31 1.16 -12.26
N PHE B 38 -13.17 0.75 -12.72
CA PHE B 38 -11.95 1.46 -12.47
C PHE B 38 -11.43 2.08 -13.75
N ASN B 39 -11.19 3.37 -13.72
CA ASN B 39 -10.74 4.12 -14.88
C ASN B 39 -10.43 5.55 -14.45
N LYS B 40 -9.64 6.24 -15.22
CA LYS B 40 -9.30 7.60 -14.92
C LYS B 40 -10.35 8.50 -15.55
N GLY A 1 31.95 12.17 8.37
CA GLY A 1 31.38 11.04 7.63
C GLY A 1 29.93 10.88 7.97
N MET A 2 29.28 9.86 7.43
CA MET A 2 27.87 9.66 7.68
C MET A 2 27.55 8.19 7.75
N LYS A 3 26.42 7.88 8.32
CA LYS A 3 25.95 6.53 8.42
C LYS A 3 24.87 6.33 7.37
N PRO A 4 24.92 5.24 6.61
CA PRO A 4 23.94 4.95 5.53
C PRO A 4 22.60 4.43 6.08
N VAL A 5 22.30 4.77 7.31
CA VAL A 5 21.09 4.34 7.96
C VAL A 5 20.32 5.53 8.51
N SER A 6 19.03 5.39 8.59
CA SER A 6 18.16 6.39 9.16
C SER A 6 17.05 5.64 9.87
N LEU A 7 17.26 5.40 11.14
CA LEU A 7 16.38 4.56 11.92
C LEU A 7 15.28 5.35 12.60
N SER A 8 14.18 4.65 12.89
CA SER A 8 13.04 5.18 13.60
C SER A 8 12.32 6.29 12.83
N TYR A 9 11.33 5.92 12.05
CA TYR A 9 10.54 6.90 11.31
C TYR A 9 9.06 6.67 11.57
N ARG A 10 8.76 5.65 12.37
CA ARG A 10 7.42 5.23 12.77
C ARG A 10 6.57 4.75 11.60
N CYS A 11 5.86 5.67 10.96
CA CYS A 11 4.96 5.34 9.89
C CYS A 11 5.34 6.11 8.64
N PRO A 12 5.58 5.44 7.50
CA PRO A 12 5.87 6.12 6.25
C PRO A 12 4.69 6.98 5.81
N CYS A 13 3.51 6.47 6.01
CA CYS A 13 2.30 7.19 5.73
C CYS A 13 1.40 7.16 6.94
N ARG A 14 0.58 8.17 7.07
CA ARG A 14 -0.32 8.28 8.20
C ARG A 14 -1.75 7.83 7.90
N PHE A 15 -2.26 8.23 6.76
CA PHE A 15 -3.60 7.88 6.35
C PHE A 15 -3.58 7.06 5.09
N PHE A 16 -4.68 6.40 4.84
CA PHE A 16 -4.79 5.53 3.69
C PHE A 16 -5.82 6.10 2.72
N GLU A 17 -5.74 5.66 1.49
CA GLU A 17 -6.71 5.96 0.46
C GLU A 17 -7.51 4.72 0.09
N SER A 18 -8.80 4.85 0.16
CA SER A 18 -9.70 3.84 -0.29
C SER A 18 -10.03 4.08 -1.76
N HIS A 19 -10.78 3.15 -2.36
CA HIS A 19 -11.20 3.21 -3.74
C HIS A 19 -10.02 3.09 -4.68
N VAL A 20 -8.96 2.47 -4.20
CA VAL A 20 -7.78 2.28 -5.00
C VAL A 20 -7.90 1.01 -5.81
N ALA A 21 -7.73 1.15 -7.08
CA ALA A 21 -7.79 0.06 -7.97
C ALA A 21 -6.42 -0.47 -8.22
N ARG A 22 -6.28 -1.76 -8.17
CA ARG A 22 -5.02 -2.45 -8.37
C ARG A 22 -4.38 -2.11 -9.75
N ALA A 23 -5.20 -1.59 -10.65
CA ALA A 23 -4.77 -1.24 -11.98
C ALA A 23 -4.08 0.15 -12.06
N ASN A 24 -4.06 0.94 -10.97
CA ASN A 24 -3.47 2.29 -11.05
C ASN A 24 -2.08 2.34 -10.42
N VAL A 25 -1.59 1.20 -9.95
CA VAL A 25 -0.31 1.16 -9.26
C VAL A 25 0.75 0.35 -10.05
N LYS A 26 1.92 0.96 -10.29
CA LYS A 26 2.99 0.27 -10.99
C LYS A 26 4.06 -0.35 -10.08
N HIS A 27 4.00 -0.02 -8.81
CA HIS A 27 4.93 -0.55 -7.81
C HIS A 27 4.23 -0.53 -6.49
N LEU A 28 4.32 -1.60 -5.75
CA LEU A 28 3.57 -1.71 -4.54
C LEU A 28 4.50 -2.33 -3.47
N LYS A 29 4.30 -1.93 -2.23
CA LYS A 29 5.08 -2.42 -1.11
C LYS A 29 4.14 -2.82 -0.01
N ILE A 30 4.47 -3.86 0.69
CA ILE A 30 3.68 -4.22 1.80
C ILE A 30 4.43 -3.77 3.05
N LEU A 31 3.82 -2.91 3.78
CA LEU A 31 4.39 -2.41 4.99
C LEU A 31 3.75 -3.05 6.17
N ASN A 32 4.29 -4.15 6.59
CA ASN A 32 3.80 -4.86 7.75
C ASN A 32 4.70 -4.51 8.93
N THR A 33 4.99 -3.22 8.98
CA THR A 33 5.90 -2.62 9.92
C THR A 33 5.61 -2.95 11.36
N PRO A 34 6.58 -3.56 12.05
CA PRO A 34 6.47 -3.83 13.49
C PRO A 34 6.37 -2.52 14.28
N ASN A 35 6.86 -1.45 13.67
CA ASN A 35 6.87 -0.13 14.28
C ASN A 35 5.55 0.60 14.10
N CYS A 36 4.82 0.31 13.04
CA CYS A 36 3.62 1.05 12.81
C CYS A 36 2.38 0.15 12.70
N ALA A 37 1.98 -0.17 11.50
CA ALA A 37 0.80 -0.96 11.27
C ALA A 37 0.93 -1.69 9.97
N LEU A 38 -0.08 -2.47 9.62
CA LEU A 38 -0.10 -3.14 8.35
C LEU A 38 -0.63 -2.11 7.35
N GLN A 39 0.20 -1.73 6.43
CA GLN A 39 -0.11 -0.70 5.48
C GLN A 39 0.04 -1.24 4.08
N ILE A 40 -0.73 -0.69 3.17
CA ILE A 40 -0.61 -1.05 1.78
C ILE A 40 0.02 0.14 1.12
N VAL A 41 1.19 0.01 0.63
CA VAL A 41 1.88 1.18 0.12
C VAL A 41 2.10 1.05 -1.40
N ALA A 42 1.57 1.95 -2.18
CA ALA A 42 1.61 1.80 -3.62
C ALA A 42 1.93 3.09 -4.37
N ARG A 43 2.67 2.94 -5.46
CA ARG A 43 3.06 4.03 -6.33
C ARG A 43 2.18 4.05 -7.54
N LEU A 44 1.45 5.11 -7.70
CA LEU A 44 0.59 5.29 -8.84
C LEU A 44 1.36 5.51 -10.11
N LYS A 45 0.81 4.98 -11.16
CA LYS A 45 1.42 5.00 -12.47
C LYS A 45 1.44 6.41 -13.06
N ASN A 46 0.33 6.89 -13.55
CA ASN A 46 0.27 8.21 -14.19
C ASN A 46 0.26 9.33 -13.17
N ASN A 47 -0.32 9.07 -12.02
CA ASN A 47 -0.41 10.09 -10.98
C ASN A 47 0.98 10.27 -10.33
N ASN A 48 1.81 9.22 -10.46
CA ASN A 48 3.25 9.22 -10.03
C ASN A 48 3.39 9.35 -8.49
N ARG A 49 2.30 9.37 -7.79
CA ARG A 49 2.34 9.61 -6.36
C ARG A 49 2.47 8.33 -5.58
N GLN A 50 3.14 8.42 -4.47
CA GLN A 50 3.28 7.35 -3.55
C GLN A 50 2.11 7.51 -2.59
N VAL A 51 1.35 6.49 -2.39
CA VAL A 51 0.23 6.58 -1.51
C VAL A 51 0.01 5.26 -0.80
N CYS A 52 -0.70 5.28 0.28
CA CYS A 52 -1.05 4.09 0.96
C CYS A 52 -2.50 3.78 0.74
N ILE A 53 -2.75 2.55 0.49
CA ILE A 53 -4.07 2.04 0.24
C ILE A 53 -4.58 1.47 1.56
N ASP A 54 -5.86 1.54 1.76
CA ASP A 54 -6.46 1.05 3.00
C ASP A 54 -6.57 -0.48 2.93
N PRO A 55 -5.94 -1.21 3.90
CA PRO A 55 -5.85 -2.71 3.88
C PRO A 55 -7.17 -3.43 4.11
N LYS A 56 -8.25 -2.71 4.13
CA LYS A 56 -9.55 -3.31 4.26
C LYS A 56 -10.13 -3.61 2.88
N CYS A 57 -9.31 -3.35 1.90
CA CYS A 57 -9.56 -3.66 0.49
C CYS A 57 -9.79 -5.17 0.25
N LYS A 58 -10.23 -5.50 -0.95
CA LYS A 58 -10.52 -6.87 -1.29
C LYS A 58 -9.35 -7.56 -2.00
N TRP A 59 -8.76 -6.89 -2.99
CA TRP A 59 -7.68 -7.48 -3.79
C TRP A 59 -6.40 -7.67 -2.97
N CYS A 60 -6.34 -7.01 -1.86
CA CYS A 60 -5.20 -7.04 -1.03
C CYS A 60 -5.00 -8.35 -0.29
N GLN A 61 -6.07 -9.08 0.03
CA GLN A 61 -5.92 -10.39 0.73
C GLN A 61 -4.97 -11.30 -0.05
N GLU A 62 -5.20 -11.36 -1.35
CA GLU A 62 -4.36 -12.12 -2.27
C GLU A 62 -2.94 -11.58 -2.28
N TYR A 63 -2.82 -10.28 -2.34
CA TYR A 63 -1.53 -9.61 -2.40
C TYR A 63 -0.72 -9.78 -1.09
N LEU A 64 -1.41 -9.75 0.05
CA LEU A 64 -0.77 -9.84 1.38
C LEU A 64 0.06 -11.08 1.54
N GLU A 65 -0.50 -12.22 1.22
CA GLU A 65 0.20 -13.45 1.38
C GLU A 65 1.27 -13.69 0.31
N LYS A 66 1.06 -13.12 -0.87
CA LYS A 66 2.09 -13.18 -1.95
C LYS A 66 3.28 -12.30 -1.59
N ALA A 67 2.97 -11.11 -1.09
CA ALA A 67 3.97 -10.10 -0.70
C ALA A 67 4.93 -10.62 0.35
N LEU A 68 4.50 -11.64 1.09
CA LEU A 68 5.35 -12.31 2.07
C LEU A 68 6.62 -12.88 1.44
N ASN A 69 6.63 -13.00 0.09
CA ASN A 69 7.80 -13.44 -0.67
C ASN A 69 8.97 -12.55 -0.33
N LYS A 70 8.68 -11.25 -0.16
CA LYS A 70 9.63 -10.28 0.38
C LYS A 70 10.97 -10.27 -0.38
N GLY B 1 -3.98 -5.17 -12.40
CA GLY B 1 -2.70 -5.75 -12.05
C GLY B 1 -2.81 -7.26 -11.91
N SER B 2 -1.95 -7.83 -11.09
CA SER B 2 -1.96 -9.25 -10.83
C SER B 2 -3.22 -9.59 -10.02
N MET B 3 -4.11 -10.35 -10.62
CA MET B 3 -5.41 -10.58 -10.02
C MET B 3 -5.41 -11.65 -8.94
N GLU B 4 -4.57 -12.64 -9.05
CA GLU B 4 -4.56 -13.70 -8.04
C GLU B 4 -3.57 -13.41 -6.91
N GLY B 5 -2.88 -12.31 -7.01
CA GLY B 5 -1.94 -11.95 -5.98
C GLY B 5 -0.77 -11.22 -6.58
N ILE B 6 -0.22 -10.29 -5.84
CA ILE B 6 0.87 -9.47 -6.35
C ILE B 6 2.16 -9.82 -5.61
N SER B 7 3.13 -10.34 -6.33
CA SER B 7 4.40 -10.68 -5.74
C SER B 7 5.29 -9.44 -5.64
N ILE B 8 5.47 -8.94 -4.42
CA ILE B 8 6.28 -7.74 -4.18
C ILE B 8 7.23 -7.98 -3.01
N TYR B 9 7.91 -6.93 -2.57
CA TYR B 9 8.83 -7.05 -1.49
C TYR B 9 8.20 -6.49 -0.20
N THR B 10 8.65 -6.96 0.94
CA THR B 10 8.16 -6.47 2.21
C THR B 10 9.19 -5.54 2.80
N SER B 11 8.81 -4.34 3.13
CA SER B 11 9.70 -3.40 3.71
C SER B 11 9.48 -3.36 5.22
N ASP B 12 10.54 -3.58 5.96
CA ASP B 12 10.48 -3.53 7.42
C ASP B 12 10.55 -2.09 7.86
N ASN B 13 11.61 -1.42 7.42
CA ASN B 13 11.85 -0.02 7.72
C ASN B 13 12.59 0.63 6.56
N TYR B 14 11.96 1.55 5.87
CA TYR B 14 12.65 2.21 4.78
C TYR B 14 12.80 3.72 4.95
N THR B 15 13.63 4.29 4.11
CA THR B 15 13.99 5.69 4.21
C THR B 15 13.39 6.53 3.08
N GLU B 16 12.83 5.87 2.06
CA GLU B 16 12.26 6.58 0.89
C GLU B 16 11.05 7.43 1.27
N GLU B 17 10.41 7.04 2.34
CA GLU B 17 9.17 7.64 2.71
C GLU B 17 9.04 7.79 4.21
N MET B 18 9.13 9.02 4.64
CA MET B 18 8.92 9.38 6.03
C MET B 18 7.62 10.15 6.17
N GLY B 19 7.26 10.88 5.12
CA GLY B 19 6.06 11.69 5.15
C GLY B 19 5.09 11.34 4.04
N SER B 20 3.98 12.07 4.00
CA SER B 20 2.88 11.91 3.03
C SER B 20 1.86 10.84 3.42
N GLY B 21 0.84 10.69 2.61
CA GLY B 21 -0.26 9.82 2.93
C GLY B 21 -1.20 10.56 3.83
N ASP B 22 -1.38 11.82 3.50
CA ASP B 22 -2.20 12.77 4.27
C ASP B 22 -3.63 12.78 3.78
N TYR B 23 -3.92 11.88 2.89
CA TYR B 23 -5.17 11.87 2.18
C TYR B 23 -6.42 11.55 3.00
N ASP B 24 -7.55 11.90 2.43
CA ASP B 24 -8.86 11.86 3.05
C ASP B 24 -9.56 10.50 3.10
N SER B 25 -9.53 9.78 1.99
CA SER B 25 -10.37 8.60 1.85
C SER B 25 -9.89 7.40 2.62
N MET B 26 -10.27 7.30 3.86
CA MET B 26 -9.90 6.19 4.67
C MET B 26 -11.02 5.18 4.62
N LYS B 27 -10.72 3.98 5.04
CA LYS B 27 -11.68 2.88 5.13
C LYS B 27 -12.14 2.43 3.75
N GLU B 28 -11.55 1.37 3.27
CA GLU B 28 -11.90 0.82 1.99
C GLU B 28 -13.03 -0.19 2.14
N PRO B 29 -14.15 0.01 1.46
CA PRO B 29 -15.15 -1.01 1.36
C PRO B 29 -14.65 -2.03 0.34
N ALA B 30 -14.44 -3.26 0.79
CA ALA B 30 -13.80 -4.33 0.02
C ALA B 30 -14.25 -4.38 -1.45
N PHE B 31 -15.53 -4.52 -1.68
CA PHE B 31 -16.03 -4.62 -3.04
C PHE B 31 -16.65 -3.31 -3.52
N ARG B 32 -16.70 -2.31 -2.62
CA ARG B 32 -17.38 -1.02 -2.84
C ARG B 32 -18.85 -1.24 -3.04
N GLU B 33 -19.22 -1.56 -4.22
CA GLU B 33 -20.54 -1.97 -4.55
C GLU B 33 -20.38 -3.24 -5.34
N GLU B 34 -21.21 -4.21 -5.11
CA GLU B 34 -21.01 -5.47 -5.77
C GLU B 34 -21.43 -5.42 -7.22
N ASN B 35 -20.49 -5.07 -8.04
CA ASN B 35 -20.65 -5.15 -9.45
C ASN B 35 -20.16 -6.53 -9.85
N ALA B 36 -19.08 -6.96 -9.16
CA ALA B 36 -18.47 -8.30 -9.28
C ALA B 36 -18.00 -8.61 -10.69
N ASN B 37 -17.84 -7.60 -11.48
CA ASN B 37 -17.46 -7.76 -12.85
C ASN B 37 -16.37 -6.78 -13.22
N PHE B 38 -15.37 -7.25 -13.92
CA PHE B 38 -14.36 -6.37 -14.43
C PHE B 38 -14.95 -5.73 -15.66
N ASN B 39 -15.25 -4.46 -15.56
CA ASN B 39 -15.97 -3.75 -16.59
C ASN B 39 -15.17 -3.67 -17.88
N LYS B 40 -15.72 -4.25 -18.92
CA LYS B 40 -15.12 -4.19 -20.24
C LYS B 40 -15.70 -3.04 -21.02
N GLY A 1 22.25 16.44 10.20
CA GLY A 1 23.17 15.67 11.02
C GLY A 1 22.42 14.66 11.83
N MET A 2 23.14 13.64 12.31
CA MET A 2 22.57 12.55 13.11
C MET A 2 21.52 11.74 12.34
N LYS A 3 21.93 10.61 11.81
CA LYS A 3 21.01 9.72 11.15
C LYS A 3 21.16 8.31 11.72
N PRO A 4 20.30 7.97 12.69
CA PRO A 4 20.38 6.67 13.37
C PRO A 4 19.72 5.54 12.58
N VAL A 5 18.96 5.94 11.59
CA VAL A 5 18.18 5.05 10.72
C VAL A 5 17.07 4.32 11.52
N SER A 6 17.43 3.21 12.17
CA SER A 6 16.51 2.40 12.94
C SER A 6 15.39 1.81 12.04
N LEU A 7 14.46 1.14 12.64
CA LEU A 7 13.31 0.59 11.97
C LEU A 7 12.09 1.06 12.73
N SER A 8 12.30 2.07 13.53
CA SER A 8 11.26 2.64 14.31
C SER A 8 11.40 4.15 14.34
N TYR A 9 10.57 4.80 13.58
CA TYR A 9 10.51 6.25 13.56
C TYR A 9 9.04 6.54 13.34
N ARG A 10 8.64 7.78 13.16
CA ARG A 10 7.24 8.04 12.89
C ARG A 10 6.88 7.45 11.54
N CYS A 11 5.93 6.55 11.56
CA CYS A 11 5.61 5.68 10.43
C CYS A 11 5.08 6.50 9.23
N PRO A 12 5.57 6.17 8.00
CA PRO A 12 5.29 6.96 6.79
C PRO A 12 3.86 6.85 6.25
N CYS A 13 3.28 5.66 6.29
CA CYS A 13 1.96 5.47 5.73
C CYS A 13 0.92 5.75 6.79
N ARG A 14 0.37 6.94 6.75
CA ARG A 14 -0.53 7.36 7.79
C ARG A 14 -2.01 7.28 7.37
N PHE A 15 -2.38 8.00 6.34
CA PHE A 15 -3.75 8.02 5.87
C PHE A 15 -3.92 7.17 4.65
N PHE A 16 -5.08 6.55 4.53
CA PHE A 16 -5.33 5.63 3.45
C PHE A 16 -6.25 6.26 2.42
N GLU A 17 -6.20 5.73 1.23
CA GLU A 17 -7.07 6.10 0.19
C GLU A 17 -7.96 4.88 -0.04
N SER A 18 -9.21 5.09 -0.24
CA SER A 18 -10.15 4.00 -0.34
C SER A 18 -10.61 3.75 -1.76
N HIS A 19 -9.98 4.38 -2.70
CA HIS A 19 -10.45 4.28 -4.06
C HIS A 19 -9.34 3.84 -4.98
N VAL A 20 -8.37 3.15 -4.42
CA VAL A 20 -7.23 2.70 -5.17
C VAL A 20 -7.55 1.38 -5.86
N ALA A 21 -7.15 1.31 -7.09
CA ALA A 21 -7.37 0.18 -7.94
C ALA A 21 -6.07 -0.54 -8.18
N ARG A 22 -6.09 -1.84 -8.12
CA ARG A 22 -4.90 -2.63 -8.40
C ARG A 22 -4.34 -2.32 -9.84
N ALA A 23 -5.19 -1.75 -10.67
CA ALA A 23 -4.84 -1.39 -12.03
C ALA A 23 -4.13 -0.02 -12.14
N ASN A 24 -4.22 0.86 -11.13
CA ASN A 24 -3.54 2.16 -11.24
C ASN A 24 -2.21 2.14 -10.54
N VAL A 25 -1.85 0.98 -10.02
CA VAL A 25 -0.61 0.84 -9.32
C VAL A 25 0.29 -0.21 -9.95
N LYS A 26 1.58 0.10 -10.03
CA LYS A 26 2.54 -0.85 -10.61
C LYS A 26 3.44 -1.41 -9.53
N HIS A 27 3.62 -0.64 -8.48
CA HIS A 27 4.53 -1.01 -7.45
C HIS A 27 3.99 -0.65 -6.11
N LEU A 28 4.11 -1.57 -5.21
CA LEU A 28 3.76 -1.34 -3.85
C LEU A 28 4.87 -1.77 -2.96
N LYS A 29 4.75 -1.39 -1.75
CA LYS A 29 5.58 -1.86 -0.71
C LYS A 29 4.67 -2.25 0.39
N ILE A 30 4.92 -3.36 0.97
CA ILE A 30 4.11 -3.78 2.02
C ILE A 30 4.86 -3.45 3.28
N LEU A 31 4.35 -2.50 3.98
CA LEU A 31 5.00 -2.04 5.13
C LEU A 31 4.45 -2.83 6.28
N ASN A 32 4.84 -4.05 6.31
CA ASN A 32 4.42 -4.97 7.31
C ASN A 32 5.35 -4.91 8.47
N THR A 33 5.18 -3.84 9.19
CA THR A 33 6.04 -3.49 10.27
C THR A 33 5.56 -4.05 11.59
N PRO A 34 6.45 -4.68 12.33
CA PRO A 34 6.15 -5.12 13.71
C PRO A 34 5.98 -3.89 14.59
N ASN A 35 6.68 -2.86 14.22
CA ASN A 35 6.80 -1.67 15.00
C ASN A 35 5.61 -0.74 14.83
N CYS A 36 5.09 -0.65 13.62
CA CYS A 36 3.97 0.23 13.38
C CYS A 36 2.67 -0.55 13.24
N ALA A 37 2.30 -0.86 12.01
CA ALA A 37 1.11 -1.59 11.68
C ALA A 37 1.35 -2.28 10.35
N LEU A 38 0.33 -2.86 9.77
CA LEU A 38 0.44 -3.39 8.43
C LEU A 38 0.02 -2.23 7.53
N GLN A 39 0.92 -1.71 6.74
CA GLN A 39 0.62 -0.55 5.93
C GLN A 39 0.83 -0.86 4.46
N ILE A 40 0.06 -0.22 3.61
CA ILE A 40 0.11 -0.49 2.19
C ILE A 40 0.54 0.76 1.45
N VAL A 41 1.71 0.71 0.86
CA VAL A 41 2.24 1.88 0.17
C VAL A 41 2.25 1.60 -1.32
N ALA A 42 1.49 2.38 -2.07
CA ALA A 42 1.39 2.15 -3.49
C ALA A 42 1.91 3.30 -4.29
N ARG A 43 2.35 2.98 -5.48
CA ARG A 43 2.82 3.95 -6.41
C ARG A 43 1.99 3.86 -7.67
N LEU A 44 1.33 4.94 -8.00
CA LEU A 44 0.56 5.00 -9.20
C LEU A 44 1.42 5.00 -10.42
N LYS A 45 1.02 4.22 -11.34
CA LYS A 45 1.70 4.03 -12.59
C LYS A 45 1.54 5.21 -13.53
N ASN A 46 0.32 5.52 -13.86
CA ASN A 46 0.00 6.58 -14.78
C ASN A 46 0.09 7.95 -14.13
N ASN A 47 -0.32 8.05 -12.88
CA ASN A 47 -0.35 9.34 -12.20
C ASN A 47 0.99 9.61 -11.47
N ASN A 48 1.76 8.53 -11.25
CA ASN A 48 3.15 8.57 -10.67
C ASN A 48 3.17 9.08 -9.21
N ARG A 49 2.05 9.07 -8.57
CA ARG A 49 1.98 9.53 -7.17
C ARG A 49 1.94 8.36 -6.22
N GLN A 50 2.42 8.56 -5.01
CA GLN A 50 2.40 7.55 -4.00
C GLN A 50 1.22 7.76 -3.07
N VAL A 51 0.54 6.71 -2.77
CA VAL A 51 -0.59 6.78 -1.88
C VAL A 51 -0.71 5.50 -1.04
N CYS A 52 -1.44 5.56 0.04
CA CYS A 52 -1.66 4.42 0.86
C CYS A 52 -2.98 3.80 0.55
N ILE A 53 -3.01 2.52 0.52
CA ILE A 53 -4.21 1.81 0.29
C ILE A 53 -4.58 1.19 1.62
N ASP A 54 -5.83 1.16 1.97
CA ASP A 54 -6.20 0.51 3.22
C ASP A 54 -6.15 -1.02 3.06
N PRO A 55 -5.38 -1.73 3.94
CA PRO A 55 -5.18 -3.21 3.86
C PRO A 55 -6.43 -4.04 4.21
N LYS A 56 -7.48 -3.37 4.57
CA LYS A 56 -8.70 -3.99 4.97
C LYS A 56 -9.68 -3.93 3.79
N CYS A 57 -9.16 -3.50 2.66
CA CYS A 57 -9.94 -3.41 1.41
C CYS A 57 -10.18 -4.84 0.84
N LYS A 58 -10.60 -4.94 -0.40
CA LYS A 58 -10.88 -6.24 -1.00
C LYS A 58 -9.68 -6.83 -1.79
N TRP A 59 -9.05 -6.04 -2.64
CA TRP A 59 -8.00 -6.62 -3.51
C TRP A 59 -6.65 -6.74 -2.81
N CYS A 60 -6.47 -5.98 -1.76
CA CYS A 60 -5.25 -5.99 -0.97
C CYS A 60 -4.92 -7.38 -0.38
N GLN A 61 -5.94 -8.21 -0.08
CA GLN A 61 -5.68 -9.57 0.44
C GLN A 61 -4.82 -10.38 -0.54
N GLU A 62 -5.22 -10.33 -1.81
CA GLU A 62 -4.51 -11.04 -2.91
C GLU A 62 -3.06 -10.56 -3.00
N TYR A 63 -2.91 -9.30 -2.72
CA TYR A 63 -1.68 -8.61 -2.72
C TYR A 63 -0.80 -9.06 -1.54
N LEU A 64 -1.40 -9.19 -0.37
CA LEU A 64 -0.70 -9.48 0.88
C LEU A 64 0.03 -10.79 0.84
N GLU A 65 -0.68 -11.82 0.45
CA GLU A 65 -0.14 -13.18 0.41
C GLU A 65 1.14 -13.23 -0.44
N LYS A 66 1.07 -12.68 -1.63
CA LYS A 66 2.20 -12.71 -2.57
C LYS A 66 3.31 -11.73 -2.21
N ALA A 67 2.96 -10.71 -1.49
CA ALA A 67 3.92 -9.69 -1.06
C ALA A 67 4.83 -10.20 0.03
N LEU A 68 4.35 -11.20 0.76
CA LEU A 68 5.10 -11.80 1.84
C LEU A 68 6.23 -12.68 1.29
N ASN A 69 6.22 -12.90 -0.01
CA ASN A 69 7.22 -13.75 -0.66
C ASN A 69 8.58 -13.08 -0.67
N LYS A 70 8.64 -11.85 -1.16
CA LYS A 70 9.91 -11.16 -1.26
C LYS A 70 10.10 -10.21 -0.10
N GLY B 1 7.26 -12.71 -9.83
CA GLY B 1 6.80 -13.84 -10.62
C GLY B 1 5.35 -14.16 -10.32
N SER B 2 4.75 -13.34 -9.51
CA SER B 2 3.36 -13.52 -9.14
C SER B 2 2.47 -12.73 -10.09
N MET B 3 1.37 -13.32 -10.53
CA MET B 3 0.43 -12.59 -11.37
C MET B 3 -0.93 -12.48 -10.69
N GLU B 4 -1.32 -13.49 -9.92
CA GLU B 4 -2.59 -13.42 -9.19
C GLU B 4 -2.46 -12.49 -8.01
N GLY B 5 -1.25 -12.27 -7.61
CA GLY B 5 -0.92 -11.32 -6.60
C GLY B 5 0.18 -10.46 -7.13
N ILE B 6 0.57 -9.46 -6.41
CA ILE B 6 1.64 -8.62 -6.91
C ILE B 6 2.95 -9.05 -6.25
N SER B 7 4.02 -8.93 -6.94
CA SER B 7 5.28 -9.33 -6.45
C SER B 7 6.04 -8.10 -5.96
N ILE B 8 6.00 -7.88 -4.68
CA ILE B 8 6.69 -6.76 -4.08
C ILE B 8 7.53 -7.28 -2.94
N TYR B 9 8.20 -6.40 -2.24
CA TYR B 9 9.08 -6.82 -1.19
C TYR B 9 8.51 -6.45 0.17
N THR B 10 8.95 -7.15 1.19
CA THR B 10 8.52 -6.91 2.52
C THR B 10 9.36 -5.79 3.10
N SER B 11 8.71 -4.84 3.68
CA SER B 11 9.40 -3.75 4.29
C SER B 11 9.20 -3.82 5.78
N ASP B 12 10.28 -4.17 6.49
CA ASP B 12 10.26 -4.26 7.97
C ASP B 12 9.93 -2.90 8.52
N ASN B 13 10.45 -1.90 7.83
CA ASN B 13 10.20 -0.47 7.99
C ASN B 13 11.33 0.17 7.22
N TYR B 14 11.27 1.44 6.94
CA TYR B 14 12.36 2.08 6.22
C TYR B 14 12.40 3.56 6.43
N THR B 15 13.49 4.14 6.05
CA THR B 15 13.70 5.55 6.16
C THR B 15 13.89 6.11 4.73
N GLU B 16 13.54 5.26 3.76
CA GLU B 16 13.58 5.59 2.33
C GLU B 16 12.70 6.78 2.07
N GLU B 17 11.55 6.75 2.68
CA GLU B 17 10.57 7.76 2.51
C GLU B 17 10.19 8.24 3.89
N MET B 18 9.71 9.43 3.99
CA MET B 18 9.40 9.98 5.30
C MET B 18 7.94 9.81 5.62
N GLY B 19 7.10 9.92 4.62
CA GLY B 19 5.70 9.74 4.86
C GLY B 19 4.82 10.35 3.83
N SER B 20 3.63 9.81 3.69
CA SER B 20 2.64 10.28 2.75
C SER B 20 1.26 10.09 3.40
N GLY B 21 0.34 11.01 3.15
CA GLY B 21 -0.97 10.83 3.71
C GLY B 21 -1.82 12.09 3.77
N ASP B 22 -1.88 12.84 2.68
CA ASP B 22 -2.79 14.00 2.63
C ASP B 22 -4.13 13.55 2.09
N TYR B 23 -4.20 12.29 1.74
CA TYR B 23 -5.36 11.67 1.20
C TYR B 23 -6.43 11.49 2.27
N ASP B 24 -7.40 12.38 2.25
CA ASP B 24 -8.53 12.35 3.19
C ASP B 24 -9.51 11.27 2.79
N SER B 25 -9.43 10.91 1.52
CA SER B 25 -10.28 9.91 0.85
C SER B 25 -10.24 8.47 1.48
N MET B 26 -10.28 8.37 2.79
CA MET B 26 -10.35 7.11 3.47
C MET B 26 -11.81 6.71 3.62
N LYS B 27 -12.07 5.70 4.44
CA LYS B 27 -13.42 5.13 4.66
C LYS B 27 -13.75 4.24 3.48
N GLU B 28 -13.13 3.10 3.54
CA GLU B 28 -13.07 2.14 2.49
C GLU B 28 -14.40 1.52 2.05
N PRO B 29 -14.78 1.77 0.78
CA PRO B 29 -15.76 1.00 0.05
C PRO B 29 -15.01 0.33 -1.11
N ALA B 30 -13.80 -0.09 -0.80
CA ALA B 30 -12.83 -0.45 -1.78
C ALA B 30 -12.89 -1.90 -2.18
N PHE B 31 -13.75 -2.17 -3.10
CA PHE B 31 -13.83 -3.44 -3.71
C PHE B 31 -13.42 -3.35 -5.16
N ARG B 32 -12.98 -2.15 -5.55
CA ARG B 32 -12.43 -1.89 -6.90
C ARG B 32 -13.58 -1.89 -7.94
N GLU B 33 -14.79 -1.72 -7.43
CA GLU B 33 -16.02 -1.65 -8.22
C GLU B 33 -16.38 -3.00 -8.87
N GLU B 34 -15.93 -4.09 -8.25
CA GLU B 34 -16.25 -5.43 -8.73
C GLU B 34 -17.74 -5.73 -8.50
N ASN B 35 -18.16 -6.89 -8.92
CA ASN B 35 -19.57 -7.30 -8.77
C ASN B 35 -19.74 -8.01 -7.42
N ALA B 36 -18.60 -8.21 -6.72
CA ALA B 36 -18.55 -8.88 -5.43
C ALA B 36 -18.98 -10.33 -5.57
N ASN B 37 -19.29 -10.98 -4.48
CA ASN B 37 -19.77 -12.33 -4.56
C ASN B 37 -21.27 -12.31 -4.75
N PHE B 38 -21.68 -12.52 -5.97
CA PHE B 38 -23.07 -12.52 -6.30
C PHE B 38 -23.39 -13.77 -7.09
N ASN B 39 -24.31 -14.57 -6.56
CA ASN B 39 -24.74 -15.84 -7.14
C ASN B 39 -23.61 -16.87 -7.04
N LYS B 40 -22.66 -16.76 -7.92
CA LYS B 40 -21.53 -17.65 -8.01
C LYS B 40 -20.69 -17.16 -9.16
N GLY A 1 23.90 -0.15 10.83
CA GLY A 1 23.31 0.97 11.54
C GLY A 1 22.66 0.51 12.82
N MET A 2 23.46 0.05 13.74
CA MET A 2 22.95 -0.48 14.99
C MET A 2 22.96 0.58 16.07
N LYS A 3 21.82 1.16 16.32
CA LYS A 3 21.66 2.14 17.37
C LYS A 3 20.28 1.95 17.99
N PRO A 4 20.07 2.43 19.26
CA PRO A 4 18.80 2.25 20.00
C PRO A 4 17.56 2.78 19.26
N VAL A 5 16.40 2.49 19.85
CA VAL A 5 15.08 2.86 19.31
C VAL A 5 14.71 1.99 18.11
N SER A 6 13.75 1.11 18.31
CA SER A 6 13.26 0.28 17.26
C SER A 6 12.42 1.12 16.30
N LEU A 7 12.31 0.67 15.05
CA LEU A 7 11.64 1.38 13.97
C LEU A 7 12.48 2.65 13.67
N SER A 8 13.39 2.50 12.73
CA SER A 8 14.42 3.49 12.42
C SER A 8 13.92 4.68 11.57
N TYR A 9 12.64 4.99 11.66
CA TYR A 9 12.00 6.05 10.91
C TYR A 9 10.57 6.19 11.43
N ARG A 10 9.72 6.88 10.75
CA ARG A 10 8.32 6.95 11.18
C ARG A 10 7.50 6.06 10.29
N CYS A 11 6.28 5.79 10.67
CA CYS A 11 5.40 5.00 9.83
C CYS A 11 5.10 5.82 8.59
N PRO A 12 5.33 5.23 7.38
CA PRO A 12 5.16 5.93 6.09
C PRO A 12 3.91 6.80 5.95
N CYS A 13 2.77 6.36 6.46
CA CYS A 13 1.57 7.16 6.36
C CYS A 13 0.51 6.72 7.34
N ARG A 14 -0.33 7.66 7.73
CA ARG A 14 -1.44 7.38 8.59
C ARG A 14 -2.68 7.15 7.76
N PHE A 15 -2.82 7.96 6.74
CA PHE A 15 -3.99 7.93 5.91
C PHE A 15 -3.87 6.94 4.79
N PHE A 16 -5.00 6.40 4.42
CA PHE A 16 -5.09 5.46 3.33
C PHE A 16 -6.11 5.97 2.36
N GLU A 17 -5.91 5.72 1.10
CA GLU A 17 -6.83 6.14 0.10
C GLU A 17 -7.94 5.10 0.03
N SER A 18 -9.13 5.57 -0.01
CA SER A 18 -10.33 4.78 -0.04
C SER A 18 -10.38 3.71 -1.13
N HIS A 19 -10.13 4.09 -2.35
CA HIS A 19 -10.38 3.19 -3.45
C HIS A 19 -9.27 3.10 -4.44
N VAL A 20 -8.29 2.33 -4.12
CA VAL A 20 -7.20 2.10 -4.99
C VAL A 20 -7.40 0.82 -5.74
N ALA A 21 -7.23 0.91 -7.00
CA ALA A 21 -7.35 -0.19 -7.89
C ALA A 21 -5.98 -0.77 -8.11
N ARG A 22 -5.90 -2.05 -8.07
CA ARG A 22 -4.66 -2.79 -8.29
C ARG A 22 -4.07 -2.44 -9.68
N ALA A 23 -4.92 -2.01 -10.58
CA ALA A 23 -4.51 -1.65 -11.92
C ALA A 23 -3.93 -0.21 -12.03
N ASN A 24 -4.16 0.67 -11.03
CA ASN A 24 -3.61 2.03 -11.15
C ASN A 24 -2.26 2.19 -10.48
N VAL A 25 -1.70 1.12 -9.99
CA VAL A 25 -0.40 1.19 -9.36
C VAL A 25 0.65 0.42 -10.18
N LYS A 26 1.82 1.03 -10.38
CA LYS A 26 2.89 0.37 -11.14
C LYS A 26 3.91 -0.30 -10.24
N HIS A 27 3.93 0.10 -9.00
CA HIS A 27 4.87 -0.41 -8.02
C HIS A 27 4.23 -0.34 -6.66
N LEU A 28 4.35 -1.38 -5.90
CA LEU A 28 3.64 -1.46 -4.65
C LEU A 28 4.60 -2.00 -3.57
N LYS A 29 4.42 -1.56 -2.33
CA LYS A 29 5.22 -2.02 -1.22
C LYS A 29 4.31 -2.33 -0.06
N ILE A 30 4.61 -3.37 0.67
CA ILE A 30 3.82 -3.74 1.79
C ILE A 30 4.51 -3.28 3.07
N LEU A 31 3.81 -2.53 3.86
CA LEU A 31 4.34 -2.07 5.12
C LEU A 31 3.99 -3.02 6.22
N ASN A 32 4.81 -4.00 6.38
CA ASN A 32 4.62 -5.00 7.36
C ASN A 32 5.59 -4.72 8.49
N THR A 33 5.21 -3.78 9.32
CA THR A 33 6.04 -3.33 10.40
C THR A 33 5.57 -3.88 11.74
N PRO A 34 6.40 -4.65 12.44
CA PRO A 34 6.08 -5.15 13.78
C PRO A 34 5.77 -4.00 14.79
N ASN A 35 6.44 -2.87 14.60
CA ASN A 35 6.27 -1.69 15.51
C ASN A 35 5.10 -0.79 15.14
N CYS A 36 4.43 -1.07 14.05
CA CYS A 36 3.38 -0.18 13.59
C CYS A 36 2.26 -1.02 12.99
N ALA A 37 1.25 -0.40 12.45
CA ALA A 37 0.19 -1.13 11.79
C ALA A 37 0.63 -1.48 10.38
N LEU A 38 0.01 -2.50 9.81
CA LEU A 38 0.36 -2.90 8.48
C LEU A 38 -0.28 -1.90 7.51
N GLN A 39 0.55 -1.24 6.76
CA GLN A 39 0.14 -0.17 5.88
C GLN A 39 0.40 -0.59 4.45
N ILE A 40 -0.32 -0.03 3.52
CA ILE A 40 -0.10 -0.38 2.14
C ILE A 40 0.40 0.86 1.42
N VAL A 41 1.58 0.79 0.84
CA VAL A 41 2.16 1.94 0.16
C VAL A 41 2.43 1.62 -1.31
N ALA A 42 1.78 2.32 -2.20
CA ALA A 42 1.89 2.03 -3.61
C ALA A 42 2.17 3.29 -4.42
N ARG A 43 2.77 3.10 -5.58
CA ARG A 43 3.04 4.17 -6.49
C ARG A 43 2.09 4.10 -7.66
N LEU A 44 1.32 5.12 -7.81
CA LEU A 44 0.33 5.23 -8.79
C LEU A 44 1.01 5.47 -10.16
N LYS A 45 0.52 4.77 -11.18
CA LYS A 45 1.08 4.81 -12.54
C LYS A 45 1.17 6.19 -13.17
N ASN A 46 0.07 6.71 -13.64
CA ASN A 46 0.06 7.95 -14.44
C ASN A 46 0.33 9.19 -13.61
N ASN A 47 -0.14 9.21 -12.40
CA ASN A 47 0.01 10.39 -11.58
C ASN A 47 1.32 10.36 -10.78
N ASN A 48 2.04 9.20 -10.85
CA ASN A 48 3.39 9.00 -10.24
C ASN A 48 3.39 9.21 -8.73
N ARG A 49 2.22 9.22 -8.16
CA ARG A 49 2.05 9.53 -6.76
C ARG A 49 2.27 8.36 -5.91
N GLN A 50 2.60 8.62 -4.71
CA GLN A 50 2.71 7.62 -3.75
C GLN A 50 1.43 7.68 -2.96
N VAL A 51 0.73 6.61 -2.93
CA VAL A 51 -0.53 6.58 -2.28
C VAL A 51 -0.57 5.40 -1.34
N CYS A 52 -1.29 5.55 -0.29
CA CYS A 52 -1.43 4.49 0.64
C CYS A 52 -2.76 3.87 0.43
N ILE A 53 -2.83 2.59 0.50
CA ILE A 53 -4.03 1.89 0.22
C ILE A 53 -4.58 1.35 1.53
N ASP A 54 -5.87 1.30 1.68
CA ASP A 54 -6.45 0.77 2.89
C ASP A 54 -6.40 -0.75 2.81
N PRO A 55 -5.76 -1.43 3.80
CA PRO A 55 -5.57 -2.89 3.80
C PRO A 55 -6.86 -3.70 4.00
N LYS A 56 -7.98 -3.03 4.08
CA LYS A 56 -9.25 -3.68 4.24
C LYS A 56 -9.99 -3.83 2.91
N CYS A 57 -9.28 -3.55 1.85
CA CYS A 57 -9.79 -3.76 0.50
C CYS A 57 -9.82 -5.27 0.14
N LYS A 58 -10.26 -5.62 -1.06
CA LYS A 58 -10.39 -7.02 -1.41
C LYS A 58 -9.15 -7.61 -2.10
N TRP A 59 -8.64 -6.93 -3.14
CA TRP A 59 -7.48 -7.44 -3.90
C TRP A 59 -6.25 -7.51 -3.02
N CYS A 60 -6.22 -6.66 -2.04
CA CYS A 60 -5.11 -6.59 -1.15
C CYS A 60 -4.95 -7.83 -0.30
N GLN A 61 -6.04 -8.50 0.02
CA GLN A 61 -5.98 -9.71 0.84
C GLN A 61 -5.13 -10.78 0.15
N GLU A 62 -5.20 -10.81 -1.16
CA GLU A 62 -4.42 -11.72 -1.97
C GLU A 62 -2.98 -11.27 -2.03
N TYR A 63 -2.80 -9.97 -2.25
CA TYR A 63 -1.49 -9.38 -2.33
C TYR A 63 -0.73 -9.56 -1.00
N LEU A 64 -1.44 -9.35 0.11
CA LEU A 64 -0.87 -9.43 1.46
C LEU A 64 -0.17 -10.75 1.71
N GLU A 65 -0.86 -11.83 1.39
CA GLU A 65 -0.33 -13.18 1.58
C GLU A 65 0.96 -13.41 0.75
N LYS A 66 0.98 -12.92 -0.48
CA LYS A 66 2.13 -13.08 -1.36
C LYS A 66 3.29 -12.13 -1.00
N ALA A 67 2.93 -10.90 -0.67
CA ALA A 67 3.88 -9.82 -0.39
C ALA A 67 4.80 -10.09 0.78
N LEU A 68 4.37 -10.95 1.68
CA LEU A 68 5.16 -11.32 2.86
C LEU A 68 6.53 -11.89 2.46
N ASN A 69 6.59 -12.49 1.29
CA ASN A 69 7.81 -13.09 0.81
C ASN A 69 8.36 -12.33 -0.39
N LYS A 70 8.01 -11.03 -0.51
CA LYS A 70 8.42 -10.22 -1.63
C LYS A 70 7.98 -10.82 -2.97
N GLY B 1 2.96 -12.87 -15.15
CA GLY B 1 3.19 -11.90 -14.11
C GLY B 1 2.71 -12.39 -12.77
N SER B 2 2.11 -11.50 -12.02
CA SER B 2 1.61 -11.84 -10.72
C SER B 2 0.08 -11.75 -10.73
N MET B 3 -0.57 -12.88 -10.65
CA MET B 3 -2.01 -12.89 -10.62
C MET B 3 -2.52 -13.19 -9.24
N GLU B 4 -1.95 -14.21 -8.60
CA GLU B 4 -2.39 -14.62 -7.27
C GLU B 4 -2.20 -13.47 -6.28
N GLY B 5 -1.09 -12.83 -6.40
CA GLY B 5 -0.76 -11.71 -5.58
C GLY B 5 0.03 -10.73 -6.36
N ILE B 6 0.87 -9.99 -5.71
CA ILE B 6 1.65 -9.00 -6.38
C ILE B 6 3.08 -9.14 -5.93
N SER B 7 3.97 -9.41 -6.85
CA SER B 7 5.37 -9.53 -6.55
C SER B 7 5.98 -8.18 -6.22
N ILE B 8 6.18 -7.93 -4.96
CA ILE B 8 6.69 -6.66 -4.48
C ILE B 8 7.81 -6.94 -3.47
N TYR B 9 7.98 -6.06 -2.52
CA TYR B 9 9.00 -6.24 -1.51
C TYR B 9 8.57 -5.48 -0.27
N THR B 10 9.13 -5.84 0.84
CA THR B 10 8.91 -5.15 2.06
C THR B 10 10.27 -4.78 2.66
N SER B 11 10.37 -3.64 3.24
CA SER B 11 11.60 -3.22 3.87
C SER B 11 11.34 -2.81 5.32
N ASP B 12 12.31 -3.11 6.18
CA ASP B 12 12.22 -2.79 7.61
C ASP B 12 12.54 -1.33 7.85
N ASN B 13 13.13 -0.71 6.86
CA ASN B 13 13.53 0.67 6.94
C ASN B 13 13.42 1.30 5.57
N TYR B 14 12.65 2.36 5.47
CA TYR B 14 12.49 3.06 4.23
C TYR B 14 13.34 4.29 4.15
N THR B 15 14.17 4.33 3.16
CA THR B 15 15.08 5.40 2.95
C THR B 15 14.69 6.21 1.71
N GLU B 16 14.55 5.52 0.59
CA GLU B 16 14.16 6.15 -0.67
C GLU B 16 12.72 6.64 -0.57
N GLU B 17 11.86 5.79 -0.09
CA GLU B 17 10.46 6.13 0.03
C GLU B 17 10.01 5.95 1.45
N MET B 18 10.15 6.98 2.26
CA MET B 18 9.76 6.86 3.67
C MET B 18 8.28 7.05 3.85
N GLY B 19 7.61 7.62 2.87
CA GLY B 19 6.18 7.72 2.91
C GLY B 19 5.64 9.13 2.92
N SER B 20 4.79 9.42 1.97
CA SER B 20 4.08 10.66 1.93
C SER B 20 2.64 10.43 2.41
N GLY B 21 1.85 9.71 1.59
CA GLY B 21 0.46 9.38 1.90
C GLY B 21 -0.35 10.59 2.28
N ASP B 22 -0.53 11.47 1.34
CA ASP B 22 -1.22 12.73 1.59
C ASP B 22 -2.74 12.62 1.36
N TYR B 23 -3.14 11.50 0.79
CA TYR B 23 -4.54 11.26 0.45
C TYR B 23 -5.44 11.25 1.68
N ASP B 24 -6.28 12.27 1.76
CA ASP B 24 -7.18 12.45 2.88
C ASP B 24 -8.39 11.56 2.76
N SER B 25 -8.79 11.30 1.51
CA SER B 25 -9.95 10.49 1.20
C SER B 25 -9.77 9.04 1.66
N MET B 26 -10.42 8.69 2.75
CA MET B 26 -10.28 7.37 3.34
C MET B 26 -11.64 6.74 3.61
N LYS B 27 -11.80 5.55 3.11
CA LYS B 27 -12.99 4.72 3.24
C LYS B 27 -12.75 3.41 2.55
N GLU B 28 -12.52 2.38 3.32
CA GLU B 28 -12.19 1.08 2.81
C GLU B 28 -13.30 0.47 1.94
N PRO B 29 -12.91 -0.13 0.78
CA PRO B 29 -13.85 -0.75 -0.14
C PRO B 29 -14.65 -1.85 0.52
N ALA B 30 -13.95 -2.78 1.20
CA ALA B 30 -14.54 -3.98 1.86
C ALA B 30 -15.12 -4.96 0.83
N PHE B 31 -16.00 -4.46 0.00
CA PHE B 31 -16.65 -5.21 -1.05
C PHE B 31 -15.63 -5.69 -2.06
N ARG B 32 -15.05 -4.74 -2.76
CA ARG B 32 -14.10 -5.01 -3.82
C ARG B 32 -13.54 -3.70 -4.29
N GLU B 33 -14.36 -2.93 -4.99
CA GLU B 33 -13.90 -1.70 -5.59
C GLU B 33 -15.06 -0.71 -5.79
N GLU B 34 -16.04 -1.08 -6.58
CA GLU B 34 -17.12 -0.20 -6.88
C GLU B 34 -18.24 -0.38 -5.87
N ASN B 35 -18.10 0.36 -4.79
CA ASN B 35 -18.98 0.43 -3.64
C ASN B 35 -18.16 1.27 -2.66
N ALA B 36 -18.54 1.35 -1.40
CA ALA B 36 -17.75 2.07 -0.38
C ALA B 36 -17.65 3.56 -0.68
N ASN B 37 -18.75 4.14 -1.18
CA ASN B 37 -18.81 5.58 -1.53
C ASN B 37 -17.83 5.88 -2.67
N PHE B 38 -17.68 4.89 -3.55
CA PHE B 38 -16.80 4.97 -4.71
C PHE B 38 -17.05 6.22 -5.53
N ASN B 39 -18.23 6.30 -6.17
CA ASN B 39 -18.62 7.41 -7.08
C ASN B 39 -17.76 7.39 -8.34
N LYS B 40 -16.49 7.60 -8.15
CA LYS B 40 -15.49 7.60 -9.18
C LYS B 40 -14.13 7.56 -8.49
N GLY A 1 28.67 10.33 10.54
CA GLY A 1 28.18 9.12 9.86
C GLY A 1 26.74 8.87 10.20
N MET A 2 26.06 8.09 9.39
CA MET A 2 24.66 7.76 9.62
C MET A 2 24.42 6.30 9.38
N LYS A 3 24.22 5.56 10.43
CA LYS A 3 23.89 4.18 10.32
C LYS A 3 22.39 4.11 10.16
N PRO A 4 21.89 3.35 9.16
CA PRO A 4 20.46 3.22 8.92
C PRO A 4 19.72 2.65 10.14
N VAL A 5 19.04 3.54 10.84
CA VAL A 5 18.27 3.17 12.02
C VAL A 5 17.05 4.10 12.13
N SER A 6 17.20 5.32 11.60
CA SER A 6 16.13 6.30 11.63
C SER A 6 15.10 5.99 10.54
N LEU A 7 15.24 4.82 9.92
CA LEU A 7 14.28 4.34 8.97
C LEU A 7 12.98 4.05 9.69
N SER A 8 13.11 3.70 10.96
CA SER A 8 11.99 3.55 11.81
C SER A 8 11.85 4.86 12.60
N TYR A 9 11.37 5.86 11.90
CA TYR A 9 11.23 7.20 12.44
C TYR A 9 9.81 7.41 12.93
N ARG A 10 8.88 6.95 12.12
CA ARG A 10 7.43 6.99 12.29
C ARG A 10 6.93 6.04 11.25
N CYS A 11 5.66 5.96 11.08
CA CYS A 11 5.11 5.11 10.06
C CYS A 11 5.13 5.91 8.74
N PRO A 12 5.96 5.48 7.72
CA PRO A 12 6.06 6.19 6.42
C PRO A 12 4.71 6.36 5.77
N CYS A 13 3.91 5.34 5.91
CA CYS A 13 2.57 5.39 5.48
C CYS A 13 1.76 5.80 6.68
N ARG A 14 1.41 7.06 6.74
CA ARG A 14 0.68 7.57 7.86
C ARG A 14 -0.81 7.69 7.58
N PHE A 15 -1.15 8.15 6.40
CA PHE A 15 -2.54 8.34 6.01
C PHE A 15 -2.89 7.55 4.79
N PHE A 16 -4.12 7.08 4.74
CA PHE A 16 -4.58 6.18 3.69
C PHE A 16 -5.55 6.84 2.73
N GLU A 17 -5.63 6.30 1.55
CA GLU A 17 -6.62 6.65 0.57
C GLU A 17 -7.58 5.48 0.42
N SER A 18 -8.78 5.79 0.08
CA SER A 18 -9.79 4.81 -0.14
C SER A 18 -10.13 4.77 -1.63
N HIS A 19 -10.99 3.81 -2.01
CA HIS A 19 -11.47 3.64 -3.41
C HIS A 19 -10.32 3.28 -4.37
N VAL A 20 -9.24 2.72 -3.84
CA VAL A 20 -8.08 2.43 -4.66
C VAL A 20 -8.21 1.09 -5.38
N ALA A 21 -7.94 1.14 -6.65
CA ALA A 21 -8.02 0.00 -7.54
C ALA A 21 -6.62 -0.40 -7.90
N ARG A 22 -6.30 -1.69 -7.88
CA ARG A 22 -4.93 -2.11 -8.22
C ARG A 22 -4.57 -1.74 -9.66
N ALA A 23 -5.58 -1.49 -10.45
CA ALA A 23 -5.42 -1.08 -11.82
C ALA A 23 -4.71 0.29 -11.94
N ASN A 24 -4.63 1.07 -10.85
CA ASN A 24 -4.00 2.39 -10.92
C ASN A 24 -2.58 2.36 -10.34
N VAL A 25 -2.16 1.20 -9.79
CA VAL A 25 -0.85 1.08 -9.14
C VAL A 25 0.04 0.01 -9.80
N LYS A 26 1.31 0.34 -10.05
CA LYS A 26 2.21 -0.66 -10.67
C LYS A 26 3.10 -1.31 -9.63
N HIS A 27 3.43 -0.56 -8.59
CA HIS A 27 4.38 -1.01 -7.58
C HIS A 27 3.87 -0.68 -6.21
N LEU A 28 3.98 -1.61 -5.32
CA LEU A 28 3.65 -1.38 -3.94
C LEU A 28 4.81 -1.74 -3.06
N LYS A 29 4.67 -1.39 -1.82
CA LYS A 29 5.58 -1.78 -0.79
C LYS A 29 4.74 -2.14 0.38
N ILE A 30 5.20 -3.04 1.17
CA ILE A 30 4.44 -3.43 2.30
C ILE A 30 5.01 -2.73 3.48
N LEU A 31 4.19 -2.01 4.19
CA LEU A 31 4.65 -1.37 5.40
C LEU A 31 4.24 -2.34 6.48
N ASN A 32 5.03 -3.35 6.64
CA ASN A 32 4.67 -4.45 7.50
C ASN A 32 5.43 -4.40 8.78
N THR A 33 4.90 -3.60 9.68
CA THR A 33 5.52 -3.38 10.95
C THR A 33 4.80 -4.11 12.05
N PRO A 34 5.54 -4.67 13.01
CA PRO A 34 4.95 -5.22 14.22
C PRO A 34 4.65 -4.10 15.23
N ASN A 35 5.33 -2.97 15.02
CA ASN A 35 5.23 -1.81 15.92
C ASN A 35 4.06 -0.90 15.57
N CYS A 36 3.81 -0.71 14.30
CA CYS A 36 2.76 0.18 13.85
C CYS A 36 1.57 -0.67 13.37
N ALA A 37 1.46 -0.88 12.09
CA ALA A 37 0.46 -1.74 11.50
C ALA A 37 0.98 -2.25 10.18
N LEU A 38 0.26 -3.13 9.53
CA LEU A 38 0.60 -3.50 8.19
C LEU A 38 -0.16 -2.53 7.31
N GLN A 39 0.55 -1.72 6.60
CA GLN A 39 -0.05 -0.67 5.84
C GLN A 39 0.29 -0.84 4.38
N ILE A 40 -0.54 -0.33 3.53
CA ILE A 40 -0.39 -0.55 2.12
C ILE A 40 0.20 0.69 1.46
N VAL A 41 1.37 0.54 0.87
CA VAL A 41 2.10 1.62 0.22
C VAL A 41 2.09 1.37 -1.28
N ALA A 42 1.55 2.28 -2.09
CA ALA A 42 1.43 2.02 -3.51
C ALA A 42 1.86 3.18 -4.40
N ARG A 43 2.43 2.84 -5.52
CA ARG A 43 2.86 3.79 -6.52
C ARG A 43 1.95 3.68 -7.73
N LEU A 44 1.33 4.78 -8.10
CA LEU A 44 0.47 4.81 -9.27
C LEU A 44 1.20 4.64 -10.58
N LYS A 45 0.51 4.04 -11.51
CA LYS A 45 1.03 3.79 -12.84
C LYS A 45 1.16 5.09 -13.62
N ASN A 46 0.02 5.65 -13.95
CA ASN A 46 -0.09 6.86 -14.76
C ASN A 46 0.19 8.15 -13.97
N ASN A 47 -0.27 8.21 -12.75
CA ASN A 47 -0.09 9.41 -11.92
C ASN A 47 1.29 9.36 -11.27
N ASN A 48 1.81 8.14 -11.12
CA ASN A 48 3.16 7.83 -10.58
C ASN A 48 3.31 8.30 -9.11
N ARG A 49 2.22 8.67 -8.49
CA ARG A 49 2.29 9.16 -7.12
C ARG A 49 2.13 8.00 -6.17
N GLN A 50 2.65 8.15 -4.99
CA GLN A 50 2.58 7.13 -4.03
C GLN A 50 1.38 7.42 -3.13
N VAL A 51 0.58 6.42 -2.91
CA VAL A 51 -0.65 6.54 -2.16
C VAL A 51 -0.74 5.38 -1.17
N CYS A 52 -1.37 5.60 -0.06
CA CYS A 52 -1.58 4.52 0.87
C CYS A 52 -2.92 3.93 0.62
N ILE A 53 -3.01 2.66 0.69
CA ILE A 53 -4.24 1.99 0.46
C ILE A 53 -4.71 1.41 1.79
N ASP A 54 -5.99 1.43 2.04
CA ASP A 54 -6.54 0.87 3.28
C ASP A 54 -6.52 -0.67 3.20
N PRO A 55 -5.75 -1.33 4.10
CA PRO A 55 -5.51 -2.82 4.06
C PRO A 55 -6.75 -3.70 4.27
N LYS A 56 -7.92 -3.11 4.29
CA LYS A 56 -9.17 -3.85 4.43
C LYS A 56 -9.80 -4.04 3.08
N CYS A 57 -9.11 -3.58 2.09
CA CYS A 57 -9.50 -3.76 0.71
C CYS A 57 -9.56 -5.24 0.28
N LYS A 58 -10.13 -5.51 -0.88
CA LYS A 58 -10.33 -6.88 -1.33
C LYS A 58 -9.15 -7.42 -2.14
N TRP A 59 -8.70 -6.66 -3.11
CA TRP A 59 -7.64 -7.13 -4.02
C TRP A 59 -6.28 -7.19 -3.33
N CYS A 60 -6.11 -6.35 -2.35
CA CYS A 60 -4.86 -6.24 -1.65
C CYS A 60 -4.51 -7.50 -0.91
N GLN A 61 -5.51 -8.25 -0.48
CA GLN A 61 -5.27 -9.48 0.23
C GLN A 61 -4.40 -10.42 -0.59
N GLU A 62 -4.59 -10.41 -1.89
CA GLU A 62 -3.80 -11.22 -2.78
C GLU A 62 -2.39 -10.67 -2.95
N TYR A 63 -2.28 -9.35 -3.10
CA TYR A 63 -0.96 -8.74 -3.28
C TYR A 63 -0.12 -8.95 -1.99
N LEU A 64 -0.81 -8.91 -0.84
CA LEU A 64 -0.20 -9.09 0.48
C LEU A 64 0.44 -10.45 0.63
N GLU A 65 -0.32 -11.48 0.31
CA GLU A 65 0.13 -12.86 0.48
C GLU A 65 1.42 -13.11 -0.31
N LYS A 66 1.49 -12.57 -1.51
CA LYS A 66 2.67 -12.73 -2.35
C LYS A 66 3.86 -11.91 -1.82
N ALA A 67 3.60 -10.66 -1.46
CA ALA A 67 4.65 -9.71 -1.05
C ALA A 67 5.35 -10.09 0.24
N LEU A 68 4.70 -10.88 1.07
CA LEU A 68 5.29 -11.31 2.36
C LEU A 68 6.60 -12.07 2.16
N ASN A 69 6.77 -12.62 0.97
CA ASN A 69 7.99 -13.34 0.61
C ASN A 69 8.63 -12.69 -0.61
N LYS A 70 8.33 -11.40 -0.83
CA LYS A 70 8.82 -10.64 -1.98
C LYS A 70 8.21 -11.17 -3.29
N GLY B 1 0.05 -6.55 -16.89
CA GLY B 1 1.29 -7.15 -16.42
C GLY B 1 1.19 -8.65 -16.37
N SER B 2 -0.05 -9.14 -16.50
CA SER B 2 -0.38 -10.57 -16.52
C SER B 2 -0.06 -11.24 -15.17
N MET B 3 0.01 -10.46 -14.12
CA MET B 3 0.36 -11.00 -12.83
C MET B 3 -0.46 -10.40 -11.71
N GLU B 4 -1.01 -11.27 -10.88
CA GLU B 4 -1.71 -10.84 -9.68
C GLU B 4 -0.66 -10.59 -8.62
N GLY B 5 0.43 -11.36 -8.72
CA GLY B 5 1.56 -11.17 -7.88
C GLY B 5 2.36 -10.00 -8.38
N ILE B 6 2.03 -8.83 -7.84
CA ILE B 6 2.58 -7.52 -8.23
C ILE B 6 4.14 -7.51 -8.27
N SER B 7 4.74 -8.41 -7.50
CA SER B 7 6.18 -8.54 -7.41
C SER B 7 6.80 -7.34 -6.72
N ILE B 8 6.69 -7.33 -5.42
CA ILE B 8 7.20 -6.24 -4.61
C ILE B 8 7.96 -6.83 -3.43
N TYR B 9 8.25 -6.03 -2.45
CA TYR B 9 8.99 -6.48 -1.31
C TYR B 9 8.31 -5.96 -0.04
N THR B 10 8.52 -6.64 1.05
CA THR B 10 7.98 -6.23 2.30
C THR B 10 9.05 -5.50 3.10
N SER B 11 8.72 -4.35 3.61
CA SER B 11 9.64 -3.55 4.34
C SER B 11 9.07 -3.29 5.71
N ASP B 12 9.92 -3.13 6.68
CA ASP B 12 9.45 -2.77 7.99
C ASP B 12 9.21 -1.26 7.99
N ASN B 13 10.25 -0.54 7.70
CA ASN B 13 10.22 0.91 7.64
C ASN B 13 11.32 1.33 6.72
N TYR B 14 11.22 2.49 6.15
CA TYR B 14 12.20 2.92 5.19
C TYR B 14 12.37 4.42 5.18
N THR B 15 13.45 4.87 4.57
CA THR B 15 13.76 6.27 4.50
C THR B 15 13.75 6.74 3.01
N GLU B 16 13.25 5.88 2.09
CA GLU B 16 13.07 6.30 0.68
C GLU B 16 12.16 7.50 0.69
N GLU B 17 11.16 7.37 1.52
CA GLU B 17 10.17 8.36 1.77
C GLU B 17 10.30 8.70 3.23
N MET B 18 10.71 9.92 3.52
CA MET B 18 10.97 10.34 4.91
C MET B 18 9.71 10.82 5.58
N GLY B 19 8.65 10.92 4.84
CA GLY B 19 7.40 11.34 5.37
C GLY B 19 6.53 11.84 4.27
N SER B 20 5.24 11.82 4.47
CA SER B 20 4.35 12.26 3.47
C SER B 20 2.97 12.53 4.06
N GLY B 21 2.57 13.78 4.01
CA GLY B 21 1.24 14.16 4.45
C GLY B 21 0.45 14.59 3.24
N ASP B 22 0.76 13.96 2.14
CA ASP B 22 0.19 14.29 0.84
C ASP B 22 -1.09 13.51 0.58
N TYR B 23 -1.39 12.58 1.44
CA TYR B 23 -2.55 11.72 1.28
C TYR B 23 -3.79 12.46 1.75
N ASP B 24 -4.95 11.97 1.35
CA ASP B 24 -6.24 12.62 1.65
C ASP B 24 -6.67 12.35 3.05
N SER B 25 -6.15 11.26 3.59
CA SER B 25 -6.43 10.83 4.94
C SER B 25 -7.83 10.27 5.06
N MET B 26 -8.03 9.17 4.42
CA MET B 26 -9.28 8.49 4.41
C MET B 26 -9.06 7.16 5.13
N LYS B 27 -10.07 6.33 5.26
CA LYS B 27 -9.93 5.11 6.06
C LYS B 27 -10.98 4.05 5.71
N GLU B 28 -11.59 4.18 4.58
CA GLU B 28 -12.58 3.21 4.11
C GLU B 28 -11.88 2.17 3.22
N PRO B 29 -12.42 0.93 3.14
CA PRO B 29 -11.79 -0.15 2.37
C PRO B 29 -12.02 0.03 0.89
N ALA B 30 -11.28 -0.69 0.08
CA ALA B 30 -11.41 -0.54 -1.34
C ALA B 30 -12.10 -1.74 -1.95
N PHE B 31 -13.33 -1.55 -2.28
CA PHE B 31 -14.15 -2.55 -2.93
C PHE B 31 -14.97 -1.94 -4.04
N ARG B 32 -15.39 -0.69 -3.84
CA ARG B 32 -16.25 0.06 -4.75
C ARG B 32 -17.41 -0.73 -5.25
N GLU B 33 -18.32 -0.91 -4.34
CA GLU B 33 -19.49 -1.67 -4.48
C GLU B 33 -20.28 -1.24 -3.23
N GLU B 34 -21.40 -1.79 -2.95
CA GLU B 34 -22.11 -1.40 -1.77
C GLU B 34 -21.66 -2.20 -0.55
N ASN B 35 -21.33 -3.46 -0.75
CA ASN B 35 -21.00 -4.32 0.37
C ASN B 35 -19.96 -5.36 0.01
N ALA B 36 -20.20 -6.09 -1.04
CA ALA B 36 -19.33 -7.17 -1.44
C ALA B 36 -19.14 -7.14 -2.92
N ASN B 37 -17.89 -7.11 -3.33
CA ASN B 37 -17.44 -6.95 -4.74
C ASN B 37 -18.25 -7.79 -5.72
N PHE B 38 -18.46 -9.07 -5.37
CA PHE B 38 -19.17 -10.06 -6.22
C PHE B 38 -18.30 -10.29 -7.47
N ASN B 39 -17.04 -10.03 -7.27
CA ASN B 39 -15.99 -10.13 -8.25
C ASN B 39 -14.73 -10.16 -7.42
N LYS B 40 -13.59 -10.39 -7.99
CA LYS B 40 -12.41 -10.39 -7.18
C LYS B 40 -11.52 -9.22 -7.57
N GLY A 1 13.01 25.61 19.96
CA GLY A 1 12.97 24.15 20.05
C GLY A 1 13.98 23.53 19.12
N MET A 2 13.96 22.21 19.02
CA MET A 2 14.89 21.49 18.13
C MET A 2 14.29 21.35 16.75
N LYS A 3 13.06 21.89 16.61
CA LYS A 3 12.24 21.83 15.39
C LYS A 3 11.61 20.45 15.21
N PRO A 4 10.32 20.39 14.81
CA PRO A 4 9.66 19.13 14.55
C PRO A 4 10.13 18.50 13.24
N VAL A 5 11.32 17.98 13.28
CA VAL A 5 11.94 17.30 12.18
C VAL A 5 12.40 15.92 12.66
N SER A 6 11.68 14.92 12.25
CA SER A 6 11.96 13.59 12.67
C SER A 6 12.40 12.73 11.51
N LEU A 7 13.57 12.15 11.66
CA LEU A 7 14.15 11.26 10.67
C LEU A 7 14.61 9.99 11.37
N SER A 8 14.03 9.76 12.52
CA SER A 8 14.34 8.62 13.35
C SER A 8 13.77 7.35 12.71
N TYR A 9 12.56 7.48 12.22
CA TYR A 9 11.84 6.42 11.55
C TYR A 9 11.16 5.39 12.36
N ARG A 10 9.87 5.44 12.27
CA ARG A 10 9.01 4.43 12.77
C ARG A 10 8.02 4.10 11.68
N CYS A 11 7.08 4.98 11.45
CA CYS A 11 6.09 4.76 10.44
C CYS A 11 6.04 5.90 9.42
N PRO A 12 6.43 5.63 8.16
CA PRO A 12 6.37 6.62 7.10
C PRO A 12 4.93 6.92 6.58
N CYS A 13 4.10 5.88 6.45
CA CYS A 13 2.74 6.06 5.94
C CYS A 13 1.72 6.10 7.08
N ARG A 14 0.92 7.16 7.12
CA ARG A 14 -0.13 7.34 8.10
C ARG A 14 -1.53 7.01 7.54
N PHE A 15 -1.91 7.71 6.49
CA PHE A 15 -3.24 7.61 5.91
C PHE A 15 -3.30 6.64 4.77
N PHE A 16 -4.51 6.23 4.44
CA PHE A 16 -4.76 5.31 3.37
C PHE A 16 -5.78 5.91 2.43
N GLU A 17 -5.82 5.43 1.23
CA GLU A 17 -6.77 5.87 0.28
C GLU A 17 -7.92 4.86 0.28
N SER A 18 -9.09 5.38 0.46
CA SER A 18 -10.34 4.64 0.58
C SER A 18 -10.66 3.67 -0.57
N HIS A 19 -10.17 3.91 -1.75
CA HIS A 19 -10.56 3.09 -2.89
C HIS A 19 -9.51 3.06 -4.00
N VAL A 20 -8.60 2.13 -3.89
CA VAL A 20 -7.53 2.01 -4.85
C VAL A 20 -7.72 0.79 -5.71
N ALA A 21 -7.43 0.95 -6.97
CA ALA A 21 -7.52 -0.10 -7.95
C ALA A 21 -6.14 -0.57 -8.29
N ARG A 22 -5.98 -1.87 -8.38
CA ARG A 22 -4.73 -2.47 -8.81
C ARG A 22 -4.38 -1.96 -10.22
N ALA A 23 -5.41 -1.57 -10.94
CA ALA A 23 -5.26 -1.02 -12.26
C ALA A 23 -4.58 0.35 -12.25
N ASN A 24 -4.65 1.09 -11.13
CA ASN A 24 -4.02 2.41 -11.08
C ASN A 24 -2.70 2.41 -10.32
N VAL A 25 -2.24 1.25 -9.89
CA VAL A 25 -0.97 1.16 -9.17
C VAL A 25 -0.04 0.12 -9.82
N LYS A 26 1.18 0.51 -10.20
CA LYS A 26 2.05 -0.44 -10.89
C LYS A 26 2.94 -1.22 -9.94
N HIS A 27 3.34 -0.56 -8.86
CA HIS A 27 4.32 -1.12 -7.93
C HIS A 27 3.90 -0.83 -6.51
N LEU A 28 3.98 -1.82 -5.65
CA LEU A 28 3.67 -1.64 -4.26
C LEU A 28 4.79 -2.11 -3.37
N LYS A 29 4.65 -1.85 -2.10
CA LYS A 29 5.58 -2.26 -1.07
C LYS A 29 4.74 -2.64 0.15
N ILE A 30 5.24 -3.53 0.96
CA ILE A 30 4.54 -3.89 2.18
C ILE A 30 5.19 -3.20 3.34
N LEU A 31 4.50 -2.27 3.89
CA LEU A 31 5.02 -1.57 5.03
C LEU A 31 4.53 -2.30 6.24
N ASN A 32 5.34 -3.11 6.79
CA ASN A 32 4.94 -3.84 7.94
C ASN A 32 5.63 -3.35 9.18
N THR A 33 5.04 -2.33 9.76
CA THR A 33 5.61 -1.65 10.89
C THR A 33 5.05 -2.16 12.22
N PRO A 34 5.90 -2.81 13.06
CA PRO A 34 5.49 -3.30 14.39
C PRO A 34 5.10 -2.13 15.30
N ASN A 35 5.63 -0.96 14.97
CA ASN A 35 5.37 0.24 15.74
C ASN A 35 3.98 0.80 15.46
N CYS A 36 3.38 0.39 14.36
CA CYS A 36 2.05 0.85 14.02
C CYS A 36 1.18 -0.32 13.56
N ALA A 37 1.13 -0.52 12.26
CA ALA A 37 0.34 -1.56 11.65
C ALA A 37 0.98 -1.96 10.34
N LEU A 38 0.27 -2.65 9.50
CA LEU A 38 0.76 -2.97 8.20
C LEU A 38 0.08 -2.01 7.21
N GLN A 39 0.86 -1.33 6.41
CA GLN A 39 0.36 -0.38 5.47
C GLN A 39 0.61 -0.87 4.06
N ILE A 40 -0.32 -0.58 3.19
CA ILE A 40 -0.22 -0.96 1.81
C ILE A 40 0.33 0.25 1.08
N VAL A 41 1.52 0.15 0.57
CA VAL A 41 2.16 1.29 -0.06
C VAL A 41 2.20 1.11 -1.55
N ALA A 42 1.55 1.96 -2.28
CA ALA A 42 1.46 1.81 -3.70
C ALA A 42 1.97 3.01 -4.44
N ARG A 43 2.43 2.78 -5.63
CA ARG A 43 2.82 3.82 -6.53
C ARG A 43 1.79 3.89 -7.62
N LEU A 44 1.15 5.01 -7.71
CA LEU A 44 0.11 5.23 -8.63
C LEU A 44 0.76 5.41 -10.02
N LYS A 45 0.18 4.80 -11.03
CA LYS A 45 0.78 4.73 -12.35
C LYS A 45 0.83 6.08 -13.06
N ASN A 46 -0.33 6.59 -13.45
CA ASN A 46 -0.40 7.84 -14.25
C ASN A 46 -0.11 9.08 -13.42
N ASN A 47 -0.38 9.02 -12.13
CA ASN A 47 -0.15 10.18 -11.27
C ASN A 47 1.30 10.24 -10.78
N ASN A 48 1.96 9.05 -10.76
CA ASN A 48 3.40 8.90 -10.38
C ASN A 48 3.59 9.36 -8.93
N ARG A 49 2.59 9.17 -8.15
CA ARG A 49 2.61 9.52 -6.79
C ARG A 49 2.49 8.26 -5.95
N GLN A 50 2.98 8.30 -4.73
CA GLN A 50 2.83 7.21 -3.84
C GLN A 50 1.54 7.43 -3.07
N VAL A 51 0.83 6.39 -2.88
CA VAL A 51 -0.40 6.45 -2.14
C VAL A 51 -0.57 5.15 -1.37
N CYS A 52 -1.20 5.21 -0.25
CA CYS A 52 -1.38 4.06 0.56
C CYS A 52 -2.76 3.51 0.34
N ILE A 53 -2.89 2.23 0.27
CA ILE A 53 -4.16 1.61 0.00
C ILE A 53 -4.76 1.12 1.31
N ASP A 54 -6.06 1.33 1.49
CA ASP A 54 -6.73 0.90 2.71
C ASP A 54 -6.89 -0.62 2.64
N PRO A 55 -6.16 -1.36 3.53
CA PRO A 55 -5.99 -2.86 3.46
C PRO A 55 -7.25 -3.69 3.72
N LYS A 56 -8.36 -3.09 3.52
CA LYS A 56 -9.64 -3.70 3.72
C LYS A 56 -10.21 -4.14 2.40
N CYS A 57 -9.59 -3.65 1.33
CA CYS A 57 -9.97 -3.96 -0.04
C CYS A 57 -9.94 -5.45 -0.37
N LYS A 58 -10.53 -5.80 -1.48
CA LYS A 58 -10.63 -7.18 -1.86
C LYS A 58 -9.36 -7.70 -2.56
N TRP A 59 -8.84 -6.94 -3.52
CA TRP A 59 -7.70 -7.40 -4.32
C TRP A 59 -6.38 -7.41 -3.50
N CYS A 60 -6.27 -6.48 -2.57
CA CYS A 60 -5.08 -6.33 -1.73
C CYS A 60 -4.80 -7.57 -0.88
N GLN A 61 -5.84 -8.31 -0.50
CA GLN A 61 -5.67 -9.50 0.35
C GLN A 61 -4.83 -10.56 -0.38
N GLU A 62 -5.03 -10.65 -1.69
CA GLU A 62 -4.29 -11.57 -2.55
C GLU A 62 -2.83 -11.17 -2.54
N TYR A 63 -2.65 -9.90 -2.69
CA TYR A 63 -1.41 -9.24 -2.71
C TYR A 63 -0.64 -9.46 -1.41
N LEU A 64 -1.34 -9.33 -0.29
CA LEU A 64 -0.75 -9.47 1.05
C LEU A 64 -0.07 -10.79 1.28
N GLU A 65 -0.74 -11.85 0.96
CA GLU A 65 -0.21 -13.19 1.17
C GLU A 65 1.07 -13.44 0.35
N LYS A 66 1.08 -13.02 -0.88
CA LYS A 66 2.23 -13.24 -1.76
C LYS A 66 3.39 -12.32 -1.46
N ALA A 67 3.08 -11.08 -1.13
CA ALA A 67 4.08 -10.04 -0.87
C ALA A 67 5.04 -10.39 0.25
N LEU A 68 4.60 -11.24 1.16
CA LEU A 68 5.42 -11.66 2.31
C LEU A 68 6.71 -12.32 1.86
N ASN A 69 6.67 -12.93 0.70
CA ASN A 69 7.80 -13.66 0.17
C ASN A 69 8.09 -13.21 -1.24
N LYS A 70 7.82 -11.93 -1.54
CA LYS A 70 8.00 -11.39 -2.90
C LYS A 70 7.16 -12.14 -3.92
N GLY B 1 2.25 -8.71 -12.13
CA GLY B 1 1.79 -9.70 -11.19
C GLY B 1 0.79 -10.65 -11.80
N SER B 2 0.28 -11.55 -11.03
CA SER B 2 -0.69 -12.52 -11.49
C SER B 2 -1.99 -12.37 -10.69
N MET B 3 -3.03 -13.08 -11.07
CA MET B 3 -4.26 -13.00 -10.32
C MET B 3 -4.35 -14.07 -9.25
N GLU B 4 -3.64 -13.79 -8.18
CA GLU B 4 -3.61 -14.61 -6.97
C GLU B 4 -2.82 -13.85 -5.91
N GLY B 5 -1.92 -12.99 -6.39
CA GLY B 5 -1.13 -12.17 -5.52
C GLY B 5 -0.27 -11.27 -6.33
N ILE B 6 0.42 -10.37 -5.66
CA ILE B 6 1.28 -9.42 -6.34
C ILE B 6 2.68 -9.52 -5.77
N SER B 7 3.63 -9.84 -6.60
CA SER B 7 4.98 -9.98 -6.19
C SER B 7 5.67 -8.62 -5.93
N ILE B 8 5.71 -8.23 -4.68
CA ILE B 8 6.37 -7.01 -4.27
C ILE B 8 7.29 -7.35 -3.11
N TYR B 9 7.78 -6.37 -2.39
CA TYR B 9 8.70 -6.66 -1.34
C TYR B 9 8.28 -5.96 -0.05
N THR B 10 8.76 -6.47 1.05
CA THR B 10 8.49 -5.90 2.35
C THR B 10 9.49 -4.77 2.65
N SER B 11 8.99 -3.70 3.22
CA SER B 11 9.79 -2.54 3.52
C SER B 11 9.69 -2.18 5.00
N ASP B 12 10.80 -1.78 5.58
CA ASP B 12 10.86 -1.40 7.00
C ASP B 12 10.36 0.01 7.18
N ASN B 13 10.96 0.91 6.42
CA ASN B 13 10.60 2.32 6.41
C ASN B 13 11.16 2.92 5.14
N TYR B 14 10.77 4.14 4.86
CA TYR B 14 11.21 4.82 3.65
C TYR B 14 10.97 6.31 3.79
N THR B 15 11.65 7.09 3.00
CA THR B 15 11.49 8.54 3.01
C THR B 15 10.75 8.99 1.73
N GLU B 16 10.27 7.99 0.99
CA GLU B 16 9.46 8.22 -0.21
C GLU B 16 8.16 8.97 0.22
N GLU B 17 7.80 8.78 1.49
CA GLU B 17 6.78 9.55 2.18
C GLU B 17 7.10 9.44 3.65
N MET B 18 7.39 10.55 4.29
CA MET B 18 7.75 10.57 5.70
C MET B 18 6.65 11.17 6.54
N GLY B 19 5.66 11.71 5.89
CA GLY B 19 4.60 12.36 6.60
C GLY B 19 3.28 11.65 6.48
N SER B 20 2.44 12.17 5.64
CA SER B 20 1.12 11.61 5.43
C SER B 20 0.64 11.96 4.04
N GLY B 21 -0.05 11.04 3.41
CA GLY B 21 -0.58 11.27 2.10
C GLY B 21 -1.68 12.29 2.11
N ASP B 22 -1.88 12.91 0.96
CA ASP B 22 -2.90 13.94 0.79
C ASP B 22 -4.28 13.32 0.79
N TYR B 23 -4.32 12.04 0.47
CA TYR B 23 -5.55 11.29 0.42
C TYR B 23 -6.01 11.01 1.85
N ASP B 24 -6.86 11.89 2.36
CA ASP B 24 -7.36 11.78 3.72
C ASP B 24 -8.50 10.79 3.85
N SER B 25 -9.19 10.53 2.76
CA SER B 25 -10.29 9.60 2.76
C SER B 25 -9.76 8.17 2.88
N MET B 26 -9.92 7.58 4.06
CA MET B 26 -9.45 6.23 4.31
C MET B 26 -10.54 5.34 4.86
N LYS B 27 -11.26 4.69 3.97
CA LYS B 27 -12.32 3.77 4.33
C LYS B 27 -12.85 2.96 3.14
N GLU B 28 -12.25 1.84 2.95
CA GLU B 28 -12.65 0.87 1.95
C GLU B 28 -13.75 -0.02 2.50
N PRO B 29 -14.88 -0.12 1.78
CA PRO B 29 -15.97 -1.01 2.14
C PRO B 29 -15.51 -2.47 2.30
N ALA B 30 -15.03 -3.09 1.18
CA ALA B 30 -14.61 -4.51 1.16
C ALA B 30 -14.39 -4.98 -0.28
N PHE B 31 -14.26 -4.07 -1.21
CA PHE B 31 -14.17 -4.46 -2.58
C PHE B 31 -13.09 -3.70 -3.34
N ARG B 32 -13.37 -2.46 -3.67
CA ARG B 32 -12.48 -1.66 -4.48
C ARG B 32 -13.12 -0.28 -4.62
N GLU B 33 -14.42 -0.29 -4.84
CA GLU B 33 -15.20 0.94 -4.98
C GLU B 33 -16.63 0.66 -4.56
N GLU B 34 -17.15 -0.48 -5.01
CA GLU B 34 -18.47 -0.90 -4.68
C GLU B 34 -18.41 -1.37 -3.23
N ASN B 35 -19.52 -1.37 -2.59
CA ASN B 35 -19.61 -1.71 -1.20
C ASN B 35 -19.24 -3.17 -0.94
N ALA B 36 -19.64 -4.08 -1.84
CA ALA B 36 -19.32 -5.52 -1.66
C ALA B 36 -19.56 -6.36 -2.92
N ASN B 37 -20.36 -5.86 -3.82
CA ASN B 37 -20.79 -6.64 -4.98
C ASN B 37 -19.76 -6.72 -6.08
N PHE B 38 -19.52 -7.93 -6.53
CA PHE B 38 -18.70 -8.20 -7.67
C PHE B 38 -19.57 -8.79 -8.74
N ASN B 39 -19.90 -8.00 -9.70
CA ASN B 39 -20.77 -8.43 -10.77
C ASN B 39 -19.94 -8.60 -12.02
N LYS B 40 -20.11 -9.71 -12.72
CA LYS B 40 -19.36 -9.96 -13.92
C LYS B 40 -19.86 -9.08 -15.06
N GLY A 1 24.58 15.52 17.36
CA GLY A 1 25.22 14.29 17.84
C GLY A 1 24.81 13.10 17.01
N MET A 2 25.15 11.92 17.49
CA MET A 2 24.79 10.69 16.79
C MET A 2 23.41 10.26 17.21
N LYS A 3 22.57 10.01 16.26
CA LYS A 3 21.22 9.51 16.51
C LYS A 3 20.92 8.39 15.54
N PRO A 4 19.98 7.49 15.89
CA PRO A 4 19.61 6.37 15.01
C PRO A 4 18.97 6.85 13.70
N VAL A 5 19.60 6.52 12.59
CA VAL A 5 19.09 6.85 11.27
C VAL A 5 19.18 5.59 10.41
N SER A 6 18.48 5.60 9.27
CA SER A 6 18.43 4.46 8.34
C SER A 6 17.64 3.31 8.95
N LEU A 7 16.48 3.02 8.35
CA LEU A 7 15.56 1.97 8.81
C LEU A 7 14.96 2.34 10.17
N SER A 8 15.22 3.55 10.60
CA SER A 8 14.79 4.02 11.88
C SER A 8 13.75 5.10 11.69
N TYR A 9 12.51 4.72 11.67
CA TYR A 9 11.41 5.64 11.50
C TYR A 9 10.19 4.99 12.11
N ARG A 10 9.02 5.56 11.97
CA ARG A 10 7.85 4.96 12.58
C ARG A 10 6.80 4.54 11.56
N CYS A 11 6.03 5.49 11.09
CA CYS A 11 4.94 5.19 10.16
C CYS A 11 5.10 5.99 8.88
N PRO A 12 5.37 5.34 7.71
CA PRO A 12 5.42 6.08 6.45
C PRO A 12 4.05 6.68 6.11
N CYS A 13 2.98 5.94 6.35
CA CYS A 13 1.63 6.44 6.17
C CYS A 13 0.77 6.21 7.37
N ARG A 14 0.05 7.22 7.78
CA ARG A 14 -0.87 7.11 8.89
C ARG A 14 -2.28 6.92 8.37
N PHE A 15 -2.53 7.46 7.20
CA PHE A 15 -3.81 7.37 6.57
C PHE A 15 -3.73 6.54 5.32
N PHE A 16 -4.86 6.09 4.87
CA PHE A 16 -4.94 5.27 3.68
C PHE A 16 -6.03 5.77 2.77
N GLU A 17 -5.81 5.66 1.48
CA GLU A 17 -6.71 6.13 0.48
C GLU A 17 -7.83 5.09 0.31
N SER A 18 -8.97 5.58 -0.05
CA SER A 18 -10.17 4.82 -0.20
C SER A 18 -10.20 3.97 -1.49
N HIS A 19 -10.36 4.62 -2.58
CA HIS A 19 -10.56 4.00 -3.85
C HIS A 19 -9.28 3.80 -4.63
N VAL A 20 -8.67 2.66 -4.42
CA VAL A 20 -7.48 2.30 -5.13
C VAL A 20 -7.68 0.97 -5.85
N ALA A 21 -7.25 0.93 -7.05
CA ALA A 21 -7.31 -0.23 -7.89
C ALA A 21 -5.91 -0.80 -8.06
N ARG A 22 -5.80 -2.09 -7.97
CA ARG A 22 -4.55 -2.81 -8.26
C ARG A 22 -4.00 -2.40 -9.65
N ALA A 23 -4.91 -2.07 -10.55
CA ALA A 23 -4.60 -1.63 -11.89
C ALA A 23 -3.91 -0.25 -11.97
N ASN A 24 -4.14 0.66 -11.01
CA ASN A 24 -3.59 2.03 -11.13
C ASN A 24 -2.22 2.21 -10.49
N VAL A 25 -1.60 1.17 -10.05
CA VAL A 25 -0.29 1.29 -9.42
C VAL A 25 0.78 0.52 -10.23
N LYS A 26 1.97 1.12 -10.44
CA LYS A 26 3.01 0.42 -11.22
C LYS A 26 3.97 -0.29 -10.30
N HIS A 27 4.04 0.19 -9.07
CA HIS A 27 4.91 -0.37 -8.07
C HIS A 27 4.22 -0.28 -6.73
N LEU A 28 4.26 -1.32 -5.97
CA LEU A 28 3.55 -1.38 -4.74
C LEU A 28 4.50 -2.03 -3.71
N LYS A 29 4.38 -1.65 -2.47
CA LYS A 29 5.17 -2.22 -1.38
C LYS A 29 4.26 -2.58 -0.24
N ILE A 30 4.58 -3.63 0.47
CA ILE A 30 3.83 -3.98 1.61
C ILE A 30 4.65 -3.67 2.87
N LEU A 31 4.20 -2.70 3.61
CA LEU A 31 4.87 -2.29 4.81
C LEU A 31 4.29 -2.94 6.00
N ASN A 32 4.94 -3.93 6.49
CA ASN A 32 4.45 -4.58 7.66
C ASN A 32 5.21 -3.98 8.83
N THR A 33 4.84 -2.78 9.22
CA THR A 33 5.56 -2.07 10.27
C THR A 33 5.15 -2.61 11.65
N PRO A 34 6.07 -3.31 12.35
CA PRO A 34 5.76 -3.96 13.63
C PRO A 34 5.27 -2.98 14.68
N ASN A 35 5.91 -1.84 14.77
CA ASN A 35 5.58 -0.87 15.80
C ASN A 35 4.45 0.03 15.37
N CYS A 36 4.03 -0.09 14.15
CA CYS A 36 3.01 0.80 13.67
C CYS A 36 1.76 0.04 13.18
N ALA A 37 1.70 -0.27 11.90
CA ALA A 37 0.52 -0.92 11.33
C ALA A 37 0.90 -1.73 10.09
N LEU A 38 -0.08 -2.28 9.42
CA LEU A 38 0.18 -2.91 8.16
C LEU A 38 -0.18 -1.83 7.14
N GLN A 39 0.79 -1.38 6.39
CA GLN A 39 0.58 -0.26 5.50
C GLN A 39 0.81 -0.68 4.07
N ILE A 40 0.00 -0.18 3.19
CA ILE A 40 0.12 -0.51 1.80
C ILE A 40 0.62 0.72 1.07
N VAL A 41 1.80 0.67 0.54
CA VAL A 41 2.40 1.84 -0.10
C VAL A 41 2.51 1.61 -1.58
N ALA A 42 1.89 2.43 -2.36
CA ALA A 42 1.89 2.21 -3.78
C ALA A 42 2.18 3.46 -4.58
N ARG A 43 2.81 3.26 -5.69
CA ARG A 43 3.09 4.27 -6.66
C ARG A 43 2.09 4.17 -7.80
N LEU A 44 1.35 5.24 -7.99
CA LEU A 44 0.34 5.36 -8.99
C LEU A 44 1.03 5.34 -10.36
N LYS A 45 0.39 4.77 -11.35
CA LYS A 45 0.96 4.72 -12.70
C LYS A 45 1.00 6.09 -13.36
N ASN A 46 -0.18 6.51 -13.83
CA ASN A 46 -0.33 7.72 -14.67
C ASN A 46 0.09 8.94 -13.95
N ASN A 47 -0.24 8.98 -12.71
CA ASN A 47 0.03 10.15 -11.87
C ASN A 47 1.37 10.02 -11.13
N ASN A 48 1.90 8.79 -11.07
CA ASN A 48 3.23 8.49 -10.44
C ASN A 48 3.27 8.83 -8.93
N ARG A 49 2.13 9.15 -8.39
CA ARG A 49 1.97 9.60 -7.05
C ARG A 49 2.13 8.45 -6.07
N GLN A 50 2.66 8.76 -4.93
CA GLN A 50 2.81 7.81 -3.88
C GLN A 50 1.56 7.94 -3.06
N VAL A 51 0.87 6.85 -2.89
CA VAL A 51 -0.34 6.83 -2.12
C VAL A 51 -0.34 5.57 -1.25
N CYS A 52 -0.99 5.62 -0.15
CA CYS A 52 -1.08 4.47 0.70
C CYS A 52 -2.48 3.94 0.70
N ILE A 53 -2.60 2.66 0.47
CA ILE A 53 -3.86 1.97 0.25
C ILE A 53 -4.32 1.32 1.56
N ASP A 54 -5.63 1.21 1.74
CA ASP A 54 -6.18 0.62 2.95
C ASP A 54 -6.12 -0.91 2.87
N PRO A 55 -5.41 -1.56 3.81
CA PRO A 55 -5.17 -3.03 3.78
C PRO A 55 -6.40 -3.88 4.15
N LYS A 56 -7.56 -3.29 4.13
CA LYS A 56 -8.77 -4.01 4.49
C LYS A 56 -9.53 -4.45 3.26
N CYS A 57 -9.09 -3.95 2.12
CA CYS A 57 -9.70 -4.26 0.84
C CYS A 57 -9.60 -5.75 0.43
N LYS A 58 -10.33 -6.10 -0.60
CA LYS A 58 -10.38 -7.47 -1.09
C LYS A 58 -9.11 -7.86 -1.83
N TRP A 59 -8.64 -7.01 -2.75
CA TRP A 59 -7.47 -7.38 -3.52
C TRP A 59 -6.21 -7.37 -2.67
N CYS A 60 -6.16 -6.48 -1.70
CA CYS A 60 -5.03 -6.41 -0.82
C CYS A 60 -4.92 -7.63 0.06
N GLN A 61 -6.02 -8.25 0.44
CA GLN A 61 -5.94 -9.46 1.23
C GLN A 61 -5.29 -10.62 0.47
N GLU A 62 -5.47 -10.64 -0.84
CA GLU A 62 -4.79 -11.62 -1.69
C GLU A 62 -3.34 -11.21 -1.84
N TYR A 63 -3.15 -9.92 -2.05
CA TYR A 63 -1.85 -9.30 -2.20
C TYR A 63 -0.96 -9.51 -0.95
N LEU A 64 -1.56 -9.43 0.25
CA LEU A 64 -0.85 -9.59 1.55
C LEU A 64 -0.09 -10.89 1.61
N GLU A 65 -0.77 -11.95 1.23
CA GLU A 65 -0.19 -13.28 1.27
C GLU A 65 0.93 -13.43 0.24
N LYS A 66 0.72 -12.88 -0.95
CA LYS A 66 1.70 -13.01 -2.05
C LYS A 66 2.94 -12.12 -1.85
N ALA A 67 2.71 -10.87 -1.48
CA ALA A 67 3.75 -9.84 -1.36
C ALA A 67 4.87 -10.23 -0.39
N LEU A 68 4.55 -11.07 0.56
CA LEU A 68 5.51 -11.53 1.56
C LEU A 68 6.67 -12.30 0.92
N ASN A 69 6.45 -12.86 -0.25
CA ASN A 69 7.46 -13.68 -0.91
C ASN A 69 7.61 -13.29 -2.37
N LYS A 70 7.29 -12.03 -2.68
CA LYS A 70 7.33 -11.53 -4.07
C LYS A 70 6.45 -12.37 -4.99
N GLY B 1 2.96 -13.21 -15.53
CA GLY B 1 1.98 -12.17 -15.72
C GLY B 1 0.74 -12.44 -14.91
N SER B 2 0.53 -13.69 -14.63
CA SER B 2 -0.59 -14.13 -13.85
C SER B 2 -0.21 -14.06 -12.38
N MET B 3 -0.66 -13.02 -11.72
CA MET B 3 -0.40 -12.87 -10.32
C MET B 3 -1.65 -13.13 -9.53
N GLU B 4 -1.52 -13.94 -8.50
CA GLU B 4 -2.64 -14.23 -7.62
C GLU B 4 -2.96 -12.96 -6.84
N GLY B 5 -1.91 -12.35 -6.35
CA GLY B 5 -2.00 -11.12 -5.63
C GLY B 5 -1.19 -10.07 -6.34
N ILE B 6 0.12 -10.15 -6.18
CA ILE B 6 1.03 -9.26 -6.88
C ILE B 6 2.46 -9.66 -6.51
N SER B 7 3.38 -9.41 -7.40
CA SER B 7 4.77 -9.71 -7.15
C SER B 7 5.48 -8.44 -6.69
N ILE B 8 5.61 -8.26 -5.39
CA ILE B 8 6.31 -7.09 -4.82
C ILE B 8 7.13 -7.54 -3.64
N TYR B 9 7.81 -6.63 -3.01
CA TYR B 9 8.65 -7.01 -1.93
C TYR B 9 8.06 -6.55 -0.61
N THR B 10 8.42 -7.23 0.45
CA THR B 10 7.92 -6.92 1.75
C THR B 10 9.00 -6.23 2.57
N SER B 11 8.60 -5.29 3.38
CA SER B 11 9.51 -4.61 4.26
C SER B 11 8.83 -4.30 5.57
N ASP B 12 9.53 -4.57 6.64
CA ASP B 12 9.04 -4.26 7.97
C ASP B 12 9.29 -2.80 8.25
N ASN B 13 10.42 -2.34 7.76
CA ASN B 13 10.87 -0.98 7.92
C ASN B 13 11.82 -0.62 6.79
N TYR B 14 11.62 0.53 6.16
CA TYR B 14 12.52 0.96 5.10
C TYR B 14 12.77 2.47 5.14
N THR B 15 13.52 2.99 4.19
CA THR B 15 13.78 4.42 4.15
C THR B 15 13.84 4.96 2.67
N GLU B 16 13.38 4.14 1.68
CA GLU B 16 13.36 4.61 0.27
C GLU B 16 12.47 5.84 0.14
N GLU B 17 11.42 5.85 0.92
CA GLU B 17 10.43 6.88 0.95
C GLU B 17 10.02 7.03 2.39
N MET B 18 9.57 8.18 2.76
CA MET B 18 9.11 8.41 4.11
C MET B 18 7.60 8.21 4.16
N GLY B 19 7.02 8.03 3.00
CA GLY B 19 5.61 7.74 2.92
C GLY B 19 4.79 8.95 2.56
N SER B 20 3.73 8.73 1.84
CA SER B 20 2.81 9.78 1.46
C SER B 20 1.38 9.22 1.46
N GLY B 21 0.67 9.46 2.53
CA GLY B 21 -0.66 8.96 2.63
C GLY B 21 -1.41 9.66 3.72
N ASP B 22 -1.68 10.92 3.50
CA ASP B 22 -2.45 11.73 4.45
C ASP B 22 -3.94 11.69 4.12
N TYR B 23 -4.27 10.86 3.16
CA TYR B 23 -5.62 10.74 2.62
C TYR B 23 -6.59 10.22 3.68
N ASP B 24 -7.50 11.10 4.09
CA ASP B 24 -8.46 10.84 5.18
C ASP B 24 -9.59 9.93 4.75
N SER B 25 -9.84 9.90 3.47
CA SER B 25 -10.90 9.09 2.92
C SER B 25 -10.56 7.61 3.03
N MET B 26 -11.07 6.95 4.05
CA MET B 26 -10.82 5.54 4.25
C MET B 26 -12.08 4.76 3.99
N LYS B 27 -12.16 4.21 2.81
CA LYS B 27 -13.29 3.41 2.38
C LYS B 27 -12.92 2.70 1.09
N GLU B 28 -12.39 1.53 1.23
CA GLU B 28 -11.98 0.77 0.10
C GLU B 28 -13.16 0.19 -0.71
N PRO B 29 -12.99 0.02 -2.04
CA PRO B 29 -14.03 -0.48 -2.90
C PRO B 29 -13.87 -1.98 -3.19
N ALA B 30 -13.27 -2.69 -2.23
CA ALA B 30 -13.03 -4.12 -2.29
C ALA B 30 -12.05 -4.51 -3.40
N PHE B 31 -12.56 -4.62 -4.61
CA PHE B 31 -11.77 -5.04 -5.75
C PHE B 31 -12.27 -4.38 -7.02
N ARG B 32 -13.00 -3.28 -6.84
CA ARG B 32 -13.55 -2.50 -7.95
C ARG B 32 -12.44 -2.03 -8.89
N GLU B 33 -12.34 -2.67 -10.04
CA GLU B 33 -11.37 -2.33 -11.05
C GLU B 33 -12.01 -2.46 -12.42
N GLU B 34 -12.16 -3.68 -12.84
CA GLU B 34 -12.68 -4.00 -14.14
C GLU B 34 -14.20 -4.16 -14.05
N ASN B 35 -14.61 -5.15 -13.29
CA ASN B 35 -16.00 -5.47 -13.07
C ASN B 35 -16.04 -6.32 -11.82
N ALA B 36 -17.12 -6.26 -11.07
CA ALA B 36 -17.21 -7.01 -9.82
C ALA B 36 -17.41 -8.51 -10.06
N ASN B 37 -18.16 -8.84 -11.08
CA ASN B 37 -18.44 -10.23 -11.38
C ASN B 37 -17.40 -10.79 -12.32
N PHE B 38 -16.85 -9.89 -13.16
CA PHE B 38 -15.87 -10.23 -14.21
C PHE B 38 -16.50 -11.05 -15.31
N ASN B 39 -16.88 -12.28 -14.98
CA ASN B 39 -17.49 -13.26 -15.88
C ASN B 39 -16.48 -13.79 -16.89
N LYS B 40 -16.33 -15.08 -16.92
CA LYS B 40 -15.40 -15.72 -17.81
C LYS B 40 -16.07 -16.04 -19.14
N GLY A 1 24.74 16.21 16.87
CA GLY A 1 24.45 15.38 18.03
C GLY A 1 23.04 14.83 18.02
N MET A 2 22.67 14.18 16.92
CA MET A 2 21.37 13.56 16.79
C MET A 2 21.51 12.24 16.09
N LYS A 3 20.84 11.23 16.56
CA LYS A 3 20.86 9.94 15.92
C LYS A 3 19.49 9.65 15.34
N PRO A 4 19.36 9.68 14.00
CA PRO A 4 18.12 9.39 13.33
C PRO A 4 17.71 7.95 13.56
N VAL A 5 16.57 7.77 14.20
CA VAL A 5 16.06 6.45 14.48
C VAL A 5 15.94 5.64 13.19
N SER A 6 16.71 4.58 13.13
CA SER A 6 16.78 3.79 11.96
C SER A 6 15.87 2.58 12.04
N LEU A 7 15.79 1.86 10.93
CA LEU A 7 14.95 0.70 10.76
C LEU A 7 13.48 1.15 10.76
N SER A 8 12.87 1.21 11.90
CA SER A 8 11.57 1.74 11.97
C SER A 8 11.64 3.13 12.53
N TYR A 9 11.86 4.05 11.64
CA TYR A 9 11.96 5.46 11.93
C TYR A 9 10.66 5.99 12.51
N ARG A 10 9.57 5.60 11.90
CA ARG A 10 8.24 5.95 12.28
C ARG A 10 7.34 5.35 11.24
N CYS A 11 6.07 5.18 11.52
CA CYS A 11 5.18 4.64 10.53
C CYS A 11 5.09 5.65 9.39
N PRO A 12 5.47 5.26 8.17
CA PRO A 12 5.57 6.18 7.03
C PRO A 12 4.24 6.84 6.65
N CYS A 13 3.16 6.22 6.98
CA CYS A 13 1.90 6.72 6.54
C CYS A 13 0.79 6.30 7.48
N ARG A 14 -0.03 7.25 7.87
CA ARG A 14 -1.15 6.95 8.75
C ARG A 14 -2.46 6.85 7.97
N PHE A 15 -2.62 7.71 6.99
CA PHE A 15 -3.86 7.80 6.24
C PHE A 15 -3.84 6.96 4.98
N PHE A 16 -5.01 6.68 4.45
CA PHE A 16 -5.13 5.81 3.29
C PHE A 16 -6.13 6.36 2.30
N GLU A 17 -6.02 5.91 1.07
CA GLU A 17 -6.97 6.20 0.02
C GLU A 17 -7.98 5.07 -0.07
N SER A 18 -9.20 5.43 -0.37
CA SER A 18 -10.24 4.45 -0.54
C SER A 18 -10.37 4.14 -2.02
N HIS A 19 -10.79 2.93 -2.33
CA HIS A 19 -10.97 2.42 -3.68
C HIS A 19 -9.79 2.65 -4.60
N VAL A 20 -8.78 1.85 -4.38
CA VAL A 20 -7.59 1.90 -5.14
C VAL A 20 -7.51 0.66 -6.00
N ALA A 21 -7.05 0.84 -7.18
CA ALA A 21 -6.98 -0.21 -8.12
C ALA A 21 -5.62 -0.86 -8.15
N ARG A 22 -5.60 -2.16 -8.17
CA ARG A 22 -4.36 -2.91 -8.40
C ARG A 22 -3.81 -2.52 -9.81
N ALA A 23 -4.71 -1.96 -10.62
CA ALA A 23 -4.42 -1.53 -11.96
C ALA A 23 -3.80 -0.13 -12.05
N ASN A 24 -3.96 0.75 -11.04
CA ASN A 24 -3.40 2.10 -11.16
C ASN A 24 -2.06 2.23 -10.49
N VAL A 25 -1.53 1.14 -9.99
CA VAL A 25 -0.23 1.17 -9.33
C VAL A 25 0.79 0.33 -10.12
N LYS A 26 1.99 0.86 -10.37
CA LYS A 26 2.99 0.06 -11.10
C LYS A 26 3.96 -0.59 -10.14
N HIS A 27 4.04 -0.03 -8.96
CA HIS A 27 4.90 -0.53 -7.93
C HIS A 27 4.23 -0.31 -6.60
N LEU A 28 4.29 -1.29 -5.77
CA LEU A 28 3.58 -1.25 -4.53
C LEU A 28 4.53 -1.79 -3.43
N LYS A 29 4.40 -1.29 -2.22
CA LYS A 29 5.19 -1.77 -1.08
C LYS A 29 4.27 -2.15 0.03
N ILE A 30 4.57 -3.24 0.68
CA ILE A 30 3.77 -3.69 1.76
C ILE A 30 4.44 -3.34 3.08
N LEU A 31 3.80 -2.47 3.81
CA LEU A 31 4.32 -2.01 5.06
C LEU A 31 3.82 -2.85 6.17
N ASN A 32 4.42 -3.99 6.30
CA ASN A 32 4.12 -4.92 7.35
C ASN A 32 5.26 -4.85 8.33
N THR A 33 5.18 -3.87 9.18
CA THR A 33 6.21 -3.60 10.14
C THR A 33 5.81 -4.06 11.54
N PRO A 34 6.75 -4.57 12.35
CA PRO A 34 6.44 -4.99 13.72
C PRO A 34 6.23 -3.79 14.65
N ASN A 35 6.85 -2.66 14.29
CA ASN A 35 6.81 -1.43 15.11
C ASN A 35 5.58 -0.57 14.82
N CYS A 36 4.83 -0.94 13.81
CA CYS A 36 3.65 -0.19 13.42
C CYS A 36 2.55 -1.12 12.99
N ALA A 37 1.47 -0.55 12.50
CA ALA A 37 0.40 -1.33 11.92
C ALA A 37 0.79 -1.66 10.48
N LEU A 38 -0.13 -2.14 9.70
CA LEU A 38 0.18 -2.46 8.33
C LEU A 38 -0.33 -1.34 7.41
N GLN A 39 0.58 -0.80 6.59
CA GLN A 39 0.23 0.24 5.61
C GLN A 39 0.44 -0.34 4.22
N ILE A 40 -0.24 0.20 3.26
CA ILE A 40 0.01 -0.16 1.89
C ILE A 40 0.51 1.08 1.20
N VAL A 41 1.75 1.12 0.78
CA VAL A 41 2.25 2.32 0.12
C VAL A 41 2.53 2.00 -1.35
N ALA A 42 1.82 2.65 -2.23
CA ALA A 42 1.88 2.34 -3.64
C ALA A 42 2.24 3.56 -4.48
N ARG A 43 2.76 3.27 -5.64
CA ARG A 43 3.18 4.25 -6.61
C ARG A 43 2.26 4.14 -7.80
N LEU A 44 1.55 5.20 -8.08
CA LEU A 44 0.57 5.20 -9.16
C LEU A 44 1.25 5.20 -10.51
N LYS A 45 0.59 4.59 -11.48
CA LYS A 45 1.12 4.47 -12.84
C LYS A 45 1.13 5.82 -13.55
N ASN A 46 -0.02 6.22 -14.05
CA ASN A 46 -0.13 7.45 -14.82
C ASN A 46 -0.16 8.68 -13.93
N ASN A 47 -0.80 8.58 -12.78
CA ASN A 47 -0.89 9.71 -11.88
C ASN A 47 0.44 9.89 -11.11
N ASN A 48 1.26 8.82 -11.12
CA ASN A 48 2.67 8.81 -10.57
C ASN A 48 2.76 9.08 -9.05
N ARG A 49 1.63 9.27 -8.41
CA ARG A 49 1.64 9.67 -7.01
C ARG A 49 1.98 8.53 -6.09
N GLN A 50 2.64 8.85 -5.00
CA GLN A 50 2.90 7.89 -3.99
C GLN A 50 1.78 8.03 -3.00
N VAL A 51 1.07 6.99 -2.76
CA VAL A 51 -0.08 7.09 -1.91
C VAL A 51 -0.25 5.79 -1.12
N CYS A 52 -1.08 5.85 -0.11
CA CYS A 52 -1.31 4.73 0.72
C CYS A 52 -2.67 4.15 0.44
N ILE A 53 -2.73 2.85 0.39
CA ILE A 53 -3.94 2.12 0.08
C ILE A 53 -4.53 1.53 1.37
N ASP A 54 -5.84 1.44 1.44
CA ASP A 54 -6.53 0.94 2.60
C ASP A 54 -6.54 -0.59 2.60
N PRO A 55 -5.89 -1.22 3.60
CA PRO A 55 -5.71 -2.70 3.65
C PRO A 55 -6.97 -3.50 4.00
N LYS A 56 -8.11 -2.90 3.83
CA LYS A 56 -9.37 -3.55 4.12
C LYS A 56 -9.99 -4.07 2.83
N CYS A 57 -9.41 -3.64 1.73
CA CYS A 57 -9.87 -3.99 0.40
C CYS A 57 -9.83 -5.50 0.07
N LYS A 58 -10.40 -5.83 -1.08
CA LYS A 58 -10.50 -7.19 -1.57
C LYS A 58 -9.21 -7.67 -2.22
N TRP A 59 -8.63 -6.89 -3.12
CA TRP A 59 -7.44 -7.34 -3.83
C TRP A 59 -6.24 -7.38 -2.91
N CYS A 60 -6.21 -6.49 -1.95
CA CYS A 60 -5.11 -6.39 -1.05
C CYS A 60 -5.01 -7.57 -0.13
N GLN A 61 -6.13 -8.16 0.19
CA GLN A 61 -6.15 -9.31 1.07
C GLN A 61 -5.27 -10.44 0.49
N GLU A 62 -5.34 -10.61 -0.81
CA GLU A 62 -4.52 -11.59 -1.49
C GLU A 62 -3.07 -11.10 -1.62
N TYR A 63 -2.90 -9.79 -1.82
CA TYR A 63 -1.57 -9.19 -1.94
C TYR A 63 -0.79 -9.31 -0.64
N LEU A 64 -1.51 -9.20 0.48
CA LEU A 64 -0.94 -9.26 1.83
C LEU A 64 -0.16 -10.54 2.06
N GLU A 65 -0.69 -11.61 1.58
CA GLU A 65 -0.06 -12.90 1.74
C GLU A 65 1.13 -13.06 0.79
N LYS A 66 0.91 -12.73 -0.47
CA LYS A 66 1.91 -12.92 -1.51
C LYS A 66 3.14 -12.03 -1.33
N ALA A 67 2.91 -10.77 -1.04
CA ALA A 67 3.98 -9.76 -0.91
C ALA A 67 5.02 -10.11 0.15
N LEU A 68 4.65 -10.91 1.12
CA LEU A 68 5.58 -11.31 2.16
C LEU A 68 6.65 -12.28 1.63
N ASN A 69 6.46 -12.73 0.41
CA ASN A 69 7.39 -13.63 -0.24
C ASN A 69 8.21 -12.86 -1.26
N LYS A 70 7.90 -11.54 -1.37
CA LYS A 70 8.55 -10.65 -2.32
C LYS A 70 8.39 -11.14 -3.76
N GLY B 1 0.28 -6.23 -18.95
CA GLY B 1 0.33 -7.33 -18.02
C GLY B 1 -0.29 -6.98 -16.69
N SER B 2 -1.06 -7.87 -16.16
CA SER B 2 -1.64 -7.67 -14.85
C SER B 2 -0.75 -8.33 -13.81
N MET B 3 -0.03 -9.40 -14.25
CA MET B 3 0.84 -10.24 -13.41
C MET B 3 -0.01 -11.07 -12.44
N GLU B 4 0.36 -12.32 -12.20
CA GLU B 4 -0.48 -13.21 -11.38
C GLU B 4 -0.54 -12.73 -9.93
N GLY B 5 0.60 -12.39 -9.40
CA GLY B 5 0.67 -11.88 -8.07
C GLY B 5 1.53 -10.67 -8.07
N ILE B 6 1.11 -9.63 -7.34
CA ILE B 6 1.83 -8.34 -7.35
C ILE B 6 3.30 -8.55 -6.93
N SER B 7 3.51 -9.54 -6.02
CA SER B 7 4.82 -9.97 -5.53
C SER B 7 5.50 -8.92 -4.66
N ILE B 8 5.95 -7.82 -5.28
CA ILE B 8 6.60 -6.68 -4.63
C ILE B 8 7.64 -7.10 -3.60
N TYR B 9 7.77 -6.34 -2.56
CA TYR B 9 8.69 -6.61 -1.51
C TYR B 9 8.21 -5.91 -0.25
N THR B 10 8.67 -6.34 0.88
CA THR B 10 8.37 -5.69 2.10
C THR B 10 9.65 -5.11 2.68
N SER B 11 9.62 -3.87 3.05
CA SER B 11 10.75 -3.26 3.66
C SER B 11 10.39 -2.80 5.07
N ASP B 12 11.15 -3.30 6.02
CA ASP B 12 10.98 -2.95 7.43
C ASP B 12 11.65 -1.62 7.72
N ASN B 13 12.50 -1.20 6.80
CA ASN B 13 13.24 0.03 6.96
C ASN B 13 13.33 0.75 5.63
N TYR B 14 13.30 2.06 5.69
CA TYR B 14 13.44 2.89 4.51
C TYR B 14 14.37 4.03 4.79
N THR B 15 14.65 4.78 3.76
CA THR B 15 15.50 5.95 3.87
C THR B 15 14.94 7.10 3.02
N GLU B 16 14.70 6.81 1.76
CA GLU B 16 14.18 7.78 0.82
C GLU B 16 12.69 7.99 1.04
N GLU B 17 11.98 6.91 1.18
CA GLU B 17 10.55 6.96 1.33
C GLU B 17 10.18 7.16 2.78
N MET B 18 9.58 8.29 3.06
CA MET B 18 9.13 8.57 4.40
C MET B 18 7.63 8.44 4.47
N GLY B 19 7.01 8.24 3.31
CA GLY B 19 5.59 8.07 3.22
C GLY B 19 4.88 9.34 2.84
N SER B 20 3.69 9.21 2.30
CA SER B 20 2.86 10.34 1.91
C SER B 20 1.40 9.91 1.74
N GLY B 21 0.60 10.18 2.74
CA GLY B 21 -0.79 9.85 2.70
C GLY B 21 -1.60 10.91 3.39
N ASP B 22 -2.04 11.89 2.65
CA ASP B 22 -2.81 13.01 3.19
C ASP B 22 -4.31 12.74 3.16
N TYR B 23 -4.67 11.75 2.39
CA TYR B 23 -6.06 11.46 2.14
C TYR B 23 -6.73 10.83 3.36
N ASP B 24 -7.75 11.50 3.89
CA ASP B 24 -8.47 11.05 5.08
C ASP B 24 -9.51 9.99 4.72
N SER B 25 -9.91 10.01 3.46
CA SER B 25 -10.88 9.08 2.96
C SER B 25 -10.31 7.66 2.92
N MET B 26 -10.64 6.87 3.90
CA MET B 26 -10.12 5.53 4.02
C MET B 26 -11.28 4.56 4.12
N LYS B 27 -10.94 3.29 4.29
CA LYS B 27 -11.90 2.20 4.37
C LYS B 27 -12.53 1.94 3.00
N GLU B 28 -11.97 0.98 2.31
CA GLU B 28 -12.43 0.62 0.99
C GLU B 28 -13.45 -0.52 1.11
N PRO B 29 -14.56 -0.44 0.34
CA PRO B 29 -15.56 -1.53 0.30
C PRO B 29 -14.92 -2.81 -0.26
N ALA B 30 -15.39 -3.95 0.20
CA ALA B 30 -14.83 -5.21 -0.22
C ALA B 30 -15.24 -5.56 -1.63
N PHE B 31 -16.52 -5.53 -1.92
CA PHE B 31 -16.97 -5.92 -3.24
C PHE B 31 -18.27 -5.20 -3.61
N ARG B 32 -19.38 -5.63 -3.00
CA ARG B 32 -20.74 -5.16 -3.33
C ARG B 32 -21.09 -5.45 -4.78
N GLU B 33 -20.67 -4.61 -5.69
CA GLU B 33 -20.89 -4.82 -7.11
C GLU B 33 -19.67 -4.22 -7.85
N GLU B 34 -18.74 -3.73 -7.06
CA GLU B 34 -17.56 -3.06 -7.55
C GLU B 34 -16.43 -4.04 -7.75
N ASN B 35 -16.53 -5.20 -7.06
CA ASN B 35 -15.50 -6.27 -7.05
C ASN B 35 -14.30 -5.85 -6.20
N ALA B 36 -13.75 -4.75 -6.60
CA ALA B 36 -12.62 -4.05 -6.02
C ALA B 36 -12.30 -3.01 -7.06
N ASN B 37 -12.13 -3.54 -8.26
CA ASN B 37 -11.96 -2.84 -9.51
C ASN B 37 -11.72 -3.93 -10.54
N PHE B 38 -12.41 -3.85 -11.68
CA PHE B 38 -12.33 -4.88 -12.73
C PHE B 38 -10.91 -5.06 -13.27
N ASN B 39 -10.04 -4.09 -12.96
CA ASN B 39 -8.62 -4.08 -13.33
C ASN B 39 -8.45 -3.82 -14.81
N LYS B 40 -7.89 -2.69 -15.11
CA LYS B 40 -7.69 -2.27 -16.46
C LYS B 40 -6.21 -2.13 -16.77
N GLY A 1 26.61 14.49 14.88
CA GLY A 1 25.78 14.27 13.69
C GLY A 1 24.59 13.44 14.05
N MET A 2 23.60 13.42 13.19
CA MET A 2 22.40 12.67 13.45
C MET A 2 21.87 12.12 12.16
N LYS A 3 21.29 10.95 12.21
CA LYS A 3 20.74 10.31 11.04
C LYS A 3 19.27 10.04 11.28
N PRO A 4 18.48 9.86 10.22
CA PRO A 4 17.16 9.29 10.35
C PRO A 4 17.38 7.83 10.75
N VAL A 5 16.77 7.42 11.85
CA VAL A 5 17.01 6.11 12.42
C VAL A 5 16.80 4.99 11.41
N SER A 6 15.74 5.13 10.58
CA SER A 6 15.40 4.14 9.57
C SER A 6 15.13 2.79 10.28
N LEU A 7 14.18 2.85 11.20
CA LEU A 7 13.70 1.76 12.00
C LEU A 7 12.57 2.33 12.82
N SER A 8 12.93 3.19 13.73
CA SER A 8 11.97 3.97 14.43
C SER A 8 11.93 5.32 13.73
N TYR A 9 11.00 5.46 12.83
CA TYR A 9 10.90 6.64 11.99
C TYR A 9 9.44 7.01 11.81
N ARG A 10 8.62 6.53 12.74
CA ARG A 10 7.16 6.74 12.75
C ARG A 10 6.48 5.89 11.68
N CYS A 11 5.17 5.93 11.68
CA CYS A 11 4.40 5.20 10.70
C CYS A 11 4.27 6.05 9.43
N PRO A 12 4.86 5.60 8.30
CA PRO A 12 4.83 6.35 7.02
C PRO A 12 3.42 6.57 6.46
N CYS A 13 2.48 5.78 6.91
CA CYS A 13 1.13 5.93 6.48
C CYS A 13 0.20 5.94 7.67
N ARG A 14 -0.33 7.10 7.98
CA ARG A 14 -1.34 7.19 8.99
C ARG A 14 -2.67 7.09 8.33
N PHE A 15 -2.84 7.87 7.29
CA PHE A 15 -4.02 7.86 6.53
C PHE A 15 -3.89 6.92 5.35
N PHE A 16 -5.01 6.51 4.83
CA PHE A 16 -5.06 5.60 3.72
C PHE A 16 -6.09 6.07 2.75
N GLU A 17 -5.95 5.70 1.52
CA GLU A 17 -6.84 6.08 0.50
C GLU A 17 -7.98 5.07 0.44
N SER A 18 -9.16 5.58 0.34
CA SER A 18 -10.39 4.84 0.31
C SER A 18 -10.48 3.75 -0.77
N HIS A 19 -9.97 4.02 -1.97
CA HIS A 19 -10.20 3.08 -3.06
C HIS A 19 -9.13 3.07 -4.13
N VAL A 20 -8.10 2.31 -3.91
CA VAL A 20 -7.03 2.17 -4.87
C VAL A 20 -7.21 0.86 -5.65
N ALA A 21 -6.92 0.92 -6.91
CA ALA A 21 -7.01 -0.21 -7.80
C ALA A 21 -5.61 -0.71 -8.14
N ARG A 22 -5.42 -2.03 -8.12
CA ARG A 22 -4.16 -2.63 -8.56
C ARG A 22 -3.86 -2.21 -10.00
N ALA A 23 -4.92 -2.02 -10.76
CA ALA A 23 -4.83 -1.59 -12.14
C ALA A 23 -4.14 -0.23 -12.30
N ASN A 24 -4.19 0.64 -11.28
CA ASN A 24 -3.59 1.96 -11.43
C ASN A 24 -2.24 2.10 -10.74
N VAL A 25 -1.75 1.05 -10.12
CA VAL A 25 -0.46 1.13 -9.44
C VAL A 25 0.58 0.19 -10.08
N LYS A 26 1.79 0.70 -10.35
CA LYS A 26 2.80 -0.16 -10.99
C LYS A 26 3.68 -0.81 -9.93
N HIS A 27 4.10 -0.03 -8.97
CA HIS A 27 5.00 -0.48 -7.94
C HIS A 27 4.30 -0.34 -6.63
N LEU A 28 4.45 -1.31 -5.81
CA LEU A 28 3.75 -1.33 -4.56
C LEU A 28 4.77 -1.83 -3.52
N LYS A 29 4.53 -1.60 -2.27
CA LYS A 29 5.37 -2.12 -1.21
C LYS A 29 4.49 -2.60 -0.09
N ILE A 30 4.96 -3.54 0.65
CA ILE A 30 4.21 -4.01 1.77
C ILE A 30 4.80 -3.33 2.96
N LEU A 31 4.06 -2.51 3.60
CA LEU A 31 4.58 -1.85 4.73
C LEU A 31 4.22 -2.63 5.97
N ASN A 32 4.83 -3.79 6.08
CA ASN A 32 4.61 -4.66 7.19
C ASN A 32 5.65 -4.42 8.25
N THR A 33 5.40 -3.40 8.99
CA THR A 33 6.30 -2.93 9.97
C THR A 33 6.02 -3.52 11.34
N PRO A 34 6.99 -4.24 11.92
CA PRO A 34 6.92 -4.64 13.33
C PRO A 34 6.92 -3.39 14.24
N ASN A 35 7.41 -2.29 13.68
CA ASN A 35 7.50 -1.01 14.38
C ASN A 35 6.18 -0.22 14.36
N CYS A 36 5.19 -0.75 13.68
CA CYS A 36 3.89 -0.10 13.57
C CYS A 36 2.85 -1.19 13.17
N ALA A 37 1.74 -0.81 12.58
CA ALA A 37 0.75 -1.78 12.10
C ALA A 37 1.08 -2.20 10.66
N LEU A 38 0.11 -2.82 10.00
CA LEU A 38 0.27 -3.25 8.63
C LEU A 38 -0.29 -2.13 7.72
N GLN A 39 0.59 -1.54 6.93
CA GLN A 39 0.27 -0.44 6.02
C GLN A 39 0.45 -0.90 4.57
N ILE A 40 -0.25 -0.26 3.66
CA ILE A 40 -0.11 -0.59 2.25
C ILE A 40 0.41 0.65 1.52
N VAL A 41 1.47 0.52 0.73
CA VAL A 41 2.04 1.68 0.02
C VAL A 41 2.13 1.38 -1.48
N ALA A 42 1.56 2.24 -2.31
CA ALA A 42 1.58 2.00 -3.74
C ALA A 42 1.90 3.24 -4.56
N ARG A 43 2.46 3.01 -5.74
CA ARG A 43 2.81 4.02 -6.71
C ARG A 43 1.92 3.92 -7.93
N LEU A 44 1.19 4.97 -8.19
CA LEU A 44 0.29 5.09 -9.30
C LEU A 44 1.11 5.13 -10.59
N LYS A 45 0.61 4.44 -11.61
CA LYS A 45 1.30 4.26 -12.88
C LYS A 45 1.67 5.56 -13.64
N ASN A 46 0.77 6.04 -14.49
CA ASN A 46 1.09 7.15 -15.42
C ASN A 46 1.33 8.48 -14.72
N ASN A 47 0.67 8.71 -13.61
CA ASN A 47 0.75 10.01 -12.96
C ASN A 47 1.92 10.05 -12.00
N ASN A 48 2.24 8.89 -11.47
CA ASN A 48 3.26 8.69 -10.42
C ASN A 48 2.91 9.44 -9.17
N ARG A 49 2.20 8.78 -8.39
CA ARG A 49 1.79 9.20 -7.07
C ARG A 49 1.91 8.08 -6.16
N GLN A 50 2.32 8.34 -5.01
CA GLN A 50 2.42 7.34 -4.05
C GLN A 50 1.35 7.59 -3.04
N VAL A 51 0.64 6.56 -2.71
CA VAL A 51 -0.45 6.67 -1.81
C VAL A 51 -0.53 5.41 -0.97
N CYS A 52 -1.16 5.51 0.16
CA CYS A 52 -1.28 4.40 1.04
C CYS A 52 -2.68 3.84 0.88
N ILE A 53 -2.79 2.56 0.66
CA ILE A 53 -4.06 1.93 0.37
C ILE A 53 -4.71 1.44 1.67
N ASP A 54 -6.03 1.53 1.77
CA ASP A 54 -6.73 1.14 2.99
C ASP A 54 -6.81 -0.39 3.05
N PRO A 55 -6.09 -1.00 4.01
CA PRO A 55 -5.79 -2.45 4.05
C PRO A 55 -6.96 -3.43 4.21
N LYS A 56 -8.20 -2.98 4.15
CA LYS A 56 -9.29 -3.95 4.30
C LYS A 56 -9.78 -4.37 2.94
N CYS A 57 -9.40 -3.62 1.93
CA CYS A 57 -9.88 -3.83 0.56
C CYS A 57 -9.67 -5.26 0.03
N LYS A 58 -10.58 -5.68 -0.85
CA LYS A 58 -10.59 -7.02 -1.41
C LYS A 58 -9.24 -7.47 -1.99
N TRP A 59 -8.62 -6.64 -2.82
CA TRP A 59 -7.41 -7.07 -3.48
C TRP A 59 -6.20 -6.92 -2.59
N CYS A 60 -6.28 -6.02 -1.62
CA CYS A 60 -5.14 -5.81 -0.79
C CYS A 60 -4.86 -6.98 0.15
N GLN A 61 -5.91 -7.63 0.61
CA GLN A 61 -5.74 -8.83 1.40
C GLN A 61 -5.14 -9.95 0.55
N GLU A 62 -5.47 -9.94 -0.73
CA GLU A 62 -4.94 -10.91 -1.67
C GLU A 62 -3.45 -10.64 -1.93
N TYR A 63 -3.12 -9.38 -2.22
CA TYR A 63 -1.73 -9.03 -2.55
C TYR A 63 -0.80 -9.32 -1.38
N LEU A 64 -1.27 -9.05 -0.15
CA LEU A 64 -0.48 -9.24 1.07
C LEU A 64 0.10 -10.62 1.18
N GLU A 65 -0.73 -11.62 1.01
CA GLU A 65 -0.32 -13.00 1.12
C GLU A 65 0.75 -13.37 0.06
N LYS A 66 0.53 -12.95 -1.16
CA LYS A 66 1.43 -13.29 -2.28
C LYS A 66 2.73 -12.47 -2.26
N ALA A 67 2.61 -11.22 -1.92
CA ALA A 67 3.72 -10.26 -1.94
C ALA A 67 4.75 -10.53 -0.85
N LEU A 68 4.37 -11.22 0.22
CA LEU A 68 5.28 -11.55 1.33
C LEU A 68 6.52 -12.31 0.84
N ASN A 69 6.45 -12.84 -0.34
CA ASN A 69 7.53 -13.59 -0.91
C ASN A 69 8.12 -12.86 -2.10
N LYS A 70 7.94 -11.51 -2.15
CA LYS A 70 8.39 -10.70 -3.28
C LYS A 70 7.76 -11.17 -4.59
N GLY B 1 -4.76 -8.12 -16.68
CA GLY B 1 -4.16 -9.29 -16.12
C GLY B 1 -5.10 -9.93 -15.13
N SER B 2 -4.85 -11.19 -14.80
CA SER B 2 -5.72 -11.91 -13.90
C SER B 2 -5.53 -11.46 -12.45
N MET B 3 -4.38 -10.84 -12.19
CA MET B 3 -4.00 -10.31 -10.87
C MET B 3 -3.96 -11.39 -9.80
N GLU B 4 -2.86 -12.10 -9.77
CA GLU B 4 -2.68 -13.20 -8.84
C GLU B 4 -1.74 -12.78 -7.73
N GLY B 5 -0.54 -12.41 -8.11
CA GLY B 5 0.46 -11.98 -7.17
C GLY B 5 1.13 -10.74 -7.65
N ILE B 6 2.00 -10.18 -6.84
CA ILE B 6 2.68 -8.94 -7.19
C ILE B 6 4.14 -9.04 -6.77
N SER B 7 5.06 -8.69 -7.64
CA SER B 7 6.47 -8.76 -7.30
C SER B 7 6.93 -7.46 -6.66
N ILE B 8 6.85 -7.41 -5.36
CA ILE B 8 7.24 -6.25 -4.59
C ILE B 8 8.05 -6.71 -3.41
N TYR B 9 8.10 -5.94 -2.35
CA TYR B 9 8.94 -6.32 -1.25
C TYR B 9 8.34 -5.85 0.08
N THR B 10 8.78 -6.49 1.14
CA THR B 10 8.41 -6.17 2.49
C THR B 10 9.31 -5.03 3.01
N SER B 11 8.72 -3.95 3.45
CA SER B 11 9.48 -2.83 3.91
C SER B 11 9.15 -2.49 5.35
N ASP B 12 10.08 -2.75 6.24
CA ASP B 12 9.94 -2.36 7.64
C ASP B 12 10.32 -0.90 7.83
N ASN B 13 11.33 -0.49 7.15
CA ASN B 13 11.84 0.84 7.31
C ASN B 13 12.17 1.51 6.01
N TYR B 14 11.63 2.69 5.82
CA TYR B 14 11.93 3.51 4.69
C TYR B 14 13.04 4.49 4.91
N THR B 15 13.89 4.55 3.95
CA THR B 15 14.88 5.58 3.84
C THR B 15 14.52 6.38 2.57
N GLU B 16 13.87 5.68 1.62
CA GLU B 16 13.36 6.25 0.36
C GLU B 16 12.29 7.29 0.66
N GLU B 17 11.38 6.92 1.54
CA GLU B 17 10.24 7.73 1.91
C GLU B 17 10.24 8.02 3.39
N MET B 18 9.62 9.09 3.77
CA MET B 18 9.49 9.46 5.17
C MET B 18 8.03 9.31 5.64
N GLY B 19 7.11 9.38 4.69
CA GLY B 19 5.71 9.29 5.00
C GLY B 19 4.87 9.86 3.88
N SER B 20 3.90 9.10 3.43
CA SER B 20 3.08 9.53 2.31
C SER B 20 1.59 9.25 2.58
N GLY B 21 1.25 8.91 3.81
CA GLY B 21 -0.13 8.65 4.14
C GLY B 21 -0.84 9.90 4.56
N ASP B 22 -0.79 10.89 3.70
CA ASP B 22 -1.44 12.18 3.97
C ASP B 22 -2.86 12.18 3.41
N TYR B 23 -3.12 11.22 2.53
CA TYR B 23 -4.43 11.07 1.85
C TYR B 23 -5.52 10.75 2.87
N ASP B 24 -6.25 11.77 3.25
CA ASP B 24 -7.24 11.76 4.34
C ASP B 24 -8.44 10.83 4.13
N SER B 25 -9.02 10.84 2.94
CA SER B 25 -10.21 10.04 2.69
C SER B 25 -9.87 8.55 2.71
N MET B 26 -10.31 7.90 3.77
CA MET B 26 -10.00 6.53 4.07
C MET B 26 -11.29 5.70 3.97
N LYS B 27 -11.23 4.44 4.36
CA LYS B 27 -12.37 3.52 4.41
C LYS B 27 -12.75 3.00 3.05
N GLU B 28 -12.29 1.82 2.76
CA GLU B 28 -12.63 1.12 1.55
C GLU B 28 -14.13 0.78 1.46
N PRO B 29 -14.68 0.68 0.24
CA PRO B 29 -16.06 0.26 0.06
C PRO B 29 -16.25 -1.19 0.54
N ALA B 30 -15.42 -2.09 -0.01
CA ALA B 30 -15.32 -3.52 0.33
C ALA B 30 -14.49 -4.18 -0.74
N PHE B 31 -15.08 -4.27 -1.91
CA PHE B 31 -14.41 -4.84 -3.05
C PHE B 31 -14.20 -3.82 -4.12
N ARG B 32 -15.26 -3.04 -4.43
CA ARG B 32 -15.28 -2.01 -5.50
C ARG B 32 -15.28 -2.69 -6.88
N GLU B 33 -14.38 -3.63 -7.05
CA GLU B 33 -14.25 -4.41 -8.23
C GLU B 33 -15.35 -5.49 -8.27
N GLU B 34 -16.44 -5.15 -8.94
CA GLU B 34 -17.52 -6.10 -9.12
C GLU B 34 -17.08 -7.14 -10.14
N ASN B 35 -16.27 -6.69 -11.06
CA ASN B 35 -15.58 -7.57 -11.95
C ASN B 35 -14.17 -7.64 -11.42
N ALA B 36 -13.91 -8.67 -10.66
CA ALA B 36 -12.64 -8.85 -9.98
C ALA B 36 -11.53 -9.21 -10.95
N ASN B 37 -11.91 -9.66 -12.12
CA ASN B 37 -10.95 -10.08 -13.12
C ASN B 37 -10.74 -8.98 -14.15
N PHE B 38 -9.63 -8.28 -14.03
CA PHE B 38 -9.28 -7.20 -14.93
C PHE B 38 -8.39 -7.70 -16.06
N ASN B 39 -8.53 -8.98 -16.38
CA ASN B 39 -7.73 -9.62 -17.41
C ASN B 39 -8.18 -9.18 -18.78
N LYS B 40 -7.56 -8.15 -19.27
CA LYS B 40 -7.80 -7.61 -20.58
C LYS B 40 -6.77 -6.52 -20.76
N GLY A 1 26.34 16.47 1.41
CA GLY A 1 25.13 15.91 0.83
C GLY A 1 24.18 15.47 1.91
N MET A 2 22.96 15.94 1.85
CA MET A 2 21.99 15.63 2.86
C MET A 2 21.19 14.39 2.50
N LYS A 3 21.73 13.25 2.88
CA LYS A 3 21.04 11.99 2.70
C LYS A 3 20.90 11.35 4.07
N PRO A 4 19.78 11.59 4.74
CA PRO A 4 19.58 11.08 6.08
C PRO A 4 19.30 9.59 6.11
N VAL A 5 20.04 8.87 6.93
CA VAL A 5 19.78 7.47 7.11
C VAL A 5 18.44 7.32 7.82
N SER A 6 17.48 6.87 7.08
CA SER A 6 16.15 6.87 7.55
C SER A 6 15.76 5.58 8.24
N LEU A 7 16.20 5.46 9.48
CA LEU A 7 15.76 4.40 10.33
C LEU A 7 14.64 4.97 11.16
N SER A 8 14.91 6.11 11.76
CA SER A 8 13.92 6.86 12.46
C SER A 8 13.33 7.87 11.48
N TYR A 9 12.19 7.54 10.89
CA TYR A 9 11.56 8.41 9.90
C TYR A 9 10.06 8.43 10.13
N ARG A 10 9.64 7.88 11.29
CA ARG A 10 8.23 7.73 11.69
C ARG A 10 7.56 6.71 10.75
N CYS A 11 6.26 6.63 10.81
CA CYS A 11 5.55 5.81 9.87
C CYS A 11 5.41 6.63 8.60
N PRO A 12 5.48 6.01 7.41
CA PRO A 12 5.35 6.73 6.15
C PRO A 12 3.99 7.41 6.03
N CYS A 13 2.99 6.73 6.48
CA CYS A 13 1.66 7.24 6.45
C CYS A 13 0.93 6.78 7.68
N ARG A 14 -0.01 7.54 8.12
CA ARG A 14 -0.84 7.14 9.22
C ARG A 14 -2.18 6.62 8.71
N PHE A 15 -2.64 7.20 7.61
CA PHE A 15 -3.92 6.85 7.03
C PHE A 15 -3.79 6.42 5.59
N PHE A 16 -4.82 5.77 5.10
CA PHE A 16 -4.78 5.12 3.80
C PHE A 16 -5.88 5.65 2.88
N GLU A 17 -5.70 5.45 1.60
CA GLU A 17 -6.71 5.73 0.60
C GLU A 17 -7.44 4.48 0.21
N SER A 18 -8.69 4.64 -0.07
CA SER A 18 -9.51 3.56 -0.49
C SER A 18 -9.84 3.81 -1.96
N HIS A 19 -10.67 2.95 -2.57
CA HIS A 19 -11.10 3.10 -3.99
C HIS A 19 -9.89 2.92 -4.93
N VAL A 20 -8.81 2.39 -4.40
CA VAL A 20 -7.57 2.25 -5.14
C VAL A 20 -7.55 0.98 -5.96
N ALA A 21 -7.29 1.14 -7.20
CA ALA A 21 -7.20 0.04 -8.13
C ALA A 21 -5.76 -0.42 -8.18
N ARG A 22 -5.56 -1.73 -8.13
CA ARG A 22 -4.22 -2.31 -8.20
C ARG A 22 -3.58 -2.04 -9.57
N ALA A 23 -4.39 -1.98 -10.59
CA ALA A 23 -3.92 -1.73 -11.95
C ALA A 23 -3.54 -0.27 -12.12
N ASN A 24 -3.79 0.53 -11.11
CA ASN A 24 -3.48 1.94 -11.13
C ASN A 24 -2.10 2.19 -10.53
N VAL A 25 -1.51 1.16 -9.94
CA VAL A 25 -0.19 1.30 -9.33
C VAL A 25 0.86 0.53 -10.15
N LYS A 26 2.06 1.11 -10.31
CA LYS A 26 3.11 0.40 -11.08
C LYS A 26 4.00 -0.40 -10.15
N HIS A 27 4.11 0.03 -8.91
CA HIS A 27 4.95 -0.62 -7.94
C HIS A 27 4.27 -0.53 -6.59
N LEU A 28 4.25 -1.62 -5.87
CA LEU A 28 3.55 -1.72 -4.61
C LEU A 28 4.56 -2.29 -3.58
N LYS A 29 4.46 -1.85 -2.34
CA LYS A 29 5.34 -2.31 -1.25
C LYS A 29 4.51 -2.66 -0.05
N ILE A 30 5.02 -3.53 0.77
CA ILE A 30 4.35 -3.84 2.01
C ILE A 30 5.06 -3.05 3.09
N LEU A 31 4.32 -2.39 3.90
CA LEU A 31 4.91 -1.77 5.05
C LEU A 31 4.45 -2.63 6.21
N ASN A 32 5.13 -3.73 6.39
CA ASN A 32 4.74 -4.71 7.39
C ASN A 32 5.53 -4.45 8.67
N THR A 33 5.16 -3.41 9.37
CA THR A 33 5.88 -3.05 10.57
C THR A 33 5.14 -3.49 11.82
N PRO A 34 5.78 -4.32 12.64
CA PRO A 34 5.21 -4.76 13.93
C PRO A 34 4.89 -3.58 14.84
N ASN A 35 5.77 -2.61 14.82
CA ASN A 35 5.70 -1.49 15.75
C ASN A 35 4.67 -0.46 15.33
N CYS A 36 4.50 -0.29 14.03
CA CYS A 36 3.54 0.69 13.56
C CYS A 36 2.26 -0.03 13.12
N ALA A 37 2.15 -0.33 11.84
CA ALA A 37 1.02 -1.04 11.31
C ALA A 37 1.45 -1.76 10.06
N LEU A 38 0.57 -2.54 9.49
CA LEU A 38 0.84 -3.10 8.20
C LEU A 38 0.15 -2.16 7.24
N GLN A 39 0.92 -1.49 6.44
CA GLN A 39 0.41 -0.49 5.55
C GLN A 39 0.69 -0.91 4.15
N ILE A 40 -0.12 -0.49 3.25
CA ILE A 40 0.09 -0.85 1.87
C ILE A 40 0.62 0.37 1.17
N VAL A 41 1.84 0.35 0.75
CA VAL A 41 2.43 1.53 0.13
C VAL A 41 2.55 1.30 -1.34
N ALA A 42 1.88 2.08 -2.12
CA ALA A 42 1.92 1.90 -3.52
C ALA A 42 2.20 3.19 -4.24
N ARG A 43 2.74 3.05 -5.40
CA ARG A 43 3.05 4.15 -6.25
C ARG A 43 2.15 4.08 -7.47
N LEU A 44 1.39 5.12 -7.74
CA LEU A 44 0.45 5.10 -8.86
C LEU A 44 1.22 5.20 -10.16
N LYS A 45 0.60 4.76 -11.22
CA LYS A 45 1.21 4.77 -12.53
C LYS A 45 1.34 6.19 -13.10
N ASN A 46 0.26 6.71 -13.64
CA ASN A 46 0.30 8.00 -14.33
C ASN A 46 0.31 9.17 -13.35
N ASN A 47 -0.35 8.98 -12.22
CA ASN A 47 -0.38 9.99 -11.16
C ASN A 47 1.00 10.00 -10.51
N ASN A 48 1.61 8.81 -10.46
CA ASN A 48 3.00 8.58 -9.98
C ASN A 48 3.15 8.85 -8.47
N ARG A 49 2.04 9.07 -7.80
CA ARG A 49 2.08 9.42 -6.37
C ARG A 49 2.23 8.19 -5.54
N GLN A 50 2.72 8.39 -4.37
CA GLN A 50 2.77 7.37 -3.41
C GLN A 50 1.50 7.48 -2.63
N VAL A 51 0.87 6.39 -2.39
CA VAL A 51 -0.27 6.39 -1.55
C VAL A 51 -0.33 5.11 -0.79
N CYS A 52 -0.81 5.18 0.39
CA CYS A 52 -1.05 4.03 1.16
C CYS A 52 -2.44 3.57 0.93
N ILE A 53 -2.58 2.34 0.57
CA ILE A 53 -3.86 1.77 0.24
C ILE A 53 -4.42 1.17 1.52
N ASP A 54 -5.71 1.26 1.71
CA ASP A 54 -6.34 0.73 2.90
C ASP A 54 -6.37 -0.80 2.85
N PRO A 55 -5.75 -1.46 3.84
CA PRO A 55 -5.59 -2.93 3.84
C PRO A 55 -6.88 -3.71 4.12
N LYS A 56 -8.01 -3.02 4.16
CA LYS A 56 -9.28 -3.70 4.36
C LYS A 56 -9.89 -3.99 3.01
N CYS A 57 -9.26 -3.47 1.98
CA CYS A 57 -9.74 -3.61 0.61
C CYS A 57 -9.88 -5.07 0.13
N LYS A 58 -10.52 -5.25 -1.01
CA LYS A 58 -10.82 -6.58 -1.50
C LYS A 58 -9.62 -7.25 -2.18
N TRP A 59 -8.96 -6.53 -3.07
CA TRP A 59 -7.86 -7.13 -3.83
C TRP A 59 -6.62 -7.30 -2.96
N CYS A 60 -6.52 -6.50 -1.93
CA CYS A 60 -5.37 -6.56 -1.07
C CYS A 60 -5.28 -7.83 -0.28
N GLN A 61 -6.42 -8.43 0.06
CA GLN A 61 -6.42 -9.70 0.78
C GLN A 61 -5.73 -10.78 -0.05
N GLU A 62 -5.91 -10.72 -1.37
CA GLU A 62 -5.21 -11.63 -2.26
C GLU A 62 -3.76 -11.24 -2.33
N TYR A 63 -3.52 -9.95 -2.53
CA TYR A 63 -2.19 -9.44 -2.66
C TYR A 63 -1.31 -9.77 -1.44
N LEU A 64 -1.88 -9.64 -0.24
CA LEU A 64 -1.17 -9.87 1.02
C LEU A 64 -0.52 -11.23 1.09
N GLU A 65 -1.24 -12.26 0.69
CA GLU A 65 -0.71 -13.63 0.68
C GLU A 65 0.52 -13.73 -0.23
N LYS A 66 0.39 -13.19 -1.42
CA LYS A 66 1.43 -13.25 -2.45
C LYS A 66 2.58 -12.27 -2.16
N ALA A 67 2.29 -11.28 -1.37
CA ALA A 67 3.26 -10.25 -1.00
C ALA A 67 4.21 -10.71 0.04
N LEU A 68 3.75 -11.59 0.91
CA LEU A 68 4.57 -12.13 2.01
C LEU A 68 5.74 -12.99 1.49
N ASN A 69 5.91 -13.01 0.19
CA ASN A 69 7.00 -13.69 -0.45
C ASN A 69 8.30 -12.92 -0.25
N LYS A 70 8.24 -11.56 -0.27
CA LYS A 70 9.44 -10.77 -0.06
C LYS A 70 9.19 -9.74 1.03
N GLY B 1 0.91 -7.38 -14.38
CA GLY B 1 -0.15 -8.00 -13.61
C GLY B 1 0.37 -9.04 -12.65
N SER B 2 0.10 -10.30 -12.96
CA SER B 2 0.54 -11.46 -12.17
C SER B 2 -0.20 -11.54 -10.81
N MET B 3 -1.21 -12.39 -10.74
CA MET B 3 -1.96 -12.58 -9.51
C MET B 3 -1.25 -13.55 -8.59
N GLU B 4 -0.43 -14.40 -9.17
CA GLU B 4 0.31 -15.38 -8.43
C GLU B 4 1.61 -14.79 -7.97
N GLY B 5 2.46 -14.49 -8.91
CA GLY B 5 3.74 -13.95 -8.60
C GLY B 5 3.71 -12.46 -8.50
N ILE B 6 3.00 -11.92 -7.52
CA ILE B 6 3.04 -10.49 -7.28
C ILE B 6 4.42 -10.24 -6.72
N SER B 7 4.66 -10.89 -5.57
CA SER B 7 5.91 -10.91 -4.86
C SER B 7 6.57 -9.53 -4.79
N ILE B 8 6.09 -8.73 -3.87
CA ILE B 8 6.66 -7.44 -3.65
C ILE B 8 7.43 -7.50 -2.37
N TYR B 9 8.11 -6.47 -2.02
CA TYR B 9 8.95 -6.53 -0.86
C TYR B 9 8.32 -5.73 0.29
N THR B 10 8.73 -6.05 1.50
CA THR B 10 8.30 -5.32 2.64
C THR B 10 9.47 -4.48 3.11
N SER B 11 9.24 -3.22 3.35
CA SER B 11 10.30 -2.35 3.75
C SER B 11 10.26 -2.15 5.25
N ASP B 12 11.35 -2.45 5.92
CA ASP B 12 11.45 -2.27 7.36
C ASP B 12 11.63 -0.80 7.65
N ASN B 13 12.50 -0.16 6.90
CA ASN B 13 12.71 1.27 7.04
C ASN B 13 12.86 1.91 5.67
N TYR B 14 11.99 2.83 5.37
CA TYR B 14 12.05 3.56 4.12
C TYR B 14 13.10 4.63 4.09
N THR B 15 13.96 4.53 3.12
CA THR B 15 14.93 5.55 2.84
C THR B 15 14.53 6.24 1.55
N GLU B 16 13.94 5.46 0.65
CA GLU B 16 13.42 5.93 -0.63
C GLU B 16 12.19 6.80 -0.39
N GLU B 17 11.38 6.38 0.54
CA GLU B 17 10.10 6.98 0.79
C GLU B 17 10.03 7.57 2.20
N MET B 18 9.41 8.72 2.33
CA MET B 18 9.13 9.25 3.67
C MET B 18 7.65 9.17 3.96
N GLY B 19 6.86 9.13 2.89
CA GLY B 19 5.44 9.01 3.00
C GLY B 19 4.74 10.33 2.88
N SER B 20 4.17 10.77 4.00
CA SER B 20 3.41 12.01 4.15
C SER B 20 2.09 12.01 3.33
N GLY B 21 0.98 12.04 4.05
CA GLY B 21 -0.33 11.95 3.45
C GLY B 21 -0.75 13.19 2.68
N ASP B 22 -0.34 13.24 1.43
CA ASP B 22 -0.72 14.31 0.50
C ASP B 22 -2.20 14.15 0.15
N TYR B 23 -2.62 12.91 0.15
CA TYR B 23 -3.98 12.49 -0.14
C TYR B 23 -4.93 12.68 1.05
N ASP B 24 -6.21 12.51 0.76
CA ASP B 24 -7.33 12.77 1.70
C ASP B 24 -7.28 11.95 2.96
N SER B 25 -6.86 10.70 2.82
CA SER B 25 -6.74 9.75 3.91
C SER B 25 -8.12 9.18 4.29
N MET B 26 -8.64 8.42 3.37
CA MET B 26 -9.96 7.78 3.41
C MET B 26 -10.12 6.75 4.56
N LYS B 27 -9.18 5.78 4.61
CA LYS B 27 -9.11 4.63 5.59
C LYS B 27 -10.36 3.72 5.63
N GLU B 28 -11.11 3.71 4.56
CA GLU B 28 -12.32 2.87 4.46
C GLU B 28 -12.01 1.58 3.72
N PRO B 29 -12.76 0.49 3.99
CA PRO B 29 -12.65 -0.72 3.18
C PRO B 29 -13.08 -0.35 1.76
N ALA B 30 -12.30 -0.75 0.76
CA ALA B 30 -12.59 -0.35 -0.61
C ALA B 30 -13.69 -1.17 -1.25
N PHE B 31 -14.87 -0.95 -0.71
CA PHE B 31 -16.11 -1.59 -1.07
C PHE B 31 -17.18 -1.13 -0.08
N ARG B 32 -16.71 -0.80 1.14
CA ARG B 32 -17.55 -0.34 2.27
C ARG B 32 -18.42 -1.47 2.82
N GLU B 33 -19.29 -1.98 1.99
CA GLU B 33 -20.14 -3.10 2.32
C GLU B 33 -20.01 -4.09 1.19
N GLU B 34 -20.83 -5.12 1.21
CA GLU B 34 -20.79 -6.11 0.15
C GLU B 34 -21.33 -5.51 -1.14
N ASN B 35 -20.45 -4.93 -1.92
CA ASN B 35 -20.81 -4.28 -3.15
C ASN B 35 -19.74 -4.57 -4.19
N ALA B 36 -20.07 -5.47 -5.06
CA ALA B 36 -19.23 -5.83 -6.18
C ALA B 36 -20.11 -5.99 -7.38
N ASN B 37 -21.18 -6.72 -7.17
CA ASN B 37 -22.23 -6.85 -8.12
C ASN B 37 -23.51 -6.61 -7.37
N PHE B 38 -23.88 -5.36 -7.27
CA PHE B 38 -25.01 -5.01 -6.47
C PHE B 38 -25.94 -4.10 -7.24
N ASN B 39 -26.98 -4.69 -7.76
CA ASN B 39 -28.02 -3.95 -8.47
C ASN B 39 -29.34 -4.25 -7.82
N LYS B 40 -29.57 -5.51 -7.55
CA LYS B 40 -30.80 -5.98 -7.00
C LYS B 40 -30.56 -6.87 -5.80
#